data_5QXS
# 
_entry.id   5QXS 
# 
_audit_conform.dict_name       mmcif_pdbx.dic 
_audit_conform.dict_version    5.387 
_audit_conform.dict_location   http://mmcif.pdb.org/dictionaries/ascii/mmcif_pdbx.dic 
# 
loop_
_database_2.database_id 
_database_2.database_code 
_database_2.pdbx_database_accession 
_database_2.pdbx_DOI 
PDB   5QXS         pdb_00005qxs 10.2210/pdb5qxs/pdb 
WWPDB D_1001402454 ?            ?                   
# 
loop_
_pdbx_audit_revision_history.ordinal 
_pdbx_audit_revision_history.data_content_type 
_pdbx_audit_revision_history.major_revision 
_pdbx_audit_revision_history.minor_revision 
_pdbx_audit_revision_history.revision_date 
1 'Structure model' 1 0 2020-04-08 
2 'Structure model' 1 1 2024-03-06 
# 
_pdbx_audit_revision_details.ordinal             1 
_pdbx_audit_revision_details.revision_ordinal    1 
_pdbx_audit_revision_details.data_content_type   'Structure model' 
_pdbx_audit_revision_details.provider            repository 
_pdbx_audit_revision_details.type                'Initial release' 
_pdbx_audit_revision_details.description         ? 
_pdbx_audit_revision_details.details             ? 
# 
loop_
_pdbx_audit_revision_group.ordinal 
_pdbx_audit_revision_group.revision_ordinal 
_pdbx_audit_revision_group.data_content_type 
_pdbx_audit_revision_group.group 
1 2 'Structure model' 'Data collection'     
2 2 'Structure model' 'Database references' 
# 
loop_
_pdbx_audit_revision_category.ordinal 
_pdbx_audit_revision_category.revision_ordinal 
_pdbx_audit_revision_category.data_content_type 
_pdbx_audit_revision_category.category 
1 2 'Structure model' chem_comp_atom 
2 2 'Structure model' chem_comp_bond 
3 2 'Structure model' database_2     
# 
loop_
_pdbx_audit_revision_item.ordinal 
_pdbx_audit_revision_item.revision_ordinal 
_pdbx_audit_revision_item.data_content_type 
_pdbx_audit_revision_item.item 
1 2 'Structure model' '_database_2.pdbx_DOI'                
2 2 'Structure model' '_database_2.pdbx_database_accession' 
# 
_pdbx_database_status.entry_id                        5QXS 
_pdbx_database_status.status_code                     REL 
_pdbx_database_status.status_code_sf                  REL 
_pdbx_database_status.status_code_mr                  ? 
_pdbx_database_status.status_code_cs                  ? 
_pdbx_database_status.recvd_initial_deposition_date   2020-03-09 
_pdbx_database_status.deposit_site                    RCSB 
_pdbx_database_status.process_site                    RCSB 
_pdbx_database_status.SG_entry                        ? 
_pdbx_database_status.pdb_format_compatible           Y 
_pdbx_database_status.methods_development_category    ? 
_pdbx_database_status.status_code_nmr_data            ? 
# 
loop_
_audit_author.name 
_audit_author.pdbx_ordinal 
'Snee, M.'         1 
'Talon, R.'        2 
'Fowley, D.'       3 
'Collins, P.'      4 
'Nelson, A.'       5 
'Arrowsmith, C.H.' 6 
'Bountra, C.'      7 
'Edwards, A.'      8 
'Von-Delft, F.'    9 
# 
_citation.id                        primary 
_citation.title                     'PanDDA analysis group deposition - Bromodomain of human ATAD2 fragment screening' 
_citation.journal_abbrev            'To Be Published' 
_citation.journal_volume            ? 
_citation.page_first                ? 
_citation.page_last                 ? 
_citation.year                      ? 
_citation.journal_id_ASTM           ? 
_citation.country                   ? 
_citation.journal_id_ISSN           ? 
_citation.journal_id_CSD            0353 
_citation.book_publisher            ? 
_citation.pdbx_database_id_PubMed   ? 
_citation.pdbx_database_id_DOI      ? 
# 
loop_
_citation_author.citation_id 
_citation_author.name 
_citation_author.identifier_ORCID 
_citation_author.ordinal 
primary 'Snee, M.'         ? 1 
primary 'Talon, R.'        ? 2 
primary 'Fowley, D.'       ? 3 
primary 'Collins, P.'      ? 4 
primary 'Nelson, A.'       ? 5 
primary 'Arrowsmith, C.H.' ? 6 
primary 'Bountra, C.'      ? 7 
primary 'Edwards, A.'      ? 8 
primary 'Von-Delft, F.'    ? 9 
# 
loop_
_entity.id 
_entity.type 
_entity.src_method 
_entity.pdbx_description 
_entity.formula_weight 
_entity.pdbx_number_of_molecules 
_entity.pdbx_ec 
_entity.pdbx_mutation 
_entity.pdbx_fragment 
_entity.details 
1 polymer     man 'ATPase family AAA domain-containing protein 2'                                                                 
15512.562 1   3.6.1.3 ? ? ? 
2 non-polymer syn "(4aR,7aR,9R)-3,4,7,7a,8,9-hexahydro-4a,9-epoxypyrrolo[3',4':4,5]cyclohepta[1,2-d]imidazole-6(5H)-carbaldehyde" 
219.240   2   ?       ? ? ? 
3 non-polymer syn 'SULFATE ION'                                                                                                   
96.063    2   ?       ? ? ? 
4 non-polymer syn 1,2-ETHANEDIOL                                                                                                  
62.068    2   ?       ? ? ? 
5 water       nat water                                                                                                           
18.015    217 ?       ? ? ? 
# 
_entity_name_com.entity_id   1 
_entity_name_com.name        'AAA nuclear coregulator cancer-associated protein,ANCCA' 
# 
_entity_poly.entity_id                      1 
_entity_poly.type                           'polypeptide(L)' 
_entity_poly.nstd_linkage                   no 
_entity_poly.nstd_monomer                   no 
_entity_poly.pdbx_seq_one_letter_code       
;SMQEEDTFRELRIFLRNVTHRLAIDKRFRVFTKPVDPDEVPDYRTVIKEPMDLSSVISKIDLHKYLTVKDYLRDIDLICS
NALEYNPDRDPGDRLIRHRACALRDTAYAIIKEELDEDFEQLCEEIQESR
;
_entity_poly.pdbx_seq_one_letter_code_can   
;SMQEEDTFRELRIFLRNVTHRLAIDKRFRVFTKPVDPDEVPDYRTVIKEPMDLSSVISKIDLHKYLTVKDYLRDIDLICS
NALEYNPDRDPGDRLIRHRACALRDTAYAIIKEELDEDFEQLCEEIQESR
;
_entity_poly.pdbx_strand_id                 A 
_entity_poly.pdbx_target_identifier         ? 
# 
loop_
_pdbx_entity_nonpoly.entity_id 
_pdbx_entity_nonpoly.name 
_pdbx_entity_nonpoly.comp_id 
2 "(4aR,7aR,9R)-3,4,7,7a,8,9-hexahydro-4a,9-epoxypyrrolo[3',4':4,5]cyclohepta[1,2-d]imidazole-6(5H)-carbaldehyde" RJ4 
3 'SULFATE ION'                                                                                                   SO4 
4 1,2-ETHANEDIOL                                                                                                  EDO 
5 water                                                                                                           HOH 
# 
loop_
_entity_poly_seq.entity_id 
_entity_poly_seq.num 
_entity_poly_seq.mon_id 
_entity_poly_seq.hetero 
1 1   SER n 
1 2   MET n 
1 3   GLN n 
1 4   GLU n 
1 5   GLU n 
1 6   ASP n 
1 7   THR n 
1 8   PHE n 
1 9   ARG n 
1 10  GLU n 
1 11  LEU n 
1 12  ARG n 
1 13  ILE n 
1 14  PHE n 
1 15  LEU n 
1 16  ARG n 
1 17  ASN n 
1 18  VAL n 
1 19  THR n 
1 20  HIS n 
1 21  ARG n 
1 22  LEU n 
1 23  ALA n 
1 24  ILE n 
1 25  ASP n 
1 26  LYS n 
1 27  ARG n 
1 28  PHE n 
1 29  ARG n 
1 30  VAL n 
1 31  PHE n 
1 32  THR n 
1 33  LYS n 
1 34  PRO n 
1 35  VAL n 
1 36  ASP n 
1 37  PRO n 
1 38  ASP n 
1 39  GLU n 
1 40  VAL n 
1 41  PRO n 
1 42  ASP n 
1 43  TYR n 
1 44  ARG n 
1 45  THR n 
1 46  VAL n 
1 47  ILE n 
1 48  LYS n 
1 49  GLU n 
1 50  PRO n 
1 51  MET n 
1 52  ASP n 
1 53  LEU n 
1 54  SER n 
1 55  SER n 
1 56  VAL n 
1 57  ILE n 
1 58  SER n 
1 59  LYS n 
1 60  ILE n 
1 61  ASP n 
1 62  LEU n 
1 63  HIS n 
1 64  LYS n 
1 65  TYR n 
1 66  LEU n 
1 67  THR n 
1 68  VAL n 
1 69  LYS n 
1 70  ASP n 
1 71  TYR n 
1 72  LEU n 
1 73  ARG n 
1 74  ASP n 
1 75  ILE n 
1 76  ASP n 
1 77  LEU n 
1 78  ILE n 
1 79  CYS n 
1 80  SER n 
1 81  ASN n 
1 82  ALA n 
1 83  LEU n 
1 84  GLU n 
1 85  TYR n 
1 86  ASN n 
1 87  PRO n 
1 88  ASP n 
1 89  ARG n 
1 90  ASP n 
1 91  PRO n 
1 92  GLY n 
1 93  ASP n 
1 94  ARG n 
1 95  LEU n 
1 96  ILE n 
1 97  ARG n 
1 98  HIS n 
1 99  ARG n 
1 100 ALA n 
1 101 CYS n 
1 102 ALA n 
1 103 LEU n 
1 104 ARG n 
1 105 ASP n 
1 106 THR n 
1 107 ALA n 
1 108 TYR n 
1 109 ALA n 
1 110 ILE n 
1 111 ILE n 
1 112 LYS n 
1 113 GLU n 
1 114 GLU n 
1 115 LEU n 
1 116 ASP n 
1 117 GLU n 
1 118 ASP n 
1 119 PHE n 
1 120 GLU n 
1 121 GLN n 
1 122 LEU n 
1 123 CYS n 
1 124 GLU n 
1 125 GLU n 
1 126 ILE n 
1 127 GLN n 
1 128 GLU n 
1 129 SER n 
1 130 ARG n 
# 
_entity_src_gen.entity_id                          1 
_entity_src_gen.pdbx_src_id                        1 
_entity_src_gen.pdbx_alt_source_flag               sample 
_entity_src_gen.pdbx_seq_type                      'Biological sequence' 
_entity_src_gen.pdbx_beg_seq_num                   1 
_entity_src_gen.pdbx_end_seq_num                   130 
_entity_src_gen.gene_src_common_name               Human 
_entity_src_gen.gene_src_genus                     ? 
_entity_src_gen.pdbx_gene_src_gene                 'ATAD2, L16, PRO2000' 
_entity_src_gen.gene_src_species                   ? 
_entity_src_gen.gene_src_strain                    ? 
_entity_src_gen.gene_src_tissue                    ? 
_entity_src_gen.gene_src_tissue_fraction           ? 
_entity_src_gen.gene_src_details                   ? 
_entity_src_gen.pdbx_gene_src_fragment             ? 
_entity_src_gen.pdbx_gene_src_scientific_name      'Homo sapiens' 
_entity_src_gen.pdbx_gene_src_ncbi_taxonomy_id     9606 
_entity_src_gen.pdbx_gene_src_variant              ? 
_entity_src_gen.pdbx_gene_src_cell_line            ? 
_entity_src_gen.pdbx_gene_src_atcc                 ? 
_entity_src_gen.pdbx_gene_src_organ                ? 
_entity_src_gen.pdbx_gene_src_organelle            ? 
_entity_src_gen.pdbx_gene_src_cell                 ? 
_entity_src_gen.pdbx_gene_src_cellular_location    ? 
_entity_src_gen.host_org_common_name               ? 
_entity_src_gen.pdbx_host_org_scientific_name      'Escherichia coli' 
_entity_src_gen.pdbx_host_org_ncbi_taxonomy_id     562 
_entity_src_gen.host_org_genus                     ? 
_entity_src_gen.pdbx_host_org_gene                 ? 
_entity_src_gen.pdbx_host_org_organ                ? 
_entity_src_gen.host_org_species                   ? 
_entity_src_gen.pdbx_host_org_tissue               ? 
_entity_src_gen.pdbx_host_org_tissue_fraction      ? 
_entity_src_gen.pdbx_host_org_strain               ? 
_entity_src_gen.pdbx_host_org_variant              ? 
_entity_src_gen.pdbx_host_org_cell_line            ? 
_entity_src_gen.pdbx_host_org_atcc                 ? 
_entity_src_gen.pdbx_host_org_culture_collection   ? 
_entity_src_gen.pdbx_host_org_cell                 ? 
_entity_src_gen.pdbx_host_org_organelle            ? 
_entity_src_gen.pdbx_host_org_cellular_location    ? 
_entity_src_gen.pdbx_host_org_vector_type          ? 
_entity_src_gen.pdbx_host_org_vector               ? 
_entity_src_gen.host_org_details                   ? 
_entity_src_gen.expression_system_id               ? 
_entity_src_gen.plasmid_name                       ? 
_entity_src_gen.plasmid_details                    ? 
_entity_src_gen.pdbx_description                   ? 
# 
loop_
_chem_comp.id 
_chem_comp.type 
_chem_comp.mon_nstd_flag 
_chem_comp.name 
_chem_comp.pdbx_synonyms 
_chem_comp.formula 
_chem_comp.formula_weight 
ALA 'L-peptide linking' y ALANINE ?                 'C3 H7 N O2'     89.093  
ARG 'L-peptide linking' y ARGININE ?                 'C6 H15 N4 O2 1' 175.209 
ASN 'L-peptide linking' y ASPARAGINE ?                 'C4 H8 N2 O3'    132.118 
ASP 'L-peptide linking' y 'ASPARTIC ACID' ?                 'C4 H7 N O4'     133.103 
CYS 'L-peptide linking' y CYSTEINE ?                 'C3 H7 N O2 S'   121.158 
EDO non-polymer         . 1,2-ETHANEDIOL 'ETHYLENE GLYCOL' 'C2 H6 O2'       62.068  
GLN 'L-peptide linking' y GLUTAMINE ?                 'C5 H10 N2 O3'   146.144 
GLU 'L-peptide linking' y 'GLUTAMIC ACID' ?                 'C5 H9 N O4'     147.129 
GLY 'peptide linking'   y GLYCINE ?                 'C2 H5 N O2'     75.067  
HIS 'L-peptide linking' y HISTIDINE ?                 'C6 H10 N3 O2 1' 156.162 
HOH non-polymer         . WATER ?                 'H2 O'           18.015  
ILE 'L-peptide linking' y ISOLEUCINE ?                 'C6 H13 N O2'    131.173 
LEU 'L-peptide linking' y LEUCINE ?                 'C6 H13 N O2'    131.173 
LYS 'L-peptide linking' y LYSINE ?                 'C6 H15 N2 O2 1' 147.195 
MET 'L-peptide linking' y METHIONINE ?                 'C5 H11 N O2 S'  149.211 
PHE 'L-peptide linking' y PHENYLALANINE ?                 'C9 H11 N O2'    165.189 
PRO 'L-peptide linking' y PROLINE ?                 'C5 H9 N O2'     115.130 
RJ4 non-polymer         . 
"(4aR,7aR,9R)-3,4,7,7a,8,9-hexahydro-4a,9-epoxypyrrolo[3',4':4,5]cyclohepta[1,2-d]imidazole-6(5H)-carbaldehyde" ?                 
'C11 H13 N3 O2'  219.240 
SER 'L-peptide linking' y SERINE ?                 'C3 H7 N O3'     105.093 
SO4 non-polymer         . 'SULFATE ION' ?                 'O4 S -2'        96.063  
THR 'L-peptide linking' y THREONINE ?                 'C4 H9 N O3'     119.119 
TYR 'L-peptide linking' y TYROSINE ?                 'C9 H11 N O3'    181.189 
VAL 'L-peptide linking' y VALINE ?                 'C5 H11 N O2'    117.146 
# 
loop_
_pdbx_poly_seq_scheme.asym_id 
_pdbx_poly_seq_scheme.entity_id 
_pdbx_poly_seq_scheme.seq_id 
_pdbx_poly_seq_scheme.mon_id 
_pdbx_poly_seq_scheme.ndb_seq_num 
_pdbx_poly_seq_scheme.pdb_seq_num 
_pdbx_poly_seq_scheme.auth_seq_num 
_pdbx_poly_seq_scheme.pdb_mon_id 
_pdbx_poly_seq_scheme.auth_mon_id 
_pdbx_poly_seq_scheme.pdb_strand_id 
_pdbx_poly_seq_scheme.pdb_ins_code 
_pdbx_poly_seq_scheme.hetero 
A 1 1   SER 1   979  979  SER SER A . n 
A 1 2   MET 2   980  980  MET MET A . n 
A 1 3   GLN 3   981  981  GLN GLN A . n 
A 1 4   GLU 4   982  982  GLU GLU A . n 
A 1 5   GLU 5   983  983  GLU GLU A . n 
A 1 6   ASP 6   984  984  ASP ASP A . n 
A 1 7   THR 7   985  985  THR THR A . n 
A 1 8   PHE 8   986  986  PHE PHE A . n 
A 1 9   ARG 9   987  987  ARG ARG A . n 
A 1 10  GLU 10  988  988  GLU GLU A . n 
A 1 11  LEU 11  989  989  LEU LEU A . n 
A 1 12  ARG 12  990  990  ARG ARG A . n 
A 1 13  ILE 13  991  991  ILE ILE A . n 
A 1 14  PHE 14  992  992  PHE PHE A . n 
A 1 15  LEU 15  993  993  LEU LEU A . n 
A 1 16  ARG 16  994  994  ARG ARG A . n 
A 1 17  ASN 17  995  995  ASN ASN A . n 
A 1 18  VAL 18  996  996  VAL VAL A . n 
A 1 19  THR 19  997  997  THR THR A . n 
A 1 20  HIS 20  998  998  HIS HIS A . n 
A 1 21  ARG 21  999  999  ARG ARG A . n 
A 1 22  LEU 22  1000 1000 LEU LEU A . n 
A 1 23  ALA 23  1001 1001 ALA ALA A . n 
A 1 24  ILE 24  1002 1002 ILE ILE A . n 
A 1 25  ASP 25  1003 1003 ASP ASP A . n 
A 1 26  LYS 26  1004 1004 LYS LYS A . n 
A 1 27  ARG 27  1005 1005 ARG ARG A . n 
A 1 28  PHE 28  1006 1006 PHE PHE A . n 
A 1 29  ARG 29  1007 1007 ARG ARG A . n 
A 1 30  VAL 30  1008 1008 VAL VAL A . n 
A 1 31  PHE 31  1009 1009 PHE PHE A . n 
A 1 32  THR 32  1010 1010 THR THR A . n 
A 1 33  LYS 33  1011 1011 LYS LYS A . n 
A 1 34  PRO 34  1012 1012 PRO PRO A . n 
A 1 35  VAL 35  1013 1013 VAL VAL A . n 
A 1 36  ASP 36  1014 1014 ASP ASP A . n 
A 1 37  PRO 37  1015 1015 PRO PRO A . n 
A 1 38  ASP 38  1016 1016 ASP ASP A . n 
A 1 39  GLU 39  1017 1017 GLU GLU A . n 
A 1 40  VAL 40  1018 1018 VAL VAL A . n 
A 1 41  PRO 41  1019 1019 PRO PRO A . n 
A 1 42  ASP 42  1020 1020 ASP ASP A . n 
A 1 43  TYR 43  1021 1021 TYR TYR A . n 
A 1 44  ARG 44  1022 1022 ARG ARG A . n 
A 1 45  THR 45  1023 1023 THR THR A . n 
A 1 46  VAL 46  1024 1024 VAL VAL A . n 
A 1 47  ILE 47  1025 1025 ILE ILE A . n 
A 1 48  LYS 48  1026 1026 LYS LYS A . n 
A 1 49  GLU 49  1027 1027 GLU GLU A . n 
A 1 50  PRO 50  1028 1028 PRO PRO A . n 
A 1 51  MET 51  1029 1029 MET MET A . n 
A 1 52  ASP 52  1030 1030 ASP ASP A . n 
A 1 53  LEU 53  1031 1031 LEU LEU A . n 
A 1 54  SER 54  1032 1032 SER SER A . n 
A 1 55  SER 55  1033 1033 SER SER A . n 
A 1 56  VAL 56  1034 1034 VAL VAL A . n 
A 1 57  ILE 57  1035 1035 ILE ILE A . n 
A 1 58  SER 58  1036 1036 SER SER A . n 
A 1 59  LYS 59  1037 1037 LYS LYS A . n 
A 1 60  ILE 60  1038 1038 ILE ILE A . n 
A 1 61  ASP 61  1039 1039 ASP ASP A . n 
A 1 62  LEU 62  1040 1040 LEU LEU A . n 
A 1 63  HIS 63  1041 1041 HIS HIS A . n 
A 1 64  LYS 64  1042 1042 LYS LYS A . n 
A 1 65  TYR 65  1043 1043 TYR TYR A . n 
A 1 66  LEU 66  1044 1044 LEU LEU A . n 
A 1 67  THR 67  1045 1045 THR THR A . n 
A 1 68  VAL 68  1046 1046 VAL VAL A . n 
A 1 69  LYS 69  1047 1047 LYS LYS A . n 
A 1 70  ASP 70  1048 1048 ASP ASP A . n 
A 1 71  TYR 71  1049 1049 TYR TYR A . n 
A 1 72  LEU 72  1050 1050 LEU LEU A . n 
A 1 73  ARG 73  1051 1051 ARG ARG A . n 
A 1 74  ASP 74  1052 1052 ASP ASP A . n 
A 1 75  ILE 75  1053 1053 ILE ILE A . n 
A 1 76  ASP 76  1054 1054 ASP ASP A . n 
A 1 77  LEU 77  1055 1055 LEU LEU A . n 
A 1 78  ILE 78  1056 1056 ILE ILE A . n 
A 1 79  CYS 79  1057 1057 CYS CYS A . n 
A 1 80  SER 80  1058 1058 SER SER A . n 
A 1 81  ASN 81  1059 1059 ASN ASN A . n 
A 1 82  ALA 82  1060 1060 ALA ALA A . n 
A 1 83  LEU 83  1061 1061 LEU LEU A . n 
A 1 84  GLU 84  1062 1062 GLU GLU A . n 
A 1 85  TYR 85  1063 1063 TYR TYR A . n 
A 1 86  ASN 86  1064 1064 ASN ASN A . n 
A 1 87  PRO 87  1065 1065 PRO PRO A . n 
A 1 88  ASP 88  1066 1066 ASP ASP A . n 
A 1 89  ARG 89  1067 1067 ARG ARG A . n 
A 1 90  ASP 90  1068 1068 ASP ASP A . n 
A 1 91  PRO 91  1069 1069 PRO PRO A . n 
A 1 92  GLY 92  1070 1070 GLY GLY A . n 
A 1 93  ASP 93  1071 1071 ASP ASP A . n 
A 1 94  ARG 94  1072 1072 ARG ARG A . n 
A 1 95  LEU 95  1073 1073 LEU LEU A . n 
A 1 96  ILE 96  1074 1074 ILE ILE A . n 
A 1 97  ARG 97  1075 1075 ARG ARG A . n 
A 1 98  HIS 98  1076 1076 HIS HIS A . n 
A 1 99  ARG 99  1077 1077 ARG ARG A . n 
A 1 100 ALA 100 1078 1078 ALA ALA A . n 
A 1 101 CYS 101 1079 1079 CYS CYS A . n 
A 1 102 ALA 102 1080 1080 ALA ALA A . n 
A 1 103 LEU 103 1081 1081 LEU LEU A . n 
A 1 104 ARG 104 1082 1082 ARG ARG A . n 
A 1 105 ASP 105 1083 1083 ASP ASP A . n 
A 1 106 THR 106 1084 1084 THR THR A . n 
A 1 107 ALA 107 1085 1085 ALA ALA A . n 
A 1 108 TYR 108 1086 1086 TYR TYR A . n 
A 1 109 ALA 109 1087 1087 ALA ALA A . n 
A 1 110 ILE 110 1088 1088 ILE ILE A . n 
A 1 111 ILE 111 1089 1089 ILE ILE A . n 
A 1 112 LYS 112 1090 1090 LYS LYS A . n 
A 1 113 GLU 113 1091 1091 GLU GLU A . n 
A 1 114 GLU 114 1092 1092 GLU GLU A . n 
A 1 115 LEU 115 1093 1093 LEU LEU A . n 
A 1 116 ASP 116 1094 1094 ASP ASP A . n 
A 1 117 GLU 117 1095 1095 GLU GLU A . n 
A 1 118 ASP 118 1096 1096 ASP ASP A . n 
A 1 119 PHE 119 1097 1097 PHE PHE A . n 
A 1 120 GLU 120 1098 1098 GLU GLU A . n 
A 1 121 GLN 121 1099 1099 GLN GLN A . n 
A 1 122 LEU 122 1100 1100 LEU LEU A . n 
A 1 123 CYS 123 1101 1101 CYS CYS A . n 
A 1 124 GLU 124 1102 1102 GLU GLU A . n 
A 1 125 GLU 125 1103 1103 GLU GLU A . n 
A 1 126 ILE 126 1104 1104 ILE ILE A . n 
A 1 127 GLN 127 1105 1105 GLN GLN A . n 
A 1 128 GLU 128 1106 1106 GLU GLU A . n 
A 1 129 SER 129 1107 1107 SER SER A . n 
A 1 130 ARG 130 1108 1108 ARG ARG A . n 
# 
loop_
_pdbx_nonpoly_scheme.asym_id 
_pdbx_nonpoly_scheme.entity_id 
_pdbx_nonpoly_scheme.mon_id 
_pdbx_nonpoly_scheme.ndb_seq_num 
_pdbx_nonpoly_scheme.pdb_seq_num 
_pdbx_nonpoly_scheme.auth_seq_num 
_pdbx_nonpoly_scheme.pdb_mon_id 
_pdbx_nonpoly_scheme.auth_mon_id 
_pdbx_nonpoly_scheme.pdb_strand_id 
_pdbx_nonpoly_scheme.pdb_ins_code 
B 2 RJ4 1   1201 1201 RJ4 LIG A . 
C 2 RJ4 1   1202 1301 RJ4 LIG A . 
D 3 SO4 1   1203 1    SO4 SO4 A . 
E 3 SO4 1   1204 2    SO4 SO4 A . 
F 4 EDO 1   1205 3    EDO EDO A . 
G 4 EDO 1   1206 6    EDO EDO A . 
H 5 HOH 1   1301 158  HOH HOH A . 
H 5 HOH 2   1302 256  HOH HOH A . 
H 5 HOH 3   1303 128  HOH HOH A . 
H 5 HOH 4   1304 184  HOH HOH A . 
H 5 HOH 5   1305 118  HOH HOH A . 
H 5 HOH 6   1306 194  HOH HOH A . 
H 5 HOH 7   1307 68   HOH HOH A . 
H 5 HOH 8   1308 161  HOH HOH A . 
H 5 HOH 9   1309 106  HOH HOH A . 
H 5 HOH 10  1310 200  HOH HOH A . 
H 5 HOH 11  1311 191  HOH HOH A . 
H 5 HOH 12  1312 79   HOH HOH A . 
H 5 HOH 13  1313 134  HOH HOH A . 
H 5 HOH 14  1314 59   HOH HOH A . 
H 5 HOH 15  1315 129  HOH HOH A . 
H 5 HOH 16  1316 32   HOH HOH A . 
H 5 HOH 17  1317 98   HOH HOH A . 
H 5 HOH 18  1318 5    HOH HOH A . 
H 5 HOH 19  1319 88   HOH HOH A . 
H 5 HOH 20  1320 50   HOH HOH A . 
H 5 HOH 21  1321 201  HOH HOH A . 
H 5 HOH 22  1322 162  HOH HOH A . 
H 5 HOH 23  1323 144  HOH HOH A . 
H 5 HOH 24  1324 27   HOH HOH A . 
H 5 HOH 25  1325 34   HOH HOH A . 
H 5 HOH 26  1326 55   HOH HOH A . 
H 5 HOH 27  1327 64   HOH HOH A . 
H 5 HOH 28  1328 111  HOH HOH A . 
H 5 HOH 29  1329 236  HOH HOH A . 
H 5 HOH 30  1330 140  HOH HOH A . 
H 5 HOH 31  1331 16   HOH HOH A . 
H 5 HOH 32  1332 221  HOH HOH A . 
H 5 HOH 33  1333 142  HOH HOH A . 
H 5 HOH 34  1334 75   HOH HOH A . 
H 5 HOH 35  1335 9    HOH HOH A . 
H 5 HOH 36  1336 17   HOH HOH A . 
H 5 HOH 37  1337 56   HOH HOH A . 
H 5 HOH 38  1338 43   HOH HOH A . 
H 5 HOH 39  1339 246  HOH HOH A . 
H 5 HOH 40  1340 77   HOH HOH A . 
H 5 HOH 41  1341 163  HOH HOH A . 
H 5 HOH 42  1342 109  HOH HOH A . 
H 5 HOH 43  1343 171  HOH HOH A . 
H 5 HOH 44  1344 25   HOH HOH A . 
H 5 HOH 45  1345 87   HOH HOH A . 
H 5 HOH 46  1346 28   HOH HOH A . 
H 5 HOH 47  1347 13   HOH HOH A . 
H 5 HOH 48  1348 104  HOH HOH A . 
H 5 HOH 49  1349 99   HOH HOH A . 
H 5 HOH 50  1350 23   HOH HOH A . 
H 5 HOH 51  1351 76   HOH HOH A . 
H 5 HOH 52  1352 61   HOH HOH A . 
H 5 HOH 53  1353 47   HOH HOH A . 
H 5 HOH 54  1354 139  HOH HOH A . 
H 5 HOH 55  1355 189  HOH HOH A . 
H 5 HOH 56  1356 100  HOH HOH A . 
H 5 HOH 57  1357 165  HOH HOH A . 
H 5 HOH 58  1358 33   HOH HOH A . 
H 5 HOH 59  1359 131  HOH HOH A . 
H 5 HOH 60  1360 203  HOH HOH A . 
H 5 HOH 61  1361 31   HOH HOH A . 
H 5 HOH 62  1362 20   HOH HOH A . 
H 5 HOH 63  1363 19   HOH HOH A . 
H 5 HOH 64  1364 22   HOH HOH A . 
H 5 HOH 65  1365 42   HOH HOH A . 
H 5 HOH 66  1366 94   HOH HOH A . 
H 5 HOH 67  1367 113  HOH HOH A . 
H 5 HOH 68  1368 192  HOH HOH A . 
H 5 HOH 69  1369 21   HOH HOH A . 
H 5 HOH 70  1370 7    HOH HOH A . 
H 5 HOH 71  1371 80   HOH HOH A . 
H 5 HOH 72  1372 206  HOH HOH A . 
H 5 HOH 73  1373 197  HOH HOH A . 
H 5 HOH 74  1374 14   HOH HOH A . 
H 5 HOH 75  1375 52   HOH HOH A . 
H 5 HOH 76  1376 1    HOH HOH A . 
H 5 HOH 77  1377 24   HOH HOH A . 
H 5 HOH 78  1378 177  HOH HOH A . 
H 5 HOH 79  1379 46   HOH HOH A . 
H 5 HOH 80  1380 54   HOH HOH A . 
H 5 HOH 81  1381 45   HOH HOH A . 
H 5 HOH 82  1382 30   HOH HOH A . 
H 5 HOH 83  1383 2    HOH HOH A . 
H 5 HOH 84  1384 49   HOH HOH A . 
H 5 HOH 85  1385 172  HOH HOH A . 
H 5 HOH 86  1386 29   HOH HOH A . 
H 5 HOH 87  1387 15   HOH HOH A . 
H 5 HOH 88  1388 58   HOH HOH A . 
H 5 HOH 89  1389 67   HOH HOH A . 
H 5 HOH 90  1390 73   HOH HOH A . 
H 5 HOH 91  1391 154  HOH HOH A . 
H 5 HOH 92  1392 147  HOH HOH A . 
H 5 HOH 93  1393 102  HOH HOH A . 
H 5 HOH 94  1394 187  HOH HOH A . 
H 5 HOH 95  1395 70   HOH HOH A . 
H 5 HOH 96  1396 92   HOH HOH A . 
H 5 HOH 97  1397 6    HOH HOH A . 
H 5 HOH 98  1398 36   HOH HOH A . 
H 5 HOH 99  1399 160  HOH HOH A . 
H 5 HOH 100 1400 85   HOH HOH A . 
H 5 HOH 101 1401 48   HOH HOH A . 
H 5 HOH 102 1402 12   HOH HOH A . 
H 5 HOH 103 1403 132  HOH HOH A . 
H 5 HOH 104 1404 216  HOH HOH A . 
H 5 HOH 105 1405 130  HOH HOH A . 
H 5 HOH 106 1406 95   HOH HOH A . 
H 5 HOH 107 1407 120  HOH HOH A . 
H 5 HOH 108 1408 90   HOH HOH A . 
H 5 HOH 109 1409 40   HOH HOH A . 
H 5 HOH 110 1410 107  HOH HOH A . 
H 5 HOH 111 1411 4    HOH HOH A . 
H 5 HOH 112 1412 190  HOH HOH A . 
H 5 HOH 113 1413 3    HOH HOH A . 
H 5 HOH 114 1414 247  HOH HOH A . 
H 5 HOH 115 1415 145  HOH HOH A . 
H 5 HOH 116 1416 97   HOH HOH A . 
H 5 HOH 117 1417 82   HOH HOH A . 
H 5 HOH 118 1418 122  HOH HOH A . 
H 5 HOH 119 1419 51   HOH HOH A . 
H 5 HOH 120 1420 209  HOH HOH A . 
H 5 HOH 121 1421 86   HOH HOH A . 
H 5 HOH 122 1422 53   HOH HOH A . 
H 5 HOH 123 1423 101  HOH HOH A . 
H 5 HOH 124 1424 176  HOH HOH A . 
H 5 HOH 125 1425 10   HOH HOH A . 
H 5 HOH 126 1426 105  HOH HOH A . 
H 5 HOH 127 1427 18   HOH HOH A . 
H 5 HOH 128 1428 11   HOH HOH A . 
H 5 HOH 129 1429 124  HOH HOH A . 
H 5 HOH 130 1430 72   HOH HOH A . 
H 5 HOH 131 1431 89   HOH HOH A . 
H 5 HOH 132 1432 196  HOH HOH A . 
H 5 HOH 133 1433 155  HOH HOH A . 
H 5 HOH 134 1434 62   HOH HOH A . 
H 5 HOH 135 1435 78   HOH HOH A . 
H 5 HOH 136 1436 116  HOH HOH A . 
H 5 HOH 137 1437 57   HOH HOH A . 
H 5 HOH 138 1438 123  HOH HOH A . 
H 5 HOH 139 1439 240  HOH HOH A . 
H 5 HOH 140 1440 39   HOH HOH A . 
H 5 HOH 141 1441 230  HOH HOH A . 
H 5 HOH 142 1442 237  HOH HOH A . 
H 5 HOH 143 1443 26   HOH HOH A . 
H 5 HOH 144 1444 254  HOH HOH A . 
H 5 HOH 145 1445 180  HOH HOH A . 
H 5 HOH 146 1446 234  HOH HOH A . 
H 5 HOH 147 1447 178  HOH HOH A . 
H 5 HOH 148 1448 96   HOH HOH A . 
H 5 HOH 149 1449 115  HOH HOH A . 
H 5 HOH 150 1450 175  HOH HOH A . 
H 5 HOH 151 1451 93   HOH HOH A . 
H 5 HOH 152 1452 207  HOH HOH A . 
H 5 HOH 153 1453 188  HOH HOH A . 
H 5 HOH 154 1454 179  HOH HOH A . 
H 5 HOH 155 1455 181  HOH HOH A . 
H 5 HOH 156 1456 215  HOH HOH A . 
H 5 HOH 157 1457 114  HOH HOH A . 
H 5 HOH 158 1458 41   HOH HOH A . 
H 5 HOH 159 1459 38   HOH HOH A . 
H 5 HOH 160 1460 199  HOH HOH A . 
H 5 HOH 161 1461 243  HOH HOH A . 
H 5 HOH 162 1462 164  HOH HOH A . 
H 5 HOH 163 1463 81   HOH HOH A . 
H 5 HOH 164 1464 167  HOH HOH A . 
H 5 HOH 165 1465 69   HOH HOH A . 
H 5 HOH 166 1466 152  HOH HOH A . 
H 5 HOH 167 1467 186  HOH HOH A . 
H 5 HOH 168 1468 110  HOH HOH A . 
H 5 HOH 169 1469 224  HOH HOH A . 
H 5 HOH 170 1470 60   HOH HOH A . 
H 5 HOH 171 1471 91   HOH HOH A . 
H 5 HOH 172 1472 220  HOH HOH A . 
H 5 HOH 173 1473 250  HOH HOH A . 
H 5 HOH 174 1474 225  HOH HOH A . 
H 5 HOH 175 1475 159  HOH HOH A . 
H 5 HOH 176 1476 135  HOH HOH A . 
H 5 HOH 177 1477 37   HOH HOH A . 
H 5 HOH 178 1478 151  HOH HOH A . 
H 5 HOH 179 1479 210  HOH HOH A . 
H 5 HOH 180 1480 112  HOH HOH A . 
H 5 HOH 181 1481 66   HOH HOH A . 
H 5 HOH 182 1482 157  HOH HOH A . 
H 5 HOH 183 1483 8    HOH HOH A . 
H 5 HOH 184 1484 211  HOH HOH A . 
H 5 HOH 185 1485 103  HOH HOH A . 
H 5 HOH 186 1486 233  HOH HOH A . 
H 5 HOH 187 1487 119  HOH HOH A . 
H 5 HOH 188 1488 205  HOH HOH A . 
H 5 HOH 189 1489 146  HOH HOH A . 
H 5 HOH 190 1490 244  HOH HOH A . 
H 5 HOH 191 1491 84   HOH HOH A . 
H 5 HOH 192 1492 44   HOH HOH A . 
H 5 HOH 193 1493 248  HOH HOH A . 
H 5 HOH 194 1494 127  HOH HOH A . 
H 5 HOH 195 1495 71   HOH HOH A . 
H 5 HOH 196 1496 125  HOH HOH A . 
H 5 HOH 197 1497 185  HOH HOH A . 
H 5 HOH 198 1498 74   HOH HOH A . 
H 5 HOH 199 1499 174  HOH HOH A . 
H 5 HOH 200 1500 137  HOH HOH A . 
H 5 HOH 201 1501 117  HOH HOH A . 
H 5 HOH 202 1502 149  HOH HOH A . 
H 5 HOH 203 1503 251  HOH HOH A . 
H 5 HOH 204 1504 183  HOH HOH A . 
H 5 HOH 205 1505 148  HOH HOH A . 
H 5 HOH 206 1506 35   HOH HOH A . 
H 5 HOH 207 1507 168  HOH HOH A . 
H 5 HOH 208 1508 204  HOH HOH A . 
H 5 HOH 209 1509 63   HOH HOH A . 
H 5 HOH 210 1510 249  HOH HOH A . 
H 5 HOH 211 1511 255  HOH HOH A . 
H 5 HOH 212 1512 202  HOH HOH A . 
H 5 HOH 213 1513 219  HOH HOH A . 
H 5 HOH 214 1514 213  HOH HOH A . 
H 5 HOH 215 1515 121  HOH HOH A . 
H 5 HOH 216 1516 136  HOH HOH A . 
H 5 HOH 217 1517 214  HOH HOH A . 
# 
loop_
_pdbx_unobs_or_zero_occ_atoms.id 
_pdbx_unobs_or_zero_occ_atoms.PDB_model_num 
_pdbx_unobs_or_zero_occ_atoms.polymer_flag 
_pdbx_unobs_or_zero_occ_atoms.occupancy_flag 
_pdbx_unobs_or_zero_occ_atoms.auth_asym_id 
_pdbx_unobs_or_zero_occ_atoms.auth_comp_id 
_pdbx_unobs_or_zero_occ_atoms.auth_seq_id 
_pdbx_unobs_or_zero_occ_atoms.PDB_ins_code 
_pdbx_unobs_or_zero_occ_atoms.auth_atom_id 
_pdbx_unobs_or_zero_occ_atoms.label_alt_id 
_pdbx_unobs_or_zero_occ_atoms.label_asym_id 
_pdbx_unobs_or_zero_occ_atoms.label_comp_id 
_pdbx_unobs_or_zero_occ_atoms.label_seq_id 
_pdbx_unobs_or_zero_occ_atoms.label_atom_id 
1 1 Y 1 A LYS 1004 ? CG ? A LYS 26 CG 
2 1 Y 1 A LYS 1004 ? CD ? A LYS 26 CD 
3 1 Y 1 A LYS 1004 ? CE ? A LYS 26 CE 
4 1 Y 1 A LYS 1004 ? NZ ? A LYS 26 NZ 
# 
loop_
_software.pdbx_ordinal 
_software.name 
_software.version 
_software.date 
_software.type 
_software.contact_author 
_software.contact_author_email 
_software.classification 
_software.location 
_software.language 
_software.citation_id 
1 REFMAC      5.8.0238 ?               program 'Garib N. Murshudov' garib@ysbl.york.ac.uk    refinement        
http://www.ccp4.ac.uk/dist/html/refmac5.html        Fortran_77 ? 
2 Aimless     0.5.23   02/02/16        program 'Phil Evans'         ?                        'data scaling'    
http://www.mrc-lmb.cam.ac.uk/harry/pre/aimless.html ?          ? 
3 PDB_EXTRACT 3.23     'SEP. 23, 2016' package PDB                  deposit@deposit.rcsb.org 'data extraction' 
http://sw-tools.pdb.org/apps/PDB_EXTRACT/           C++        ? 
4 XDS         .        ?               program ?                    ?                        'data reduction'  ? ?          ? 
5 REFMAC      .        ?               program ?                    ?                        phasing           ? ?          ? 
# 
_cell.entry_id           5QXS 
_cell.length_a           80.520 
_cell.length_b           80.520 
_cell.length_c           139.430 
_cell.angle_alpha        90.000 
_cell.angle_beta         90.000 
_cell.angle_gamma        120.000 
_cell.Z_PDB              12 
_cell.pdbx_unique_axis   ? 
# 
_symmetry.entry_id                         5QXS 
_symmetry.Int_Tables_number                179 
_symmetry.space_group_name_H-M             'P 65 2 2' 
_symmetry.pdbx_full_space_group_name_H-M   ? 
_symmetry.cell_setting                     ? 
# 
_exptl.crystals_number   1 
_exptl.entry_id          5QXS 
_exptl.method            'X-RAY DIFFRACTION' 
# 
_exptl_crystal.id                    1 
_exptl_crystal.pdbx_mosaicity        0.000 
_exptl_crystal.pdbx_mosaicity_esd    ? 
_exptl_crystal.density_Matthews      4.21 
_exptl_crystal.density_diffrn        ? 
_exptl_crystal.density_meas          ? 
_exptl_crystal.density_meas_temp     ? 
_exptl_crystal.density_percent_sol   70.75 
_exptl_crystal.size_max              ? 
_exptl_crystal.size_mid              ? 
_exptl_crystal.size_min              ? 
_exptl_crystal.size_rad              ? 
_exptl_crystal.description           ? 
_exptl_crystal.preparation           ? 
# 
_exptl_crystal_grow.crystal_id      1 
_exptl_crystal_grow.method          'VAPOR DIFFUSION, SITTING DROP' 
_exptl_crystal_grow.pH              5.5 
_exptl_crystal_grow.temp            277 
_exptl_crystal_grow.pdbx_details    '1.6M Ammonium Sulfate, 0.1M bis-tris pH 5.5' 
_exptl_crystal_grow.temp_details    ? 
_exptl_crystal_grow.pdbx_pH_range   ? 
# 
_diffrn.id                               1 
_diffrn.ambient_temp                     100 
_diffrn.crystal_id                       1 
_diffrn.ambient_temp_details             ? 
_diffrn.pdbx_serial_crystal_experiment   ? 
# 
_diffrn_detector.detector               PIXEL 
_diffrn_detector.type                   'DECTRIS PILATUS 6M' 
_diffrn_detector.pdbx_collection_date   2016-04-23 
_diffrn_detector.diffrn_id              1 
_diffrn_detector.details                ? 
# 
_diffrn_radiation.diffrn_id                        1 
_diffrn_radiation.wavelength_id                    1 
_diffrn_radiation.pdbx_diffrn_protocol             'SINGLE WAVELENGTH' 
_diffrn_radiation.pdbx_monochromatic_or_laue_m_l   ? 
_diffrn_radiation.monochromator                    ? 
_diffrn_radiation.pdbx_scattering_type             x-ray 
# 
_diffrn_radiation_wavelength.id           1 
_diffrn_radiation_wavelength.wavelength   0.92819 
_diffrn_radiation_wavelength.wt           1.0 
# 
_diffrn_source.diffrn_id                   1 
_diffrn_source.source                      SYNCHROTRON 
_diffrn_source.type                        'DIAMOND BEAMLINE I04-1' 
_diffrn_source.pdbx_wavelength_list        0.92819 
_diffrn_source.pdbx_synchrotron_site       Diamond 
_diffrn_source.pdbx_synchrotron_beamline   I04-1 
_diffrn_source.pdbx_wavelength             ? 
# 
_reflns.entry_id                     5QXS 
_reflns.pdbx_diffrn_id               1 
_reflns.pdbx_ordinal                 1 
_reflns.observed_criterion_sigma_I   ? 
_reflns.observed_criterion_sigma_F   ? 
_reflns.d_resolution_low             69.730 
_reflns.d_resolution_high            1.620 
_reflns.number_obs                   34760 
_reflns.number_all                   ? 
_reflns.percent_possible_obs         100.000 
_reflns.pdbx_Rmerge_I_obs            0.132 
_reflns.pdbx_Rsym_value              ? 
_reflns.pdbx_netI_over_sigmaI        17.900 
_reflns.B_iso_Wilson_estimate        ? 
_reflns.pdbx_redundancy              19.000 
_reflns.pdbx_Rrim_I_all              0.135 
_reflns.pdbx_Rpim_I_all              0.031 
_reflns.pdbx_CC_half                 1.000 
_reflns.pdbx_netI_over_av_sigmaI     ? 
_reflns.pdbx_number_measured_all     661703 
_reflns.pdbx_scaling_rejects         0 
_reflns.pdbx_chi_squared             ? 
_reflns.Rmerge_F_all                 ? 
_reflns.Rmerge_F_obs                 ? 
_reflns.observed_criterion_F_max     ? 
_reflns.observed_criterion_F_min     ? 
_reflns.observed_criterion_I_max     ? 
_reflns.observed_criterion_I_min     ? 
_reflns.pdbx_d_res_high_opt          ? 
_reflns.pdbx_d_res_low_opt           ? 
_reflns.details                      ? 
# 
loop_
_reflns_shell.pdbx_diffrn_id 
_reflns_shell.pdbx_ordinal 
_reflns_shell.d_res_high 
_reflns_shell.d_res_low 
_reflns_shell.number_measured_obs 
_reflns_shell.number_measured_all 
_reflns_shell.number_unique_obs 
_reflns_shell.pdbx_rejects 
_reflns_shell.Rmerge_I_obs 
_reflns_shell.meanI_over_sigI_obs 
_reflns_shell.pdbx_Rsym_value 
_reflns_shell.pdbx_chi_squared 
_reflns_shell.pdbx_redundancy 
_reflns_shell.percent_possible_obs 
_reflns_shell.pdbx_netI_over_sigmaI_obs 
_reflns_shell.number_possible 
_reflns_shell.number_unique_all 
_reflns_shell.Rmerge_F_all 
_reflns_shell.Rmerge_F_obs 
_reflns_shell.Rmerge_I_all 
_reflns_shell.meanI_over_sigI_all 
_reflns_shell.percent_possible_all 
_reflns_shell.pdbx_Rrim_I_all 
_reflns_shell.pdbx_Rpim_I_all 
_reflns_shell.pdbx_CC_half 
1 1 1.620 1.660  ? 48286 ? ? 2.182 ? ? ? 19.300 ? 1.600  ? 2500 ? ? ? ? 100.000 2.241 0.507 0.517 
1 2 7.240 69.730 ? 8217  ? ? 0.024 ? ? ? 16.600 ? 83.800 ? 495  ? ? ? ? 99.700  0.024 0.006 1.000 
# 
_refine.entry_id                                 5QXS 
_refine.pdbx_refine_id                           'X-RAY DIFFRACTION' 
_refine.ls_d_res_high                            1.6200 
_refine.ls_d_res_low                             69.7300 
_refine.pdbx_ls_sigma_F                          0.000 
_refine.pdbx_data_cutoff_high_absF               ? 
_refine.pdbx_data_cutoff_low_absF                ? 
_refine.ls_percent_reflns_obs                    99.9300 
_refine.ls_number_reflns_obs                     32959 
_refine.ls_number_reflns_all                     ? 
_refine.pdbx_ls_cross_valid_method               THROUGHOUT 
_refine.ls_matrix_type                           ? 
_refine.pdbx_R_Free_selection_details            RANDOM 
_refine.details                                  
'HYDROGENS HAVE BEEN ADDED IN THE RIDING POSITIONS U VALUES      : REFINED INDIVIDUALLY' 
_refine.ls_R_factor_all                          ? 
_refine.ls_R_factor_obs                          0.1746 
_refine.ls_R_factor_R_work                       0.1735 
_refine.ls_wR_factor_R_work                      ? 
_refine.ls_R_factor_R_free                       0.1963 
_refine.ls_wR_factor_R_free                      ? 
_refine.ls_percent_reflns_R_free                 5.0000 
_refine.ls_number_reflns_R_free                  1736 
_refine.ls_number_reflns_R_work                  ? 
_refine.ls_R_factor_R_free_error                 ? 
_refine.B_iso_mean                               31.5620 
_refine.solvent_model_param_bsol                 ? 
_refine.solvent_model_param_ksol                 ? 
_refine.pdbx_isotropic_thermal_model             ? 
_refine.aniso_B[1][1]                            -0.0200 
_refine.aniso_B[2][2]                            -0.0200 
_refine.aniso_B[3][3]                            0.0700 
_refine.aniso_B[1][2]                            -0.0100 
_refine.aniso_B[1][3]                            -0.0000 
_refine.aniso_B[2][3]                            0.0000 
_refine.correlation_coeff_Fo_to_Fc               0.9670 
_refine.correlation_coeff_Fo_to_Fc_free          0.9600 
_refine.overall_SU_R_Cruickshank_DPI             ? 
_refine.pdbx_overall_SU_R_free_Cruickshank_DPI   ? 
_refine.pdbx_overall_SU_R_Blow_DPI               ? 
_refine.pdbx_overall_SU_R_free_Blow_DPI          ? 
_refine.overall_SU_R_free                        ? 
_refine.pdbx_overall_ESU_R                       0.0830 
_refine.pdbx_overall_ESU_R_Free                  0.0810 
_refine.overall_SU_ML                            0.0600 
_refine.overall_SU_B                             1.8250 
_refine.solvent_model_details                    MASK 
_refine.pdbx_solvent_vdw_probe_radii             1.2000 
_refine.pdbx_solvent_ion_probe_radii             0.8000 
_refine.pdbx_solvent_shrinkage_radii             0.8000 
_refine.ls_number_parameters                     ? 
_refine.ls_number_restraints                     ? 
_refine.pdbx_starting_model                      3DAI 
_refine.pdbx_method_to_determine_struct          'FOURIER SYNTHESIS' 
_refine.pdbx_stereochemistry_target_values       'MAXIMUM LIKELIHOOD' 
_refine.pdbx_stereochem_target_val_spec_case     ? 
_refine.overall_FOM_work_R_set                   ? 
_refine.B_iso_max                                291.500 
_refine.B_iso_min                                13.400 
_refine.pdbx_overall_phase_error                 ? 
_refine.occupancy_max                            ? 
_refine.occupancy_min                            ? 
_refine.pdbx_diffrn_id                           1 
_refine.pdbx_TLS_residual_ADP_flag               ? 
_refine.pdbx_ls_sigma_I                          ? 
_refine.pdbx_data_cutoff_high_rms_absF           ? 
_refine.ls_R_factor_R_free_error_details         ? 
# 
_refine_hist.cycle_id                         final 
_refine_hist.pdbx_refine_id                   'X-RAY DIFFRACTION' 
_refine_hist.d_res_high                       1.6200 
_refine_hist.d_res_low                        69.7300 
_refine_hist.pdbx_number_atoms_ligand         50 
_refine_hist.number_atoms_solvent             217 
_refine_hist.number_atoms_total               1351 
_refine_hist.pdbx_number_residues_total       130 
_refine_hist.pdbx_B_iso_mean_ligand           50.18 
_refine_hist.pdbx_B_iso_mean_solvent          40.40 
_refine_hist.pdbx_number_atoms_protein        1084 
_refine_hist.pdbx_number_atoms_nucleic_acid   0 
# 
loop_
_refine_ls_restr.pdbx_refine_id 
_refine_ls_restr.type 
_refine_ls_restr.number 
_refine_ls_restr.dev_ideal 
_refine_ls_restr.dev_ideal_target 
_refine_ls_restr.weight 
_refine_ls_restr.pdbx_restraint_function 
'X-RAY DIFFRACTION' r_bond_refined_d       2786 0.011  0.016  ? ? 
'X-RAY DIFFRACTION' r_bond_other_d         1690 0.001  0.017  ? ? 
'X-RAY DIFFRACTION' r_angle_refined_deg    2681 1.756  1.747  ? ? 
'X-RAY DIFFRACTION' r_angle_other_deg      3994 1.416  1.659  ? ? 
'X-RAY DIFFRACTION' r_dihedral_angle_1_deg 254  4.504  5.000  ? ? 
'X-RAY DIFFRACTION' r_dihedral_angle_2_deg 116  28.477 22.328 ? ? 
'X-RAY DIFFRACTION' r_dihedral_angle_3_deg 331  14.259 15.000 ? ? 
'X-RAY DIFFRACTION' r_dihedral_angle_4_deg 19   15.381 15.000 ? ? 
'X-RAY DIFFRACTION' r_chiral_restr         244  0.095  0.200  ? ? 
'X-RAY DIFFRACTION' r_gen_planes_refined   2341 0.008  0.020  ? ? 
'X-RAY DIFFRACTION' r_gen_planes_other     402  0.002  0.020  ? ? 
'X-RAY DIFFRACTION' r_mcbond_it            1239 1.868  3.087  ? ? 
'X-RAY DIFFRACTION' r_mcbond_other         1193 1.886  3.040  ? ? 
'X-RAY DIFFRACTION' r_mcangle_it           1162 3.262  4.157  ? ? 
# 
_refine_ls_shell.d_res_high                       1.6200 
_refine_ls_shell.d_res_low                        1.6620 
_refine_ls_shell.pdbx_total_number_of_bins_used   20 
_refine_ls_shell.percent_reflns_obs               99.9200 
_refine_ls_shell.number_reflns_R_work             2367 
_refine_ls_shell.R_factor_all                     ? 
_refine_ls_shell.R_factor_R_work                  0.2900 
_refine_ls_shell.R_factor_R_free                  0.3430 
_refine_ls_shell.percent_reflns_R_free            ? 
_refine_ls_shell.number_reflns_R_free             129 
_refine_ls_shell.R_factor_R_free_error            ? 
_refine_ls_shell.number_reflns_all                2496 
_refine_ls_shell.number_reflns_obs                ? 
_refine_ls_shell.pdbx_refine_id                   'X-RAY DIFFRACTION' 
# 
_struct.entry_id                  5QXS 
_struct.title                     'PanDDA analysis group deposition -- Crystal Structure of ATAD2 in complex with DF852' 
_struct.pdbx_model_details        ? 
_struct.pdbx_CASP_flag            ? 
_struct.pdbx_model_type_details   ? 
# 
_struct_keywords.entry_id        5QXS 
_struct_keywords.text            
'SGC - Diamond I04-1 fragment screening, PanDDA, XChemExplorer, HYDROLASE-HYDROLASE INHIBITOR complex' 
_struct_keywords.pdbx_keywords   'HYDROLASE/HYDROLASE INHIBITOR' 
# 
loop_
_struct_asym.id 
_struct_asym.pdbx_blank_PDB_chainid_flag 
_struct_asym.pdbx_modified 
_struct_asym.entity_id 
_struct_asym.details 
A N N 1 ? 
B N N 2 ? 
C N N 2 ? 
D N N 3 ? 
E N N 3 ? 
F N N 4 ? 
G N N 4 ? 
H N N 5 ? 
# 
_struct_ref.id                         1 
_struct_ref.db_name                    UNP 
_struct_ref.db_code                    ATAD2_HUMAN 
_struct_ref.pdbx_db_accession          Q6PL18 
_struct_ref.pdbx_db_isoform            ? 
_struct_ref.entity_id                  1 
_struct_ref.pdbx_seq_one_letter_code   
;QEEDTFRELRIFLRNVTHRLAIDKRFRVFTKPVDPDEVPDYVTVIKQPMDLSSVISKIDLHKYLTVKDYLRDIDLICSNA
LEYNPDRDPGDRLIRHRACALRDTAYAIIKEELDEDFEQLCEEIQESR
;
_struct_ref.pdbx_align_begin           981 
# 
_struct_ref_seq.align_id                      1 
_struct_ref_seq.ref_id                        1 
_struct_ref_seq.pdbx_PDB_id_code              5QXS 
_struct_ref_seq.pdbx_strand_id                A 
_struct_ref_seq.seq_align_beg                 3 
_struct_ref_seq.pdbx_seq_align_beg_ins_code   ? 
_struct_ref_seq.seq_align_end                 130 
_struct_ref_seq.pdbx_seq_align_end_ins_code   ? 
_struct_ref_seq.pdbx_db_accession             Q6PL18 
_struct_ref_seq.db_align_beg                  981 
_struct_ref_seq.pdbx_db_align_beg_ins_code    ? 
_struct_ref_seq.db_align_end                  1108 
_struct_ref_seq.pdbx_db_align_end_ins_code    ? 
_struct_ref_seq.pdbx_auth_seq_align_beg       981 
_struct_ref_seq.pdbx_auth_seq_align_end       1108 
# 
loop_
_struct_ref_seq_dif.align_id 
_struct_ref_seq_dif.pdbx_pdb_id_code 
_struct_ref_seq_dif.mon_id 
_struct_ref_seq_dif.pdbx_pdb_strand_id 
_struct_ref_seq_dif.seq_num 
_struct_ref_seq_dif.pdbx_pdb_ins_code 
_struct_ref_seq_dif.pdbx_seq_db_name 
_struct_ref_seq_dif.pdbx_seq_db_accession_code 
_struct_ref_seq_dif.db_mon_id 
_struct_ref_seq_dif.pdbx_seq_db_seq_num 
_struct_ref_seq_dif.details 
_struct_ref_seq_dif.pdbx_auth_seq_num 
_struct_ref_seq_dif.pdbx_ordinal 
1 5QXS SER A 1  ? UNP Q6PL18 ?   ?    'expression tag' 979  1 
1 5QXS MET A 2  ? UNP Q6PL18 ?   ?    'expression tag' 980  2 
1 5QXS ARG A 44 ? UNP Q6PL18 VAL 1022 conflict         1022 3 
1 5QXS GLU A 49 ? UNP Q6PL18 GLN 1027 conflict         1027 4 
# 
_pdbx_struct_assembly.id                   1 
_pdbx_struct_assembly.details              author_and_software_defined_assembly 
_pdbx_struct_assembly.method_details       PISA 
_pdbx_struct_assembly.oligomeric_details   monomeric 
_pdbx_struct_assembly.oligomeric_count     1 
# 
_pdbx_struct_assembly_gen.assembly_id       1 
_pdbx_struct_assembly_gen.oper_expression   1 
_pdbx_struct_assembly_gen.asym_id_list      A,B,C,D,E,F,G,H 
# 
_pdbx_struct_oper_list.id                   1 
_pdbx_struct_oper_list.type                 'identity operation' 
_pdbx_struct_oper_list.name                 1_555 
_pdbx_struct_oper_list.symmetry_operation   x,y,z 
_pdbx_struct_oper_list.matrix[1][1]         1.0000000000 
_pdbx_struct_oper_list.matrix[1][2]         0.0000000000 
_pdbx_struct_oper_list.matrix[1][3]         0.0000000000 
_pdbx_struct_oper_list.vector[1]            0.0000000000 
_pdbx_struct_oper_list.matrix[2][1]         0.0000000000 
_pdbx_struct_oper_list.matrix[2][2]         1.0000000000 
_pdbx_struct_oper_list.matrix[2][3]         0.0000000000 
_pdbx_struct_oper_list.vector[2]            0.0000000000 
_pdbx_struct_oper_list.matrix[3][1]         0.0000000000 
_pdbx_struct_oper_list.matrix[3][2]         0.0000000000 
_pdbx_struct_oper_list.matrix[3][3]         1.0000000000 
_pdbx_struct_oper_list.vector[3]            0.0000000000 
# 
loop_
_struct_conf.conf_type_id 
_struct_conf.id 
_struct_conf.pdbx_PDB_helix_id 
_struct_conf.beg_label_comp_id 
_struct_conf.beg_label_asym_id 
_struct_conf.beg_label_seq_id 
_struct_conf.pdbx_beg_PDB_ins_code 
_struct_conf.end_label_comp_id 
_struct_conf.end_label_asym_id 
_struct_conf.end_label_seq_id 
_struct_conf.pdbx_end_PDB_ins_code 
_struct_conf.beg_auth_comp_id 
_struct_conf.beg_auth_asym_id 
_struct_conf.beg_auth_seq_id 
_struct_conf.end_auth_comp_id 
_struct_conf.end_auth_asym_id 
_struct_conf.end_auth_seq_id 
_struct_conf.pdbx_PDB_helix_class 
_struct_conf.details 
_struct_conf.pdbx_PDB_helix_length 
HELX_P HELX_P1 AA1 SER A 1   ? ILE A 24  ? SER A 979  ILE A 1002 1 ? 24 
HELX_P HELX_P2 AA2 ASP A 25  ? THR A 32  ? ASP A 1003 THR A 1010 5 ? 8  
HELX_P HELX_P3 AA3 ASP A 42  ? ILE A 47  ? ASP A 1020 ILE A 1025 1 ? 6  
HELX_P HELX_P4 AA4 ASP A 52  ? LEU A 62  ? ASP A 1030 LEU A 1040 1 ? 11 
HELX_P HELX_P5 AA5 THR A 67  ? ASN A 86  ? THR A 1045 ASN A 1064 1 ? 20 
HELX_P HELX_P6 AA6 ASP A 90  ? LEU A 115 ? ASP A 1068 LEU A 1093 1 ? 26 
HELX_P HELX_P7 AA7 ASP A 116 ? SER A 129 ? ASP A 1094 SER A 1107 1 ? 14 
# 
_struct_conf_type.id          HELX_P 
_struct_conf_type.criteria    ? 
_struct_conf_type.reference   ? 
# 
loop_
_struct_site.id 
_struct_site.pdbx_evidence_code 
_struct_site.pdbx_auth_asym_id 
_struct_site.pdbx_auth_comp_id 
_struct_site.pdbx_auth_seq_id 
_struct_site.pdbx_auth_ins_code 
_struct_site.pdbx_num_residues 
_struct_site.details 
AC1 Software A RJ4 1201 ? 6 'binding site for residue RJ4 A 1201' 
AC2 Software A RJ4 1202 ? 5 'binding site for residue RJ4 A 1202' 
AC3 Software A SO4 1203 ? 9 'binding site for residue SO4 A 1203' 
AC4 Software A SO4 1204 ? 7 'binding site for residue SO4 A 1204' 
AC5 Software A EDO 1205 ? 4 'binding site for residue EDO A 1205' 
AC6 Software A EDO 1206 ? 5 'binding site for residue EDO A 1206' 
# 
loop_
_struct_site_gen.id 
_struct_site_gen.site_id 
_struct_site_gen.pdbx_num_res 
_struct_site_gen.label_comp_id 
_struct_site_gen.label_asym_id 
_struct_site_gen.label_seq_id 
_struct_site_gen.pdbx_auth_ins_code 
_struct_site_gen.auth_comp_id 
_struct_site_gen.auth_asym_id 
_struct_site_gen.auth_seq_id 
_struct_site_gen.label_atom_id 
_struct_site_gen.label_alt_id 
_struct_site_gen.symmetry 
_struct_site_gen.details 
1  AC1 6 HIS A 20  ? HIS A 998  . ? 10_665 ? 
2  AC1 6 GLU A 113 ? GLU A 1091 . ? 1_555  ? 
3  AC1 6 GLU A 114 ? GLU A 1092 . ? 1_555  ? 
4  AC1 6 LEU A 115 ? LEU A 1093 . ? 1_555  ? 
5  AC1 6 ASP A 116 ? ASP A 1094 . ? 1_555  ? 
6  AC1 6 GLU A 117 ? GLU A 1095 . ? 1_555  ? 
7  AC2 5 GLU A 39  ? GLU A 1017 . ? 1_555  ? 
8  AC2 5 VAL A 40  ? VAL A 1018 . ? 1_555  ? 
9  AC2 5 ASN A 86  ? ASN A 1064 . ? 1_555  ? 
10 AC2 5 ILE A 96  ? ILE A 1074 . ? 1_555  ? 
11 AC2 5 HOH H .   ? HOH A 1318 . ? 1_555  ? 
12 AC3 9 ARG A 9   ? ARG A 987  . ? 6_654  ? 
13 AC3 9 ARG A 12  ? ARG A 990  . ? 6_654  ? 
14 AC3 9 ARG A 16  ? ARG A 994  . ? 6_654  ? 
15 AC3 9 ARG A 89  ? ARG A 1067 . ? 1_555  ? 
16 AC3 9 ARG A 94  ? ARG A 1072 . ? 1_555  ? 
17 AC3 9 HOH H .   ? HOH A 1302 . ? 1_555  ? 
18 AC3 9 HOH H .   ? HOH A 1372 . ? 1_555  ? 
19 AC3 9 HOH H .   ? HOH A 1405 . ? 1_555  ? 
20 AC3 9 HOH H .   ? HOH A 1438 . ? 1_555  ? 
21 AC4 7 LYS A 64  ? LYS A 1042 . ? 12_564 ? 
22 AC4 7 LYS A 64  ? LYS A 1042 . ? 1_555  ? 
23 AC4 7 HOH H .   ? HOH A 1325 . ? 1_555  ? 
24 AC4 7 HOH H .   ? HOH A 1325 . ? 12_564 ? 
25 AC4 7 HOH H .   ? HOH A 1333 . ? 12_564 ? 
26 AC4 7 HOH H .   ? HOH A 1333 . ? 1_555  ? 
27 AC4 7 HOH H .   ? HOH A 1403 . ? 1_555  ? 
28 AC5 4 GLU A 10  ? GLU A 988  . ? 1_555  ? 
29 AC5 4 ASP A 116 ? ASP A 1094 . ? 1_555  ? 
30 AC5 4 HOH H .   ? HOH A 1383 . ? 1_555  ? 
31 AC5 4 HOH H .   ? HOH A 1414 . ? 1_555  ? 
32 AC6 5 PRO A 50  ? PRO A 1028 . ? 12_564 ? 
33 AC6 5 SER A 58  ? SER A 1036 . ? 1_555  ? 
34 AC6 5 HOH H .   ? HOH A 1350 . ? 1_555  ? 
35 AC6 5 HOH H .   ? HOH A 1351 . ? 1_555  ? 
36 AC6 5 HOH H .   ? HOH A 1415 . ? 1_555  ? 
# 
loop_
_pdbx_validate_rmsd_bond.id 
_pdbx_validate_rmsd_bond.PDB_model_num 
_pdbx_validate_rmsd_bond.auth_atom_id_1 
_pdbx_validate_rmsd_bond.auth_asym_id_1 
_pdbx_validate_rmsd_bond.auth_comp_id_1 
_pdbx_validate_rmsd_bond.auth_seq_id_1 
_pdbx_validate_rmsd_bond.PDB_ins_code_1 
_pdbx_validate_rmsd_bond.label_alt_id_1 
_pdbx_validate_rmsd_bond.auth_atom_id_2 
_pdbx_validate_rmsd_bond.auth_asym_id_2 
_pdbx_validate_rmsd_bond.auth_comp_id_2 
_pdbx_validate_rmsd_bond.auth_seq_id_2 
_pdbx_validate_rmsd_bond.PDB_ins_code_2 
_pdbx_validate_rmsd_bond.label_alt_id_2 
_pdbx_validate_rmsd_bond.bond_value 
_pdbx_validate_rmsd_bond.bond_target_value 
_pdbx_validate_rmsd_bond.bond_deviation 
_pdbx_validate_rmsd_bond.bond_standard_deviation 
_pdbx_validate_rmsd_bond.linker_flag 
1 1 CD A GLU 1027 ? ? OE2 A GLU 1027 ? ? 1.321 1.252 0.069 0.011 N 
2 1 CD A GLU 1102 ? ? OE2 A GLU 1102 ? ? 1.371 1.252 0.119 0.011 N 
# 
loop_
_pdbx_validate_rmsd_angle.id 
_pdbx_validate_rmsd_angle.PDB_model_num 
_pdbx_validate_rmsd_angle.auth_atom_id_1 
_pdbx_validate_rmsd_angle.auth_asym_id_1 
_pdbx_validate_rmsd_angle.auth_comp_id_1 
_pdbx_validate_rmsd_angle.auth_seq_id_1 
_pdbx_validate_rmsd_angle.PDB_ins_code_1 
_pdbx_validate_rmsd_angle.label_alt_id_1 
_pdbx_validate_rmsd_angle.auth_atom_id_2 
_pdbx_validate_rmsd_angle.auth_asym_id_2 
_pdbx_validate_rmsd_angle.auth_comp_id_2 
_pdbx_validate_rmsd_angle.auth_seq_id_2 
_pdbx_validate_rmsd_angle.PDB_ins_code_2 
_pdbx_validate_rmsd_angle.label_alt_id_2 
_pdbx_validate_rmsd_angle.auth_atom_id_3 
_pdbx_validate_rmsd_angle.auth_asym_id_3 
_pdbx_validate_rmsd_angle.auth_comp_id_3 
_pdbx_validate_rmsd_angle.auth_seq_id_3 
_pdbx_validate_rmsd_angle.PDB_ins_code_3 
_pdbx_validate_rmsd_angle.label_alt_id_3 
_pdbx_validate_rmsd_angle.angle_value 
_pdbx_validate_rmsd_angle.angle_target_value 
_pdbx_validate_rmsd_angle.angle_deviation 
_pdbx_validate_rmsd_angle.angle_standard_deviation 
_pdbx_validate_rmsd_angle.linker_flag 
1 1 NE A ARG 987  ? B CZ A ARG 987  ? B NH1 A ARG 987  ? B 116.76 120.30 -3.54 0.50 N 
2 1 NE A ARG 1067 ? ? CZ A ARG 1067 ? ? NH2 A ARG 1067 ? ? 116.92 120.30 -3.38 0.50 N 
# 
loop_
_pdbx_struct_special_symmetry.id 
_pdbx_struct_special_symmetry.PDB_model_num 
_pdbx_struct_special_symmetry.auth_asym_id 
_pdbx_struct_special_symmetry.auth_comp_id 
_pdbx_struct_special_symmetry.auth_seq_id 
_pdbx_struct_special_symmetry.PDB_ins_code 
_pdbx_struct_special_symmetry.label_asym_id 
_pdbx_struct_special_symmetry.label_comp_id 
_pdbx_struct_special_symmetry.label_seq_id 
1 1 A SO4 1204 ? E SO4 . 
2 1 A HOH 1327 ? H HOH . 
# 
_phasing.method   MR 
# 
_pdbx_entry_details.entry_id                 5QXS 
_pdbx_entry_details.has_ligand_of_interest   Y 
_pdbx_entry_details.compound_details         ? 
_pdbx_entry_details.source_details           ? 
_pdbx_entry_details.nonpolymer_details       ? 
_pdbx_entry_details.sequence_details         ? 
# 
loop_
_chem_comp_atom.comp_id 
_chem_comp_atom.atom_id 
_chem_comp_atom.type_symbol 
_chem_comp_atom.pdbx_aromatic_flag 
_chem_comp_atom.pdbx_stereo_config 
_chem_comp_atom.pdbx_ordinal 
ALA N    N N N 1   
ALA CA   C N S 2   
ALA C    C N N 3   
ALA O    O N N 4   
ALA CB   C N N 5   
ALA OXT  O N N 6   
ALA H    H N N 7   
ALA H2   H N N 8   
ALA HA   H N N 9   
ALA HB1  H N N 10  
ALA HB2  H N N 11  
ALA HB3  H N N 12  
ALA HXT  H N N 13  
ARG N    N N N 14  
ARG CA   C N S 15  
ARG C    C N N 16  
ARG O    O N N 17  
ARG CB   C N N 18  
ARG CG   C N N 19  
ARG CD   C N N 20  
ARG NE   N N N 21  
ARG CZ   C N N 22  
ARG NH1  N N N 23  
ARG NH2  N N N 24  
ARG OXT  O N N 25  
ARG H    H N N 26  
ARG H2   H N N 27  
ARG HA   H N N 28  
ARG HB2  H N N 29  
ARG HB3  H N N 30  
ARG HG2  H N N 31  
ARG HG3  H N N 32  
ARG HD2  H N N 33  
ARG HD3  H N N 34  
ARG HE   H N N 35  
ARG HH11 H N N 36  
ARG HH12 H N N 37  
ARG HH21 H N N 38  
ARG HH22 H N N 39  
ARG HXT  H N N 40  
ASN N    N N N 41  
ASN CA   C N S 42  
ASN C    C N N 43  
ASN O    O N N 44  
ASN CB   C N N 45  
ASN CG   C N N 46  
ASN OD1  O N N 47  
ASN ND2  N N N 48  
ASN OXT  O N N 49  
ASN H    H N N 50  
ASN H2   H N N 51  
ASN HA   H N N 52  
ASN HB2  H N N 53  
ASN HB3  H N N 54  
ASN HD21 H N N 55  
ASN HD22 H N N 56  
ASN HXT  H N N 57  
ASP N    N N N 58  
ASP CA   C N S 59  
ASP C    C N N 60  
ASP O    O N N 61  
ASP CB   C N N 62  
ASP CG   C N N 63  
ASP OD1  O N N 64  
ASP OD2  O N N 65  
ASP OXT  O N N 66  
ASP H    H N N 67  
ASP H2   H N N 68  
ASP HA   H N N 69  
ASP HB2  H N N 70  
ASP HB3  H N N 71  
ASP HD2  H N N 72  
ASP HXT  H N N 73  
CYS N    N N N 74  
CYS CA   C N R 75  
CYS C    C N N 76  
CYS O    O N N 77  
CYS CB   C N N 78  
CYS SG   S N N 79  
CYS OXT  O N N 80  
CYS H    H N N 81  
CYS H2   H N N 82  
CYS HA   H N N 83  
CYS HB2  H N N 84  
CYS HB3  H N N 85  
CYS HG   H N N 86  
CYS HXT  H N N 87  
EDO C1   C N N 88  
EDO O1   O N N 89  
EDO C2   C N N 90  
EDO O2   O N N 91  
EDO H11  H N N 92  
EDO H12  H N N 93  
EDO HO1  H N N 94  
EDO H21  H N N 95  
EDO H22  H N N 96  
EDO HO2  H N N 97  
GLN N    N N N 98  
GLN CA   C N S 99  
GLN C    C N N 100 
GLN O    O N N 101 
GLN CB   C N N 102 
GLN CG   C N N 103 
GLN CD   C N N 104 
GLN OE1  O N N 105 
GLN NE2  N N N 106 
GLN OXT  O N N 107 
GLN H    H N N 108 
GLN H2   H N N 109 
GLN HA   H N N 110 
GLN HB2  H N N 111 
GLN HB3  H N N 112 
GLN HG2  H N N 113 
GLN HG3  H N N 114 
GLN HE21 H N N 115 
GLN HE22 H N N 116 
GLN HXT  H N N 117 
GLU N    N N N 118 
GLU CA   C N S 119 
GLU C    C N N 120 
GLU O    O N N 121 
GLU CB   C N N 122 
GLU CG   C N N 123 
GLU CD   C N N 124 
GLU OE1  O N N 125 
GLU OE2  O N N 126 
GLU OXT  O N N 127 
GLU H    H N N 128 
GLU H2   H N N 129 
GLU HA   H N N 130 
GLU HB2  H N N 131 
GLU HB3  H N N 132 
GLU HG2  H N N 133 
GLU HG3  H N N 134 
GLU HE2  H N N 135 
GLU HXT  H N N 136 
GLY N    N N N 137 
GLY CA   C N N 138 
GLY C    C N N 139 
GLY O    O N N 140 
GLY OXT  O N N 141 
GLY H    H N N 142 
GLY H2   H N N 143 
GLY HA2  H N N 144 
GLY HA3  H N N 145 
GLY HXT  H N N 146 
HIS N    N N N 147 
HIS CA   C N S 148 
HIS C    C N N 149 
HIS O    O N N 150 
HIS CB   C N N 151 
HIS CG   C Y N 152 
HIS ND1  N Y N 153 
HIS CD2  C Y N 154 
HIS CE1  C Y N 155 
HIS NE2  N Y N 156 
HIS OXT  O N N 157 
HIS H    H N N 158 
HIS H2   H N N 159 
HIS HA   H N N 160 
HIS HB2  H N N 161 
HIS HB3  H N N 162 
HIS HD1  H N N 163 
HIS HD2  H N N 164 
HIS HE1  H N N 165 
HIS HE2  H N N 166 
HIS HXT  H N N 167 
HOH O    O N N 168 
HOH H1   H N N 169 
HOH H2   H N N 170 
ILE N    N N N 171 
ILE CA   C N S 172 
ILE C    C N N 173 
ILE O    O N N 174 
ILE CB   C N S 175 
ILE CG1  C N N 176 
ILE CG2  C N N 177 
ILE CD1  C N N 178 
ILE OXT  O N N 179 
ILE H    H N N 180 
ILE H2   H N N 181 
ILE HA   H N N 182 
ILE HB   H N N 183 
ILE HG12 H N N 184 
ILE HG13 H N N 185 
ILE HG21 H N N 186 
ILE HG22 H N N 187 
ILE HG23 H N N 188 
ILE HD11 H N N 189 
ILE HD12 H N N 190 
ILE HD13 H N N 191 
ILE HXT  H N N 192 
LEU N    N N N 193 
LEU CA   C N S 194 
LEU C    C N N 195 
LEU O    O N N 196 
LEU CB   C N N 197 
LEU CG   C N N 198 
LEU CD1  C N N 199 
LEU CD2  C N N 200 
LEU OXT  O N N 201 
LEU H    H N N 202 
LEU H2   H N N 203 
LEU HA   H N N 204 
LEU HB2  H N N 205 
LEU HB3  H N N 206 
LEU HG   H N N 207 
LEU HD11 H N N 208 
LEU HD12 H N N 209 
LEU HD13 H N N 210 
LEU HD21 H N N 211 
LEU HD22 H N N 212 
LEU HD23 H N N 213 
LEU HXT  H N N 214 
LYS N    N N N 215 
LYS CA   C N S 216 
LYS C    C N N 217 
LYS O    O N N 218 
LYS CB   C N N 219 
LYS CG   C N N 220 
LYS CD   C N N 221 
LYS CE   C N N 222 
LYS NZ   N N N 223 
LYS OXT  O N N 224 
LYS H    H N N 225 
LYS H2   H N N 226 
LYS HA   H N N 227 
LYS HB2  H N N 228 
LYS HB3  H N N 229 
LYS HG2  H N N 230 
LYS HG3  H N N 231 
LYS HD2  H N N 232 
LYS HD3  H N N 233 
LYS HE2  H N N 234 
LYS HE3  H N N 235 
LYS HZ1  H N N 236 
LYS HZ2  H N N 237 
LYS HZ3  H N N 238 
LYS HXT  H N N 239 
MET N    N N N 240 
MET CA   C N S 241 
MET C    C N N 242 
MET O    O N N 243 
MET CB   C N N 244 
MET CG   C N N 245 
MET SD   S N N 246 
MET CE   C N N 247 
MET OXT  O N N 248 
MET H    H N N 249 
MET H2   H N N 250 
MET HA   H N N 251 
MET HB2  H N N 252 
MET HB3  H N N 253 
MET HG2  H N N 254 
MET HG3  H N N 255 
MET HE1  H N N 256 
MET HE2  H N N 257 
MET HE3  H N N 258 
MET HXT  H N N 259 
PHE N    N N N 260 
PHE CA   C N S 261 
PHE C    C N N 262 
PHE O    O N N 263 
PHE CB   C N N 264 
PHE CG   C Y N 265 
PHE CD1  C Y N 266 
PHE CD2  C Y N 267 
PHE CE1  C Y N 268 
PHE CE2  C Y N 269 
PHE CZ   C Y N 270 
PHE OXT  O N N 271 
PHE H    H N N 272 
PHE H2   H N N 273 
PHE HA   H N N 274 
PHE HB2  H N N 275 
PHE HB3  H N N 276 
PHE HD1  H N N 277 
PHE HD2  H N N 278 
PHE HE1  H N N 279 
PHE HE2  H N N 280 
PHE HZ   H N N 281 
PHE HXT  H N N 282 
PRO N    N N N 283 
PRO CA   C N S 284 
PRO C    C N N 285 
PRO O    O N N 286 
PRO CB   C N N 287 
PRO CG   C N N 288 
PRO CD   C N N 289 
PRO OXT  O N N 290 
PRO H    H N N 291 
PRO HA   H N N 292 
PRO HB2  H N N 293 
PRO HB3  H N N 294 
PRO HG2  H N N 295 
PRO HG3  H N N 296 
PRO HD2  H N N 297 
PRO HD3  H N N 298 
PRO HXT  H N N 299 
RJ4 C10  C N N 300 
RJ4 N12  N Y N 301 
RJ4 C13  C Y N 302 
RJ4 C15  C Y N 303 
RJ4 C02  C N N 304 
RJ4 C04  C N N 305 
RJ4 C05  C N R 306 
RJ4 C06  C N N 307 
RJ4 C07  C N R 308 
RJ4 C09  C N R 309 
RJ4 C11  C Y N 310 
RJ4 C16  C N N 311 
RJ4 N03  N N N 312 
RJ4 N14  N Y N 313 
RJ4 O01  O N N 314 
RJ4 O08  O N N 315 
RJ4 H1   H N N 316 
RJ4 H2   H N N 317 
RJ4 H3   H N N 318 
RJ4 H4   H N N 319 
RJ4 H5   H N N 320 
RJ4 H6   H N N 321 
RJ4 H7   H N N 322 
RJ4 H8   H N N 323 
RJ4 H9   H N N 324 
RJ4 H10  H N N 325 
RJ4 H11  H N N 326 
RJ4 H12  H N N 327 
RJ4 H13  H N N 328 
SER N    N N N 329 
SER CA   C N S 330 
SER C    C N N 331 
SER O    O N N 332 
SER CB   C N N 333 
SER OG   O N N 334 
SER OXT  O N N 335 
SER H    H N N 336 
SER H2   H N N 337 
SER HA   H N N 338 
SER HB2  H N N 339 
SER HB3  H N N 340 
SER HG   H N N 341 
SER HXT  H N N 342 
SO4 S    S N N 343 
SO4 O1   O N N 344 
SO4 O2   O N N 345 
SO4 O3   O N N 346 
SO4 O4   O N N 347 
THR N    N N N 348 
THR CA   C N S 349 
THR C    C N N 350 
THR O    O N N 351 
THR CB   C N R 352 
THR OG1  O N N 353 
THR CG2  C N N 354 
THR OXT  O N N 355 
THR H    H N N 356 
THR H2   H N N 357 
THR HA   H N N 358 
THR HB   H N N 359 
THR HG1  H N N 360 
THR HG21 H N N 361 
THR HG22 H N N 362 
THR HG23 H N N 363 
THR HXT  H N N 364 
TYR N    N N N 365 
TYR CA   C N S 366 
TYR C    C N N 367 
TYR O    O N N 368 
TYR CB   C N N 369 
TYR CG   C Y N 370 
TYR CD1  C Y N 371 
TYR CD2  C Y N 372 
TYR CE1  C Y N 373 
TYR CE2  C Y N 374 
TYR CZ   C Y N 375 
TYR OH   O N N 376 
TYR OXT  O N N 377 
TYR H    H N N 378 
TYR H2   H N N 379 
TYR HA   H N N 380 
TYR HB2  H N N 381 
TYR HB3  H N N 382 
TYR HD1  H N N 383 
TYR HD2  H N N 384 
TYR HE1  H N N 385 
TYR HE2  H N N 386 
TYR HH   H N N 387 
TYR HXT  H N N 388 
VAL N    N N N 389 
VAL CA   C N S 390 
VAL C    C N N 391 
VAL O    O N N 392 
VAL CB   C N N 393 
VAL CG1  C N N 394 
VAL CG2  C N N 395 
VAL OXT  O N N 396 
VAL H    H N N 397 
VAL H2   H N N 398 
VAL HA   H N N 399 
VAL HB   H N N 400 
VAL HG11 H N N 401 
VAL HG12 H N N 402 
VAL HG13 H N N 403 
VAL HG21 H N N 404 
VAL HG22 H N N 405 
VAL HG23 H N N 406 
VAL HXT  H N N 407 
# 
loop_
_chem_comp_bond.comp_id 
_chem_comp_bond.atom_id_1 
_chem_comp_bond.atom_id_2 
_chem_comp_bond.value_order 
_chem_comp_bond.pdbx_aromatic_flag 
_chem_comp_bond.pdbx_stereo_config 
_chem_comp_bond.pdbx_ordinal 
ALA N   CA   sing N N 1   
ALA N   H    sing N N 2   
ALA N   H2   sing N N 3   
ALA CA  C    sing N N 4   
ALA CA  CB   sing N N 5   
ALA CA  HA   sing N N 6   
ALA C   O    doub N N 7   
ALA C   OXT  sing N N 8   
ALA CB  HB1  sing N N 9   
ALA CB  HB2  sing N N 10  
ALA CB  HB3  sing N N 11  
ALA OXT HXT  sing N N 12  
ARG N   CA   sing N N 13  
ARG N   H    sing N N 14  
ARG N   H2   sing N N 15  
ARG CA  C    sing N N 16  
ARG CA  CB   sing N N 17  
ARG CA  HA   sing N N 18  
ARG C   O    doub N N 19  
ARG C   OXT  sing N N 20  
ARG CB  CG   sing N N 21  
ARG CB  HB2  sing N N 22  
ARG CB  HB3  sing N N 23  
ARG CG  CD   sing N N 24  
ARG CG  HG2  sing N N 25  
ARG CG  HG3  sing N N 26  
ARG CD  NE   sing N N 27  
ARG CD  HD2  sing N N 28  
ARG CD  HD3  sing N N 29  
ARG NE  CZ   sing N N 30  
ARG NE  HE   sing N N 31  
ARG CZ  NH1  sing N N 32  
ARG CZ  NH2  doub N N 33  
ARG NH1 HH11 sing N N 34  
ARG NH1 HH12 sing N N 35  
ARG NH2 HH21 sing N N 36  
ARG NH2 HH22 sing N N 37  
ARG OXT HXT  sing N N 38  
ASN N   CA   sing N N 39  
ASN N   H    sing N N 40  
ASN N   H2   sing N N 41  
ASN CA  C    sing N N 42  
ASN CA  CB   sing N N 43  
ASN CA  HA   sing N N 44  
ASN C   O    doub N N 45  
ASN C   OXT  sing N N 46  
ASN CB  CG   sing N N 47  
ASN CB  HB2  sing N N 48  
ASN CB  HB3  sing N N 49  
ASN CG  OD1  doub N N 50  
ASN CG  ND2  sing N N 51  
ASN ND2 HD21 sing N N 52  
ASN ND2 HD22 sing N N 53  
ASN OXT HXT  sing N N 54  
ASP N   CA   sing N N 55  
ASP N   H    sing N N 56  
ASP N   H2   sing N N 57  
ASP CA  C    sing N N 58  
ASP CA  CB   sing N N 59  
ASP CA  HA   sing N N 60  
ASP C   O    doub N N 61  
ASP C   OXT  sing N N 62  
ASP CB  CG   sing N N 63  
ASP CB  HB2  sing N N 64  
ASP CB  HB3  sing N N 65  
ASP CG  OD1  doub N N 66  
ASP CG  OD2  sing N N 67  
ASP OD2 HD2  sing N N 68  
ASP OXT HXT  sing N N 69  
CYS N   CA   sing N N 70  
CYS N   H    sing N N 71  
CYS N   H2   sing N N 72  
CYS CA  C    sing N N 73  
CYS CA  CB   sing N N 74  
CYS CA  HA   sing N N 75  
CYS C   O    doub N N 76  
CYS C   OXT  sing N N 77  
CYS CB  SG   sing N N 78  
CYS CB  HB2  sing N N 79  
CYS CB  HB3  sing N N 80  
CYS SG  HG   sing N N 81  
CYS OXT HXT  sing N N 82  
EDO C1  O1   sing N N 83  
EDO C1  C2   sing N N 84  
EDO C1  H11  sing N N 85  
EDO C1  H12  sing N N 86  
EDO O1  HO1  sing N N 87  
EDO C2  O2   sing N N 88  
EDO C2  H21  sing N N 89  
EDO C2  H22  sing N N 90  
EDO O2  HO2  sing N N 91  
GLN N   CA   sing N N 92  
GLN N   H    sing N N 93  
GLN N   H2   sing N N 94  
GLN CA  C    sing N N 95  
GLN CA  CB   sing N N 96  
GLN CA  HA   sing N N 97  
GLN C   O    doub N N 98  
GLN C   OXT  sing N N 99  
GLN CB  CG   sing N N 100 
GLN CB  HB2  sing N N 101 
GLN CB  HB3  sing N N 102 
GLN CG  CD   sing N N 103 
GLN CG  HG2  sing N N 104 
GLN CG  HG3  sing N N 105 
GLN CD  OE1  doub N N 106 
GLN CD  NE2  sing N N 107 
GLN NE2 HE21 sing N N 108 
GLN NE2 HE22 sing N N 109 
GLN OXT HXT  sing N N 110 
GLU N   CA   sing N N 111 
GLU N   H    sing N N 112 
GLU N   H2   sing N N 113 
GLU CA  C    sing N N 114 
GLU CA  CB   sing N N 115 
GLU CA  HA   sing N N 116 
GLU C   O    doub N N 117 
GLU C   OXT  sing N N 118 
GLU CB  CG   sing N N 119 
GLU CB  HB2  sing N N 120 
GLU CB  HB3  sing N N 121 
GLU CG  CD   sing N N 122 
GLU CG  HG2  sing N N 123 
GLU CG  HG3  sing N N 124 
GLU CD  OE1  doub N N 125 
GLU CD  OE2  sing N N 126 
GLU OE2 HE2  sing N N 127 
GLU OXT HXT  sing N N 128 
GLY N   CA   sing N N 129 
GLY N   H    sing N N 130 
GLY N   H2   sing N N 131 
GLY CA  C    sing N N 132 
GLY CA  HA2  sing N N 133 
GLY CA  HA3  sing N N 134 
GLY C   O    doub N N 135 
GLY C   OXT  sing N N 136 
GLY OXT HXT  sing N N 137 
HIS N   CA   sing N N 138 
HIS N   H    sing N N 139 
HIS N   H2   sing N N 140 
HIS CA  C    sing N N 141 
HIS CA  CB   sing N N 142 
HIS CA  HA   sing N N 143 
HIS C   O    doub N N 144 
HIS C   OXT  sing N N 145 
HIS CB  CG   sing N N 146 
HIS CB  HB2  sing N N 147 
HIS CB  HB3  sing N N 148 
HIS CG  ND1  sing Y N 149 
HIS CG  CD2  doub Y N 150 
HIS ND1 CE1  doub Y N 151 
HIS ND1 HD1  sing N N 152 
HIS CD2 NE2  sing Y N 153 
HIS CD2 HD2  sing N N 154 
HIS CE1 NE2  sing Y N 155 
HIS CE1 HE1  sing N N 156 
HIS NE2 HE2  sing N N 157 
HIS OXT HXT  sing N N 158 
HOH O   H1   sing N N 159 
HOH O   H2   sing N N 160 
ILE N   CA   sing N N 161 
ILE N   H    sing N N 162 
ILE N   H2   sing N N 163 
ILE CA  C    sing N N 164 
ILE CA  CB   sing N N 165 
ILE CA  HA   sing N N 166 
ILE C   O    doub N N 167 
ILE C   OXT  sing N N 168 
ILE CB  CG1  sing N N 169 
ILE CB  CG2  sing N N 170 
ILE CB  HB   sing N N 171 
ILE CG1 CD1  sing N N 172 
ILE CG1 HG12 sing N N 173 
ILE CG1 HG13 sing N N 174 
ILE CG2 HG21 sing N N 175 
ILE CG2 HG22 sing N N 176 
ILE CG2 HG23 sing N N 177 
ILE CD1 HD11 sing N N 178 
ILE CD1 HD12 sing N N 179 
ILE CD1 HD13 sing N N 180 
ILE OXT HXT  sing N N 181 
LEU N   CA   sing N N 182 
LEU N   H    sing N N 183 
LEU N   H2   sing N N 184 
LEU CA  C    sing N N 185 
LEU CA  CB   sing N N 186 
LEU CA  HA   sing N N 187 
LEU C   O    doub N N 188 
LEU C   OXT  sing N N 189 
LEU CB  CG   sing N N 190 
LEU CB  HB2  sing N N 191 
LEU CB  HB3  sing N N 192 
LEU CG  CD1  sing N N 193 
LEU CG  CD2  sing N N 194 
LEU CG  HG   sing N N 195 
LEU CD1 HD11 sing N N 196 
LEU CD1 HD12 sing N N 197 
LEU CD1 HD13 sing N N 198 
LEU CD2 HD21 sing N N 199 
LEU CD2 HD22 sing N N 200 
LEU CD2 HD23 sing N N 201 
LEU OXT HXT  sing N N 202 
LYS N   CA   sing N N 203 
LYS N   H    sing N N 204 
LYS N   H2   sing N N 205 
LYS CA  C    sing N N 206 
LYS CA  CB   sing N N 207 
LYS CA  HA   sing N N 208 
LYS C   O    doub N N 209 
LYS C   OXT  sing N N 210 
LYS CB  CG   sing N N 211 
LYS CB  HB2  sing N N 212 
LYS CB  HB3  sing N N 213 
LYS CG  CD   sing N N 214 
LYS CG  HG2  sing N N 215 
LYS CG  HG3  sing N N 216 
LYS CD  CE   sing N N 217 
LYS CD  HD2  sing N N 218 
LYS CD  HD3  sing N N 219 
LYS CE  NZ   sing N N 220 
LYS CE  HE2  sing N N 221 
LYS CE  HE3  sing N N 222 
LYS NZ  HZ1  sing N N 223 
LYS NZ  HZ2  sing N N 224 
LYS NZ  HZ3  sing N N 225 
LYS OXT HXT  sing N N 226 
MET N   CA   sing N N 227 
MET N   H    sing N N 228 
MET N   H2   sing N N 229 
MET CA  C    sing N N 230 
MET CA  CB   sing N N 231 
MET CA  HA   sing N N 232 
MET C   O    doub N N 233 
MET C   OXT  sing N N 234 
MET CB  CG   sing N N 235 
MET CB  HB2  sing N N 236 
MET CB  HB3  sing N N 237 
MET CG  SD   sing N N 238 
MET CG  HG2  sing N N 239 
MET CG  HG3  sing N N 240 
MET SD  CE   sing N N 241 
MET CE  HE1  sing N N 242 
MET CE  HE2  sing N N 243 
MET CE  HE3  sing N N 244 
MET OXT HXT  sing N N 245 
PHE N   CA   sing N N 246 
PHE N   H    sing N N 247 
PHE N   H2   sing N N 248 
PHE CA  C    sing N N 249 
PHE CA  CB   sing N N 250 
PHE CA  HA   sing N N 251 
PHE C   O    doub N N 252 
PHE C   OXT  sing N N 253 
PHE CB  CG   sing N N 254 
PHE CB  HB2  sing N N 255 
PHE CB  HB3  sing N N 256 
PHE CG  CD1  doub Y N 257 
PHE CG  CD2  sing Y N 258 
PHE CD1 CE1  sing Y N 259 
PHE CD1 HD1  sing N N 260 
PHE CD2 CE2  doub Y N 261 
PHE CD2 HD2  sing N N 262 
PHE CE1 CZ   doub Y N 263 
PHE CE1 HE1  sing N N 264 
PHE CE2 CZ   sing Y N 265 
PHE CE2 HE2  sing N N 266 
PHE CZ  HZ   sing N N 267 
PHE OXT HXT  sing N N 268 
PRO N   CA   sing N N 269 
PRO N   CD   sing N N 270 
PRO N   H    sing N N 271 
PRO CA  C    sing N N 272 
PRO CA  CB   sing N N 273 
PRO CA  HA   sing N N 274 
PRO C   O    doub N N 275 
PRO C   OXT  sing N N 276 
PRO CB  CG   sing N N 277 
PRO CB  HB2  sing N N 278 
PRO CB  HB3  sing N N 279 
PRO CG  CD   sing N N 280 
PRO CG  HG2  sing N N 281 
PRO CG  HG3  sing N N 282 
PRO CD  HD2  sing N N 283 
PRO CD  HD3  sing N N 284 
PRO OXT HXT  sing N N 285 
RJ4 C06 C05  sing N N 286 
RJ4 C06 C07  sing N N 287 
RJ4 C04 C05  sing N N 288 
RJ4 C04 N03  sing N N 289 
RJ4 O01 C02  doub N N 290 
RJ4 C05 C09  sing N N 291 
RJ4 N14 C15  sing Y N 292 
RJ4 N14 C13  doub Y N 293 
RJ4 C07 C15  sing N N 294 
RJ4 C07 O08  sing N N 295 
RJ4 C15 C11  doub Y N 296 
RJ4 C13 N12  sing Y N 297 
RJ4 C02 N03  sing N N 298 
RJ4 N03 C16  sing N N 299 
RJ4 C11 N12  sing Y N 300 
RJ4 C11 C10  sing N N 301 
RJ4 C09 O08  sing N N 302 
RJ4 C09 C16  sing N N 303 
RJ4 C09 C10  sing N N 304 
RJ4 C10 H1   sing N N 305 
RJ4 C10 H2   sing N N 306 
RJ4 N12 H3   sing N N 307 
RJ4 C13 H4   sing N N 308 
RJ4 C02 H5   sing N N 309 
RJ4 C04 H6   sing N N 310 
RJ4 C04 H7   sing N N 311 
RJ4 C05 H8   sing N N 312 
RJ4 C06 H9   sing N N 313 
RJ4 C06 H10  sing N N 314 
RJ4 C07 H11  sing N N 315 
RJ4 C16 H12  sing N N 316 
RJ4 C16 H13  sing N N 317 
SER N   CA   sing N N 318 
SER N   H    sing N N 319 
SER N   H2   sing N N 320 
SER CA  C    sing N N 321 
SER CA  CB   sing N N 322 
SER CA  HA   sing N N 323 
SER C   O    doub N N 324 
SER C   OXT  sing N N 325 
SER CB  OG   sing N N 326 
SER CB  HB2  sing N N 327 
SER CB  HB3  sing N N 328 
SER OG  HG   sing N N 329 
SER OXT HXT  sing N N 330 
SO4 S   O1   doub N N 331 
SO4 S   O2   doub N N 332 
SO4 S   O3   sing N N 333 
SO4 S   O4   sing N N 334 
THR N   CA   sing N N 335 
THR N   H    sing N N 336 
THR N   H2   sing N N 337 
THR CA  C    sing N N 338 
THR CA  CB   sing N N 339 
THR CA  HA   sing N N 340 
THR C   O    doub N N 341 
THR C   OXT  sing N N 342 
THR CB  OG1  sing N N 343 
THR CB  CG2  sing N N 344 
THR CB  HB   sing N N 345 
THR OG1 HG1  sing N N 346 
THR CG2 HG21 sing N N 347 
THR CG2 HG22 sing N N 348 
THR CG2 HG23 sing N N 349 
THR OXT HXT  sing N N 350 
TYR N   CA   sing N N 351 
TYR N   H    sing N N 352 
TYR N   H2   sing N N 353 
TYR CA  C    sing N N 354 
TYR CA  CB   sing N N 355 
TYR CA  HA   sing N N 356 
TYR C   O    doub N N 357 
TYR C   OXT  sing N N 358 
TYR CB  CG   sing N N 359 
TYR CB  HB2  sing N N 360 
TYR CB  HB3  sing N N 361 
TYR CG  CD1  doub Y N 362 
TYR CG  CD2  sing Y N 363 
TYR CD1 CE1  sing Y N 364 
TYR CD1 HD1  sing N N 365 
TYR CD2 CE2  doub Y N 366 
TYR CD2 HD2  sing N N 367 
TYR CE1 CZ   doub Y N 368 
TYR CE1 HE1  sing N N 369 
TYR CE2 CZ   sing Y N 370 
TYR CE2 HE2  sing N N 371 
TYR CZ  OH   sing N N 372 
TYR OH  HH   sing N N 373 
TYR OXT HXT  sing N N 374 
VAL N   CA   sing N N 375 
VAL N   H    sing N N 376 
VAL N   H2   sing N N 377 
VAL CA  C    sing N N 378 
VAL CA  CB   sing N N 379 
VAL CA  HA   sing N N 380 
VAL C   O    doub N N 381 
VAL C   OXT  sing N N 382 
VAL CB  CG1  sing N N 383 
VAL CB  CG2  sing N N 384 
VAL CB  HB   sing N N 385 
VAL CG1 HG11 sing N N 386 
VAL CG1 HG12 sing N N 387 
VAL CG1 HG13 sing N N 388 
VAL CG2 HG21 sing N N 389 
VAL CG2 HG22 sing N N 390 
VAL CG2 HG23 sing N N 391 
VAL OXT HXT  sing N N 392 
# 
_pdbx_deposit_group.group_id            G_1002118 
_pdbx_deposit_group.group_description   
;Bromodomain of human ATAD2 screened against the Leeds 3D Fragment Library by X-ray Crystallography at the XChem
facility of Diamond Light Source beamline I04-1
;
_pdbx_deposit_group.group_title         'PanDDA analysis group deposition - Bromodomain of human ATAD2 fragment screening' 
_pdbx_deposit_group.group_type          'changed state' 
# 
_pdbx_entity_instance_feature.ordinal        1 
_pdbx_entity_instance_feature.comp_id        RJ4 
_pdbx_entity_instance_feature.asym_id        ? 
_pdbx_entity_instance_feature.seq_num        ? 
_pdbx_entity_instance_feature.auth_comp_id   RJ4 
_pdbx_entity_instance_feature.auth_asym_id   ? 
_pdbx_entity_instance_feature.auth_seq_num   ? 
_pdbx_entity_instance_feature.feature_type   'SUBJECT OF INVESTIGATION' 
_pdbx_entity_instance_feature.details        ? 
# 
_atom_sites.entry_id                    5QXS 
_atom_sites.fract_transf_matrix[1][1]   -0.00293346 
_atom_sites.fract_transf_matrix[1][2]   0.00099253 
_atom_sites.fract_transf_matrix[1][3]   -0.01400179 
_atom_sites.fract_transf_matrix[2][1]   -0.01357377 
_atom_sites.fract_transf_matrix[2][2]   0.00144109 
_atom_sites.fract_transf_matrix[2][3]   -0.00439776 
_atom_sites.fract_transf_matrix[3][1]   0.00063677 
_atom_sites.fract_transf_matrix[3][2]   0.00713397 
_atom_sites.fract_transf_matrix[3][3]   0.00037229 
_atom_sites.fract_transf_vector[1]      0.447306 
_atom_sites.fract_transf_vector[2]      0.601164 
_atom_sites.fract_transf_vector[3]      -0.025721 
# 
loop_
_atom_type.symbol 
C 
N 
O 
S 
# 
loop_
_atom_site.group_PDB 
_atom_site.id 
_atom_site.type_symbol 
_atom_site.label_atom_id 
_atom_site.label_alt_id 
_atom_site.label_comp_id 
_atom_site.label_asym_id 
_atom_site.label_entity_id 
_atom_site.label_seq_id 
_atom_site.pdbx_PDB_ins_code 
_atom_site.Cartn_x 
_atom_site.Cartn_y 
_atom_site.Cartn_z 
_atom_site.occupancy 
_atom_site.B_iso_or_equiv 
_atom_site.pdbx_formal_charge 
_atom_site.auth_seq_id 
_atom_site.auth_comp_id 
_atom_site.auth_asym_id 
_atom_site.auth_atom_id 
_atom_site.pdbx_PDB_model_num 
ATOM   1    N N   . SER A 1 1   ? -11.516 6.864   22.759  1.00 32.91  ? 979  SER A N   1 
ATOM   2    C CA  . SER A 1 1   ? -11.654 8.267   23.126  1.00 38.86  ? 979  SER A CA  1 
ATOM   3    C C   . SER A 1 1   ? -11.675 9.137   21.849  1.00 49.52  ? 979  SER A C   1 
ATOM   4    O O   . SER A 1 1   ? -11.339 8.622   20.733  1.00 36.12  ? 979  SER A O   1 
ATOM   5    C CB  . SER A 1 1   ? -10.552 8.679   24.040  1.00 44.47  ? 979  SER A CB  1 
ATOM   6    O OG  . SER A 1 1   ? -9.310  8.731   23.338  1.00 38.38  ? 979  SER A OG  1 
ATOM   7    N N   . MET A 1 2   ? -12.088 10.397  21.994  1.00 47.64  ? 980  MET A N   1 
ATOM   8    C CA  . MET A 1 2   ? -12.103 11.398  20.896  1.00 51.30  ? 980  MET A CA  1 
ATOM   9    C C   . MET A 1 2   ? -10.660 11.616  20.434  1.00 40.71  ? 980  MET A C   1 
ATOM   10   O O   . MET A 1 2   ? -10.440 11.742  19.238  1.00 36.47  ? 980  MET A O   1 
ATOM   11   C CB  . MET A 1 2   ? -12.691 12.737  21.367  1.00 61.25  ? 980  MET A CB  1 
ATOM   12   C CG  . MET A 1 2   ? -12.474 13.900  20.396  1.00 73.80  ? 980  MET A CG  1 
ATOM   13   S SD  . MET A 1 2   ? -13.703 13.925  19.045  1.00 103.85 ? 980  MET A SD  1 
ATOM   14   C CE  . MET A 1 2   ? -13.112 12.664  17.912  1.00 90.55  ? 980  MET A CE  1 
ATOM   15   N N   . GLN A 1 3   ? -9.718  11.688  21.360  1.00 33.61  ? 981  GLN A N   1 
ATOM   16   C CA  . GLN A 1 3   ? -8.286  11.882  21.053  1.00 40.53  ? 981  GLN A CA  1 
ATOM   17   C C   . GLN A 1 3   ? -7.796  10.715  20.183  1.00 32.10  ? 981  GLN A C   1 
ATOM   18   O O   . GLN A 1 3   ? -6.954  10.954  19.285  1.00 31.40  ? 981  GLN A O   1 
ATOM   19   C CB  . GLN A 1 3   ? -7.460  12.012  22.333  1.00 45.23  ? 981  GLN A CB  1 
ATOM   20   C CG  . GLN A 1 3   ? -8.000  13.091  23.273  1.00 64.07  ? 981  GLN A CG  1 
ATOM   21   C CD  . GLN A 1 3   ? -8.877  12.514  24.368  1.00 69.39  ? 981  GLN A CD  1 
ATOM   22   O OE1 . GLN A 1 3   ? -10.105 12.348  24.224  1.00 67.89  ? 981  GLN A OE1 1 
ATOM   23   N NE2 . GLN A 1 3   ? -8.222  12.159  25.465  1.00 70.45  ? 981  GLN A NE2 1 
ATOM   24   N N   . GLU A 1 4   ? -8.246  9.503   20.473  1.00 28.43  ? 982  GLU A N   1 
ATOM   25   C CA  . GLU A 1 4   ? -7.850  8.303   19.702  1.00 25.43  ? 982  GLU A CA  1 
ATOM   26   C C   . GLU A 1 4   ? -8.443  8.436   18.297  1.00 22.00  ? 982  GLU A C   1 
ATOM   27   O O   . GLU A 1 4   ? -7.719  8.105   17.283  1.00 20.72  ? 982  GLU A O   1 
ATOM   28   C CB  . GLU A 1 4   ? -8.209  6.992   20.419  1.00 25.19  ? 982  GLU A CB  1 
ATOM   29   C CG  . GLU A 1 4   ? -7.331  6.786   21.662  1.00 29.29  ? 982  GLU A CG  1 
ATOM   30   C CD  . GLU A 1 4   ? -7.760  5.623   22.544  1.00 33.26  ? 982  GLU A CD  1 
ATOM   31   O OE1 . GLU A 1 4   ? -8.892  5.161   22.314  1.00 32.53  ? 982  GLU A OE1 1 
ATOM   32   O OE2 . GLU A 1 4   ? -6.914  5.099   23.397  1.00 29.57  ? 982  GLU A OE2 1 
ATOM   33   N N   . GLU A 1 5   ? -9.727  8.811   18.163  1.00 23.50  ? 983  GLU A N   1 
ATOM   34   C CA  . GLU A 1 5   ? -10.308 8.990   16.807  1.00 25.55  ? 983  GLU A CA  1 
ATOM   35   C C   . GLU A 1 5   ? -9.546  10.083  16.013  1.00 23.89  ? 983  GLU A C   1 
ATOM   36   O O   . GLU A 1 5   ? -9.396  9.891   14.780  1.00 22.43  ? 983  GLU A O   1 
ATOM   37   C CB  . GLU A 1 5   ? -11.838 9.222   16.859  1.00 33.30  ? 983  GLU A CB  1 
ATOM   38   C CG  . GLU A 1 5   ? -12.579 8.006   17.449  1.00 39.76  ? 983  GLU A CG  1 
ATOM   39   C CD  . GLU A 1 5   ? -12.211 6.630   16.866  1.00 51.67  ? 983  GLU A CD  1 
ATOM   40   O OE1 . GLU A 1 5   ? -12.315 6.495   15.628  1.00 59.79  ? 983  GLU A OE1 1 
ATOM   41   O OE2 . GLU A 1 5   ? -11.758 5.678   17.629  1.00 59.27  ? 983  GLU A OE2 1 
ATOM   42   N N   . ASP A 1 6   ? -9.106  11.165  16.646  1.00 21.29  ? 984  ASP A N   1 
ATOM   43   C CA  . ASP A 1 6   ? -8.273  12.199  16.001  1.00 23.20  ? 984  ASP A CA  1 
ATOM   44   C C   . ASP A 1 6   ? -6.926  11.572  15.548  1.00 21.26  ? 984  ASP A C   1 
ATOM   45   O O   . ASP A 1 6   ? -6.467  11.924  14.396  1.00 18.89  ? 984  ASP A O   1 
ATOM   46   C CB  . ASP A 1 6   ? -8.024  13.417  16.892  1.00 27.54  ? 984  ASP A CB  1 
ATOM   47   C CG  . ASP A 1 6   ? -9.253  14.336  17.104  1.00 29.60  ? 984  ASP A CG  1 
ATOM   48   O OD1 . ASP A 1 6   ? -10.266 14.192  16.397  1.00 35.71  ? 984  ASP A OD1 1 
ATOM   49   O OD2 . ASP A 1 6   ? -9.157  15.129  17.974  1.00 42.02  ? 984  ASP A OD2 1 
ATOM   50   N N   . THR A 1 7   ? -6.310  10.681  16.329  1.00 19.39  ? 985  THR A N   1 
ATOM   51   C CA  . THR A 1 7   ? -5.053  9.990   15.929  1.00 18.67  ? 985  THR A CA  1 
ATOM   52   C C   . THR A 1 7   ? -5.319  9.236   14.610  1.00 19.64  ? 985  THR A C   1 
ATOM   53   O O   . THR A 1 7   ? -4.527  9.363   13.647  1.00 16.48  ? 985  THR A O   1 
ATOM   54   C CB  . THR A 1 7   ? -4.471  9.087   17.025  1.00 19.43  ? 985  THR A CB  1 
ATOM   55   O OG1 . THR A 1 7   ? -4.223  9.929   18.175  1.00 21.82  ? 985  THR A OG1 1 
ATOM   56   C CG2 . THR A 1 7   ? -3.208  8.386   16.601  1.00 19.76  ? 985  THR A CG2 1 
ATOM   57   N N   . PHE A 1 8   ? -6.357  8.386   14.573  1.00 17.07  ? 986  PHE A N   1 
ATOM   58   C CA  . PHE A 1 8   ? -6.648  7.593   13.364  1.00 18.87  ? 986  PHE A CA  1 
ATOM   59   C C   . PHE A 1 8   ? -6.987  8.490   12.147  1.00 18.51  ? 986  PHE A C   1 
ATOM   60   O O   . PHE A 1 8   ? -6.605  8.117   11.041  1.00 19.12  ? 986  PHE A O   1 
ATOM   61   C CB  . PHE A 1 8   ? -7.634  6.448   13.589  1.00 19.93  ? 986  PHE A CB  1 
ATOM   62   C CG  . PHE A 1 8   ? -7.170  5.372   14.541  1.00 20.97  ? 986  PHE A CG  1 
ATOM   63   C CD1 . PHE A 1 8   ? -5.949  4.730   14.401  1.00 22.20  ? 986  PHE A CD1 1 
ATOM   64   C CD2 . PHE A 1 8   ? -7.975  4.989   15.590  1.00 22.88  ? 986  PHE A CD2 1 
ATOM   65   C CE1 . PHE A 1 8   ? -5.517  3.740   15.273  1.00 24.10  ? 986  PHE A CE1 1 
ATOM   66   C CE2 . PHE A 1 8   ? -7.558  3.966   16.445  1.00 23.90  ? 986  PHE A CE2 1 
ATOM   67   C CZ  . PHE A 1 8   ? -6.335  3.369   16.320  1.00 24.09  ? 986  PHE A CZ  1 
ATOM   68   N N   A ARG A 1 9   ? -7.680  9.618   12.346  0.23 19.05  ? 987  ARG A N   1 
ATOM   69   N N   B ARG A 1 9   ? -7.683  9.610   12.357  0.23 19.09  ? 987  ARG A N   1 
ATOM   70   N N   C ARG A 1 9   ? -7.658  9.635   12.328  0.04 16.82  ? 987  ARG A N   1 
ATOM   71   C CA  A ARG A 1 9   ? -7.982  10.574  11.244  0.23 19.92  ? 987  ARG A CA  1 
ATOM   72   C CA  B ARG A 1 9   ? -7.972  10.579  11.270  0.23 19.99  ? 987  ARG A CA  1 
ATOM   73   C CA  C ARG A 1 9   ? -7.963  10.548  11.185  0.04 15.78  ? 987  ARG A CA  1 
ATOM   74   C C   A ARG A 1 9   ? -6.660  11.120  10.675  0.23 18.45  ? 987  ARG A C   1 
ATOM   75   C C   B ARG A 1 9   ? -6.652  11.097  10.679  0.23 18.49  ? 987  ARG A C   1 
ATOM   76   C C   C ARG A 1 9   ? -6.660  11.164  10.659  0.04 16.03  ? 987  ARG A C   1 
ATOM   77   O O   A ARG A 1 9   ? -6.542  11.179  9.435   0.23 18.03  ? 987  ARG A O   1 
ATOM   78   O O   B ARG A 1 9   ? -6.539  11.135  9.438   0.23 18.03  ? 987  ARG A O   1 
ATOM   79   O O   C ARG A 1 9   ? -6.562  11.343  9.428   0.04 15.98  ? 987  ARG A O   1 
ATOM   80   C CB  A ARG A 1 9   ? -8.912  11.696  11.712  0.23 22.04  ? 987  ARG A CB  1 
ATOM   81   C CB  B ARG A 1 9   ? -8.815  11.741  11.784  0.23 22.22  ? 987  ARG A CB  1 
ATOM   82   C CB  C ARG A 1 9   ? -8.960  11.655  11.538  0.04 14.64  ? 987  ARG A CB  1 
ATOM   83   C CG  A ARG A 1 9   ? -9.808  12.253  10.615  0.23 24.74  ? 987  ARG A CG  1 
ATOM   84   C CG  B ARG A 1 9   ? -9.297  12.652  10.670  0.23 25.00  ? 987  ARG A CG  1 
ATOM   85   C CG  C ARG A 1 9   ? -9.529  12.370  10.317  0.04 13.67  ? 987  ARG A CG  1 
ATOM   86   C CD  A ARG A 1 9   ? -10.905 13.151  11.172  0.23 25.26  ? 987  ARG A CD  1 
ATOM   87   C CD  B ARG A 1 9   ? -10.445 13.522  11.129  0.23 26.12  ? 987  ARG A CD  1 
ATOM   88   C CD  C ARG A 1 9   ? -10.972 12.759  10.567  0.04 12.75  ? 987  ARG A CD  1 
ATOM   89   N NE  A ARG A 1 9   ? -11.800 12.458  12.076  0.23 29.55  ? 987  ARG A NE  1 
ATOM   90   N NE  B ARG A 1 9   ? -10.849 14.273  9.961   0.23 28.84  ? 987  ARG A NE  1 
ATOM   91   N NE  C ARG A 1 9   ? -11.634 13.728  9.697   0.04 12.02  ? 987  ARG A NE  1 
ATOM   92   C CZ  A ARG A 1 9   ? -11.906 12.682  13.392  0.23 27.60  ? 987  ARG A CZ  1 
ATOM   93   C CZ  B ARG A 1 9   ? -10.397 15.477  9.633   0.23 25.22  ? 987  ARG A CZ  1 
ATOM   94   C CZ  C ARG A 1 9   ? -11.084 14.545  8.800   0.04 11.32  ? 987  ARG A CZ  1 
ATOM   95   N NH1 A ARG A 1 9   ? -11.175 13.596  13.995  0.23 27.12  ? 987  ARG A NH1 1 
ATOM   96   N NH1 B ARG A 1 9   ? -10.856 15.999  8.512   0.23 29.42  ? 987  ARG A NH1 1 
ATOM   97   N NH1 C ARG A 1 9   ? -11.877 15.376  8.150   0.04 10.78  ? 987  ARG A NH1 1 
ATOM   98   N NH2 A ARG A 1 9   ? -12.759 11.973  14.095  0.23 28.32  ? 987  ARG A NH2 1 
ATOM   99   N NH2 B ARG A 1 9   ? -9.509  16.124  10.388  0.23 20.84  ? 987  ARG A NH2 1 
ATOM   100  N NH2 C ARG A 1 9   ? -9.789  14.519  8.516   0.04 10.59  ? 987  ARG A NH2 1 
ATOM   101  N N   . GLU A 1 10  ? -5.710  11.490  11.544  1.00 16.10  ? 988  GLU A N   1 
ATOM   102  C CA  . GLU A 1 10  ? -4.379  11.990  11.099  1.00 16.19  ? 988  GLU A CA  1 
ATOM   103  C C   . GLU A 1 10  ? -3.680  10.863  10.309  1.00 14.57  ? 988  GLU A C   1 
ATOM   104  O O   . GLU A 1 10  ? -3.063  11.167  9.213   1.00 14.60  ? 988  GLU A O   1 
ATOM   105  C CB  . GLU A 1 10  ? -3.532  12.541  12.261  1.00 16.55  ? 988  GLU A CB  1 
ATOM   106  C CG  . GLU A 1 10  ? -2.143  12.925  11.809  1.00 16.73  ? 988  GLU A CG  1 
ATOM   107  C CD  . GLU A 1 10  ? -1.381  13.920  12.673  1.00 20.53  ? 988  GLU A CD  1 
ATOM   108  O OE1 . GLU A 1 10  ? -0.159  14.175  12.373  1.00 19.84  ? 988  GLU A OE1 1 
ATOM   109  O OE2 . GLU A 1 10  ? -1.968  14.325  13.709  1.00 20.81  ? 988  GLU A OE2 1 
ATOM   110  N N   . LEU A 1 11  ? -3.716  9.610   10.781  1.00 15.20  ? 989  LEU A N   1 
ATOM   111  C CA  . LEU A 1 11  ? -3.094  8.473   10.061  1.00 15.01  ? 989  LEU A CA  1 
ATOM   112  C C   . LEU A 1 11  ? -3.711  8.381   8.642   1.00 15.88  ? 989  LEU A C   1 
ATOM   113  O O   . LEU A 1 11  ? -2.957  8.303   7.630   1.00 14.73  ? 989  LEU A O   1 
ATOM   114  C CB  . LEU A 1 11  ? -3.288  7.172   10.834  1.00 16.00  ? 989  LEU A CB  1 
ATOM   115  C CG  . LEU A 1 11  ? -2.867  5.910   10.079  1.00 16.50  ? 989  LEU A CG  1 
ATOM   116  C CD1 . LEU A 1 11  ? -1.350  5.874   9.856   1.00 18.21  ? 989  LEU A CD1 1 
ATOM   117  C CD2 . LEU A 1 11  ? -3.369  4.633   10.762  1.00 21.63  ? 989  LEU A CD2 1 
ATOM   118  N N   . ARG A 1 12  ? -5.038  8.455   8.512   1.00 15.27  ? 990  ARG A N   1 
ATOM   119  C CA  . ARG A 1 12  ? -5.676  8.377   7.179   1.00 14.97  ? 990  ARG A CA  1 
ATOM   120  C C   . ARG A 1 12  ? -5.241  9.517   6.253   1.00 13.51  ? 990  ARG A C   1 
ATOM   121  O O   . ARG A 1 12  ? -5.017  9.256   5.007   1.00 14.10  ? 990  ARG A O   1 
ATOM   122  C CB  . ARG A 1 12  ? -7.229  8.330   7.277   1.00 15.07  ? 990  ARG A CB  1 
ATOM   123  C CG  . ARG A 1 12  ? -7.691  7.039   7.927   1.00 16.23  ? 990  ARG A CG  1 
ATOM   124  C CD  . ARG A 1 12  ? -9.215  6.786   7.899   1.00 17.51  ? 990  ARG A CD  1 
ATOM   125  N NE  . ARG A 1 12  ? -9.972  7.832   8.559   1.00 17.60  ? 990  ARG A NE  1 
ATOM   126  C CZ  . ARG A 1 12  ? -10.345 7.808   9.858   1.00 18.68  ? 990  ARG A CZ  1 
ATOM   127  N NH1 . ARG A 1 12  ? -11.070 8.812   10.347  1.00 21.66  ? 990  ARG A NH1 1 
ATOM   128  N NH2 . ARG A 1 12  ? -9.983  6.831   10.642  1.00 20.80  ? 990  ARG A NH2 1 
ATOM   129  N N   . ILE A 1 13  ? -5.159  10.745  6.736   1.00 14.56  ? 991  ILE A N   1 
ATOM   130  C CA  . ILE A 1 13  ? -4.707  11.917  5.948   1.00 14.70  ? 991  ILE A CA  1 
ATOM   131  C C   . ILE A 1 13  ? -3.273  11.647  5.424   1.00 13.40  ? 991  ILE A C   1 
ATOM   132  O O   . ILE A 1 13  ? -3.016  11.822  4.196   1.00 14.80  ? 991  ILE A O   1 
ATOM   133  C CB  . ILE A 1 13  ? -4.834  13.210  6.753   1.00 18.20  ? 991  ILE A CB  1 
ATOM   134  C CG1 . ILE A 1 13  ? -6.307  13.545  7.015   1.00 21.95  ? 991  ILE A CG1 1 
ATOM   135  C CG2 . ILE A 1 13  ? -4.163  14.331  6.013   1.00 20.78  ? 991  ILE A CG2 1 
ATOM   136  C CD1 . ILE A 1 13  ? -6.443  14.568  8.088   1.00 23.96  ? 991  ILE A CD1 1 
ATOM   137  N N   . PHE A 1 14  ? -2.394  11.216  6.307   1.00 14.44  ? 992  PHE A N   1 
ATOM   138  C CA  . PHE A 1 14  ? -0.995  10.872  5.953   1.00 14.83  ? 992  PHE A CA  1 
ATOM   139  C C   . PHE A 1 14  ? -0.993  9.805   4.840   1.00 14.65  ? 992  PHE A C   1 
ATOM   140  O O   . PHE A 1 14  ? -0.239  9.955   3.807   1.00 14.52  ? 992  PHE A O   1 
ATOM   141  C CB  . PHE A 1 14  ? -0.219  10.455  7.205   1.00 16.47  ? 992  PHE A CB  1 
ATOM   142  C CG  . PHE A 1 14  ? 1.199   10.003  6.909   1.00 17.31  ? 992  PHE A CG  1 
ATOM   143  C CD1 . PHE A 1 14  ? 2.166   10.906  6.533   1.00 20.30  ? 992  PHE A CD1 1 
ATOM   144  C CD2 . PHE A 1 14  ? 1.510   8.663   7.008   1.00 19.10  ? 992  PHE A CD2 1 
ATOM   145  C CE1 . PHE A 1 14  ? 3.472   10.468  6.261   1.00 20.48  ? 992  PHE A CE1 1 
ATOM   146  C CE2 . PHE A 1 14  ? 2.802   8.228   6.724   1.00 20.92  ? 992  PHE A CE2 1 
ATOM   147  C CZ  . PHE A 1 14  ? 3.758   9.141   6.328   1.00 17.76  ? 992  PHE A CZ  1 
ATOM   148  N N   . LEU A 1 15  ? -1.713  8.683   5.016   1.00 15.11  ? 993  LEU A N   1 
ATOM   149  C CA  . LEU A 1 15  ? -1.716  7.570   4.036   1.00 14.91  ? 993  LEU A CA  1 
ATOM   150  C C   . LEU A 1 15  ? -2.312  7.998   2.686   1.00 14.77  ? 993  LEU A C   1 
ATOM   151  O O   . LEU A 1 15  ? -1.768  7.568   1.614   1.00 15.13  ? 993  LEU A O   1 
ATOM   152  C CB  . LEU A 1 15  ? -2.455  6.363   4.602   1.00 16.32  ? 993  LEU A CB  1 
ATOM   153  C CG  . LEU A 1 15  ? -1.850  5.719   5.854   1.00 17.18  ? 993  LEU A CG  1 
ATOM   154  C CD1 . LEU A 1 15  ? -2.726  4.540   6.320   1.00 18.03  ? 993  LEU A CD1 1 
ATOM   155  C CD2 . LEU A 1 15  ? -0.402  5.302   5.600   1.00 17.70  ? 993  LEU A CD2 1 
ATOM   156  N N   . ARG A 1 16  ? -3.364  8.826   2.654   1.00 15.77  ? 994  ARG A N   1 
ATOM   157  C CA  . ARG A 1 16  ? -3.943  9.302   1.374   1.00 14.66  ? 994  ARG A CA  1 
ATOM   158  C C   . ARG A 1 16  ? -2.873  10.111  0.612   1.00 17.03  ? 994  ARG A C   1 
ATOM   159  O O   . ARG A 1 16  ? -2.789  10.061  -0.643  1.00 15.94  ? 994  ARG A O   1 
ATOM   160  C CB  . ARG A 1 16  ? -5.216  10.160  1.525   1.00 18.08  ? 994  ARG A CB  1 
ATOM   161  C CG  . ARG A 1 16  ? -6.431  9.469   2.118   1.00 18.53  ? 994  ARG A CG  1 
ATOM   162  C CD  . ARG A 1 16  ? -7.727  10.286  1.903   1.00 19.16  ? 994  ARG A CD  1 
ATOM   163  N NE  . ARG A 1 16  ? -8.729  9.726   2.766   1.00 19.88  ? 994  ARG A NE  1 
ATOM   164  C CZ  . ARG A 1 16  ? -8.933  9.967   4.037   1.00 21.30  ? 994  ARG A CZ  1 
ATOM   165  N NH1 . ARG A 1 16  ? -8.419  11.012  4.656   1.00 19.65  ? 994  ARG A NH1 1 
ATOM   166  N NH2 . ARG A 1 16  ? -9.824  9.227   4.678   1.00 23.90  ? 994  ARG A NH2 1 
ATOM   167  N N   . ASN A 1 17  ? -2.107  10.953  1.327   1.00 15.17  ? 995  ASN A N   1 
ATOM   168  C CA  . ASN A 1 17  ? -1.099  11.838  0.705   1.00 15.75  ? 995  ASN A CA  1 
ATOM   169  C C   . ASN A 1 17  ? 0.067   11.008  0.137   1.00 14.69  ? 995  ASN A C   1 
ATOM   170  O O   . ASN A 1 17  ? 0.379   11.246  -1.100  1.00 15.54  ? 995  ASN A O   1 
ATOM   171  C CB  . ASN A 1 17  ? -0.609  12.881  1.687   1.00 17.44  ? 995  ASN A CB  1 
ATOM   172  C CG  . ASN A 1 17  ? 0.477   13.715  1.047   1.00 21.74  ? 995  ASN A CG  1 
ATOM   173  O OD1 . ASN A 1 17  ? 1.599   13.411  1.257   1.00 21.37  ? 995  ASN A OD1 1 
ATOM   174  N ND2 . ASN A 1 17  ? 0.104   14.737  0.279   1.00 25.37  ? 995  ASN A ND2 1 
ATOM   175  N N   . VAL A 1 18  ? 0.562   10.024  0.883   1.00 16.04  ? 996  VAL A N   1 
ATOM   176  C CA  . VAL A 1 18  ? 1.638   9.145   0.335   1.00 15.92  ? 996  VAL A CA  1 
ATOM   177  C C   . VAL A 1 18  ? 1.099   8.406   -0.909  1.00 16.80  ? 996  VAL A C   1 
ATOM   178  O O   . VAL A 1 18  ? 1.753   8.341   -1.959  1.00 15.29  ? 996  VAL A O   1 
ATOM   179  C CB  . VAL A 1 18  ? 2.114   8.112   1.352   1.00 17.18  ? 996  VAL A CB  1 
ATOM   180  C CG1 . VAL A 1 18  ? 3.122   7.150   0.733   1.00 17.47  ? 996  VAL A CG1 1 
ATOM   181  C CG2 . VAL A 1 18  ? 2.680   8.834   2.582   1.00 17.88  ? 996  VAL A CG2 1 
ATOM   182  N N   . THR A 1 19  ? -0.109  7.842   -0.812  1.00 14.26  ? 997  THR A N   1 
ATOM   183  C CA  . THR A 1 19  ? -0.688  7.023   -1.919  1.00 15.15  ? 997  THR A CA  1 
ATOM   184  C C   . THR A 1 19  ? -0.894  7.896   -3.162  1.00 15.85  ? 997  THR A C   1 
ATOM   185  O O   . THR A 1 19  ? -0.612  7.403   -4.306  1.00 16.50  ? 997  THR A O   1 
ATOM   186  C CB  . THR A 1 19  ? -1.997  6.357   -1.482  1.00 14.92  ? 997  THR A CB  1 
ATOM   187  O OG1 . THR A 1 19  ? -1.773  5.620   -0.283  1.00 14.40  ? 997  THR A OG1 1 
ATOM   188  C CG2 . THR A 1 19  ? -2.519  5.373   -2.502  1.00 17.41  ? 997  THR A CG2 1 
ATOM   189  N N   . HIS A 1 20  ? -1.395  9.124   -3.021  1.00 15.46  ? 998  HIS A N   1 
ATOM   190  C CA  . HIS A 1 20  ? -1.544  10.040  -4.197  1.00 16.29  ? 998  HIS A CA  1 
ATOM   191  C C   . HIS A 1 20  ? -0.196  10.285  -4.872  1.00 17.08  ? 998  HIS A C   1 
ATOM   192  O O   . HIS A 1 20  ? -0.132  10.281  -6.103  1.00 17.36  ? 998  HIS A O   1 
ATOM   193  C CB  . HIS A 1 20  ? -2.121  11.385  -3.747  1.00 19.40  ? 998  HIS A CB  1 
ATOM   194  C CG  . HIS A 1 20  ? -2.280  12.366  -4.845  1.00 22.31  ? 998  HIS A CG  1 
ATOM   195  N ND1 . HIS A 1 20  ? -1.564  13.582  -4.939  1.00 28.92  ? 998  HIS A ND1 1 
ATOM   196  C CD2 . HIS A 1 20  ? -3.149  12.352  -5.888  1.00 22.38  ? 998  HIS A CD2 1 
ATOM   197  C CE1 . HIS A 1 20  ? -1.981  14.229  -6.030  1.00 24.17  ? 998  HIS A CE1 1 
ATOM   198  N NE2 . HIS A 1 20  ? -2.940  13.489  -6.629  1.00 28.27  ? 998  HIS A NE2 1 
ATOM   199  N N   . ARG A 1 21  ? 0.863   10.538  -4.110  1.00 15.60  ? 999  ARG A N   1 
ATOM   200  C CA  . ARG A 1 21  ? 2.213   10.804  -4.689  1.00 16.66  ? 999  ARG A CA  1 
ATOM   201  C C   . ARG A 1 21  ? 2.705   9.565   -5.485  1.00 17.26  ? 999  ARG A C   1 
ATOM   202  O O   . ARG A 1 21  ? 3.403   9.752   -6.512  1.00 19.53  ? 999  ARG A O   1 
ATOM   203  C CB  . ARG A 1 21  ? 3.179   11.260  -3.605  1.00 15.78  ? 999  ARG A CB  1 
ATOM   204  C CG  . ARG A 1 21  ? 2.845   12.707  -3.161  1.00 19.05  ? 999  ARG A CG  1 
ATOM   205  C CD  . ARG A 1 21  ? 3.187   13.026  -1.691  1.00 19.78  ? 999  ARG A CD  1 
ATOM   206  N NE  . ARG A 1 21  ? 4.598   13.004  -1.553  1.00 19.80  ? 999  ARG A NE  1 
ATOM   207  C CZ  . ARG A 1 21  ? 5.241   13.008  -0.395  1.00 16.13  ? 999  ARG A CZ  1 
ATOM   208  N NH1 . ARG A 1 21  ? 6.557   13.014  -0.377  1.00 17.89  ? 999  ARG A NH1 1 
ATOM   209  N NH2 . ARG A 1 21  ? 4.572   13.059  0.750   1.00 17.98  ? 999  ARG A NH2 1 
ATOM   210  N N   . LEU A 1 22  ? 2.426   8.344   -5.035  1.00 17.34  ? 1000 LEU A N   1 
ATOM   211  C CA  . LEU A 1 22  ? 2.789   7.109   -5.794  1.00 16.13  ? 1000 LEU A CA  1 
ATOM   212  C C   . LEU A 1 22  ? 1.927   7.056   -7.061  1.00 17.81  ? 1000 LEU A C   1 
ATOM   213  O O   . LEU A 1 22  ? 2.451   6.784   -8.174  1.00 17.91  ? 1000 LEU A O   1 
ATOM   214  C CB  . LEU A 1 22  ? 2.612   5.895   -4.890  1.00 15.62  ? 1000 LEU A CB  1 
ATOM   215  C CG  . LEU A 1 22  ? 3.471   5.846   -3.638  1.00 16.53  ? 1000 LEU A CG  1 
ATOM   216  C CD1 . LEU A 1 22  ? 3.072   4.674   -2.765  1.00 19.10  ? 1000 LEU A CD1 1 
ATOM   217  C CD2 . LEU A 1 22  ? 4.941   5.791   -3.960  1.00 17.98  ? 1000 LEU A CD2 1 
ATOM   218  N N   . ALA A 1 23  ? 0.639   7.310   -6.965  1.00 16.66  ? 1001 ALA A N   1 
ATOM   219  C CA  . ALA A 1 23  ? -0.322  7.084   -8.055  1.00 17.21  ? 1001 ALA A CA  1 
ATOM   220  C C   . ALA A 1 23  ? -0.098  8.048   -9.227  1.00 18.40  ? 1001 ALA A C   1 
ATOM   221  O O   . ALA A 1 23  ? -0.503  7.659   -10.373 1.00 19.60  ? 1001 ALA A O   1 
ATOM   222  C CB  . ALA A 1 23  ? -1.731  7.162   -7.533  1.00 19.80  ? 1001 ALA A CB  1 
ATOM   223  N N   . ILE A 1 24  ? 0.449   9.255   -8.995  1.00 19.14  ? 1002 ILE A N   1 
ATOM   224  C CA  . ILE A 1 24  ? 0.678   10.225  -10.104 1.00 20.56  ? 1002 ILE A CA  1 
ATOM   225  C C   . ILE A 1 24  ? 2.027   9.980   -10.795 1.00 23.40  ? 1002 ILE A C   1 
ATOM   226  O O   . ILE A 1 24  ? 2.290   10.667  -11.781 1.00 23.80  ? 1002 ILE A O   1 
ATOM   227  C CB  . ILE A 1 24  ? 0.508   11.689  -9.650  1.00 21.12  ? 1002 ILE A CB  1 
ATOM   228  C CG1 . ILE A 1 24  ? 1.542   12.121  -8.615  1.00 22.35  ? 1002 ILE A CG1 1 
ATOM   229  C CG2 . ILE A 1 24  ? -0.918  11.901  -9.181  1.00 24.92  ? 1002 ILE A CG2 1 
ATOM   230  C CD1 . ILE A 1 24  ? 1.438   13.607  -8.156  1.00 27.56  ? 1002 ILE A CD1 1 
ATOM   231  N N   . ASP A 1 25  ? 2.908   9.131   -10.273 1.00 20.62  ? 1003 ASP A N   1 
ATOM   232  C CA  . ASP A 1 25  ? 4.266   8.911   -10.830 1.00 20.57  ? 1003 ASP A CA  1 
ATOM   233  C C   . ASP A 1 25  ? 4.093   8.034   -12.075 1.00 22.39  ? 1003 ASP A C   1 
ATOM   234  O O   . ASP A 1 25  ? 3.491   6.939   -11.969 1.00 21.07  ? 1003 ASP A O   1 
ATOM   235  C CB  . ASP A 1 25  ? 5.177   8.247   -9.814  1.00 21.48  ? 1003 ASP A CB  1 
ATOM   236  C CG  . ASP A 1 25  ? 6.643   8.135   -10.205 1.00 23.43  ? 1003 ASP A CG  1 
ATOM   237  O OD1 . ASP A 1 25  ? 6.918   7.593   -11.305 1.00 24.64  ? 1003 ASP A OD1 1 
ATOM   238  O OD2 . ASP A 1 25  ? 7.480   8.454   -9.357  1.00 24.56  ? 1003 ASP A OD2 1 
ATOM   239  N N   . LYS A 1 26  ? 4.528   8.483   -13.257 1.00 23.06  ? 1004 LYS A N   1 
ATOM   240  C CA  . LYS A 1 26  ? 4.303   7.738   -14.525 1.00 24.55  ? 1004 LYS A CA  1 
ATOM   241  C C   . LYS A 1 26  ? 4.871   6.315   -14.477 1.00 21.05  ? 1004 LYS A C   1 
ATOM   242  O O   . LYS A 1 26  ? 4.289   5.467   -15.177 1.00 23.24  ? 1004 LYS A O   1 
ATOM   243  C CB  . LYS A 1 26  ? 4.912   8.486   -15.747 1.00 26.33  ? 1004 LYS A CB  1 
ATOM   244  N N   . ARG A 1 27  ? 5.890   6.036   -13.694 1.00 20.49  ? 1005 ARG A N   1 
ATOM   245  C CA  . ARG A 1 27  ? 6.508   4.680   -13.616 1.00 21.34  ? 1005 ARG A CA  1 
ATOM   246  C C   . ARG A 1 27  ? 5.493   3.687   -13.056 1.00 20.38  ? 1005 ARG A C   1 
ATOM   247  O O   . ARG A 1 27  ? 5.585   2.488   -13.378 1.00 20.22  ? 1005 ARG A O   1 
ATOM   248  C CB  . ARG A 1 27  ? 7.733   4.614   -12.727 1.00 20.27  ? 1005 ARG A CB  1 
ATOM   249  C CG  . ARG A 1 27  ? 8.940   5.424   -13.221 1.00 22.92  ? 1005 ARG A CG  1 
ATOM   250  C CD  . ARG A 1 27  ? 10.080  5.449   -12.228 1.00 22.91  ? 1005 ARG A CD  1 
ATOM   251  N NE  . ARG A 1 27  ? 9.711   6.255   -11.040 1.00 23.25  ? 1005 ARG A NE  1 
ATOM   252  C CZ  . ARG A 1 27  ? 10.379  6.321   -9.905  1.00 23.40  ? 1005 ARG A CZ  1 
ATOM   253  N NH1 . ARG A 1 27  ? 11.482  5.617   -9.706  1.00 24.85  ? 1005 ARG A NH1 1 
ATOM   254  N NH2 . ARG A 1 27  ? 9.939   7.092   -8.934  1.00 25.08  ? 1005 ARG A NH2 1 
ATOM   255  N N   . PHE A 1 28  ? 4.556   4.162   -12.249 1.00 20.01  ? 1006 PHE A N   1 
ATOM   256  C CA  . PHE A 1 28  ? 3.690   3.269   -11.448 1.00 19.44  ? 1006 PHE A CA  1 
ATOM   257  C C   . PHE A 1 28  ? 2.290   3.170   -12.015 1.00 20.97  ? 1006 PHE A C   1 
ATOM   258  O O   . PHE A 1 28  ? 1.354   2.556   -11.337 1.00 20.02  ? 1006 PHE A O   1 
ATOM   259  C CB  . PHE A 1 28  ? 3.686   3.764   -9.999  1.00 17.63  ? 1006 PHE A CB  1 
ATOM   260  C CG  . PHE A 1 28  ? 5.055   3.907   -9.377  1.00 18.24  ? 1006 PHE A CG  1 
ATOM   261  C CD1 . PHE A 1 28  ? 6.134   3.058   -9.704  1.00 17.84  ? 1006 PHE A CD1 1 
ATOM   262  C CD2 . PHE A 1 28  ? 5.313   4.890   -8.425  1.00 17.14  ? 1006 PHE A CD2 1 
ATOM   263  C CE1 . PHE A 1 28  ? 7.378   3.235   -9.152  1.00 17.92  ? 1006 PHE A CE1 1 
ATOM   264  C CE2 . PHE A 1 28  ? 6.546   5.016   -7.834  1.00 17.62  ? 1006 PHE A CE2 1 
ATOM   265  C CZ  . PHE A 1 28  ? 7.598   4.224   -8.208  1.00 19.90  ? 1006 PHE A CZ  1 
ATOM   266  N N   . ARG A 1 29  ? 2.056   3.644   -13.248 1.00 20.19  ? 1007 ARG A N   1 
ATOM   267  C CA  . ARG A 1 29  ? 0.721   3.582   -13.877 1.00 21.26  ? 1007 ARG A CA  1 
ATOM   268  C C   . ARG A 1 29  ? 0.154   2.158   -13.859 1.00 19.82  ? 1007 ARG A C   1 
ATOM   269  O O   . ARG A 1 29  ? -1.079  1.992   -13.670 1.00 21.88  ? 1007 ARG A O   1 
ATOM   270  C CB  . ARG A 1 29  ? 0.807   4.149   -15.302 1.00 25.05  ? 1007 ARG A CB  1 
ATOM   271  C CG  . ARG A 1 29  ? -0.536  4.251   -15.972 1.00 31.06  ? 1007 ARG A CG  1 
ATOM   272  C CD  . ARG A 1 29  ? -0.344  4.811   -17.378 1.00 45.37  ? 1007 ARG A CD  1 
ATOM   273  N NE  . ARG A 1 29  ? -1.641  5.162   -17.961 1.00 61.08  ? 1007 ARG A NE  1 
ATOM   274  C CZ  . ARG A 1 29  ? -2.565  4.293   -18.391 1.00 83.57  ? 1007 ARG A CZ  1 
ATOM   275  N NH1 . ARG A 1 29  ? -3.702  4.745   -18.900 1.00 90.54  ? 1007 ARG A NH1 1 
ATOM   276  N NH2 . ARG A 1 29  ? -2.370  2.984   -18.307 1.00 95.99  ? 1007 ARG A NH2 1 
ATOM   277  N N   . VAL A 1 30  ? 0.971   1.148   -14.135 1.00 20.11  ? 1008 VAL A N   1 
ATOM   278  C CA  . VAL A 1 30  ? 0.544   -0.267  -14.225 1.00 21.72  ? 1008 VAL A CA  1 
ATOM   279  C C   . VAL A 1 30  ? -0.024  -0.730  -12.858 1.00 21.07  ? 1008 VAL A C   1 
ATOM   280  O O   . VAL A 1 30  ? -0.823  -1.707  -12.862 1.00 23.75  ? 1008 VAL A O   1 
ATOM   281  C CB  . VAL A 1 30  ? 1.698   -1.151  -14.720 1.00 26.06  ? 1008 VAL A CB  1 
ATOM   282  C CG1 . VAL A 1 30  ? 2.895   -1.202  -13.788 1.00 26.17  ? 1008 VAL A CG1 1 
ATOM   283  C CG2 . VAL A 1 30  ? 1.271   -2.551  -15.070 1.00 32.93  ? 1008 VAL A CG2 1 
ATOM   284  N N   . PHE A 1 31  ? 0.307   -0.048  -11.750 1.00 19.58  ? 1009 PHE A N   1 
ATOM   285  C CA  . PHE A 1 31  ? -0.173  -0.464  -10.417 1.00 18.40  ? 1009 PHE A CA  1 
ATOM   286  C C   . PHE A 1 31  ? -1.384  0.368   -9.949  1.00 20.71  ? 1009 PHE A C   1 
ATOM   287  O O   . PHE A 1 31  ? -1.799  0.182   -8.754  1.00 19.18  ? 1009 PHE A O   1 
ATOM   288  C CB  . PHE A 1 31  ? 0.988   -0.370  -9.437  1.00 18.13  ? 1009 PHE A CB  1 
ATOM   289  C CG  . PHE A 1 31  ? 2.253   -1.083  -9.865  1.00 18.36  ? 1009 PHE A CG  1 
ATOM   290  C CD1 . PHE A 1 31  ? 2.270   -2.449  -10.106 1.00 18.77  ? 1009 PHE A CD1 1 
ATOM   291  C CD2 . PHE A 1 31  ? 3.438   -0.389  -10.050 1.00 21.82  ? 1009 PHE A CD2 1 
ATOM   292  C CE1 . PHE A 1 31  ? 3.427   -3.115  -10.489 1.00 19.76  ? 1009 PHE A CE1 1 
ATOM   293  C CE2 . PHE A 1 31  ? 4.607   -1.057  -10.434 1.00 21.85  ? 1009 PHE A CE2 1 
ATOM   294  C CZ  . PHE A 1 31  ? 4.592   -2.409  -10.719 1.00 20.72  ? 1009 PHE A CZ  1 
ATOM   295  N N   . THR A 1 32  ? -1.939  1.259   -10.762 1.00 19.94  ? 1010 THR A N   1 
ATOM   296  C CA  . THR A 1 32  ? -2.997  2.211   -10.326 1.00 20.95  ? 1010 THR A CA  1 
ATOM   297  C C   . THR A 1 32  ? -4.411  1.602   -10.326 1.00 24.75  ? 1010 THR A C   1 
ATOM   298  O O   . THR A 1 32  ? -5.237  2.142   -9.573  1.00 25.65  ? 1010 THR A O   1 
ATOM   299  C CB  . THR A 1 32  ? -3.012  3.510   -11.129 1.00 22.81  ? 1010 THR A CB  1 
ATOM   300  O OG1 . THR A 1 32  ? -3.240  3.276   -12.526 1.00 21.53  ? 1010 THR A OG1 1 
ATOM   301  C CG2 . THR A 1 32  ? -1.727  4.265   -10.935 1.00 21.95  ? 1010 THR A CG2 1 
ATOM   302  N N   . LYS A 1 33  ? -4.649  0.498   -11.040 1.00 23.02  ? 1011 LYS A N   1 
ATOM   303  C CA  . LYS A 1 33  ? -5.996  -0.101  -11.168 1.00 25.08  ? 1011 LYS A CA  1 
ATOM   304  C C   . LYS A 1 33  ? -5.849  -1.616  -11.136 1.00 21.59  ? 1011 LYS A C   1 
ATOM   305  O O   . LYS A 1 33  ? -4.812  -2.174  -11.509 1.00 22.94  ? 1011 LYS A O   1 
ATOM   306  C CB  . LYS A 1 33  ? -6.651  0.328   -12.497 1.00 30.83  ? 1011 LYS A CB  1 
ATOM   307  C CG  . LYS A 1 33  ? -6.905  1.826   -12.621 1.00 38.64  ? 1011 LYS A CG  1 
ATOM   308  C CD  . LYS A 1 33  ? -7.816  2.235   -13.789 1.00 54.85  ? 1011 LYS A CD  1 
ATOM   309  C CE  . LYS A 1 33  ? -7.289  1.871   -15.164 1.00 66.02  ? 1011 LYS A CE  1 
ATOM   310  N NZ  . LYS A 1 33  ? -8.275  2.185   -16.232 1.00 80.23  ? 1011 LYS A NZ  1 
ATOM   311  N N   . PRO A 1 34  ? -6.939  -2.323  -10.759 1.00 25.16  ? 1012 PRO A N   1 
ATOM   312  C CA  . PRO A 1 34  ? -6.925  -3.775  -10.818 1.00 27.91  ? 1012 PRO A CA  1 
ATOM   313  C C   . PRO A 1 34  ? -6.641  -4.266  -12.240 1.00 30.99  ? 1012 PRO A C   1 
ATOM   314  O O   . PRO A 1 34  ? -6.938  -3.583  -13.174 1.00 31.24  ? 1012 PRO A O   1 
ATOM   315  C CB  . PRO A 1 34  ? -8.323  -4.223  -10.391 1.00 29.98  ? 1012 PRO A CB  1 
ATOM   316  C CG  . PRO A 1 34  ? -8.994  -3.004  -9.850  1.00 30.57  ? 1012 PRO A CG  1 
ATOM   317  C CD  . PRO A 1 34  ? -8.241  -1.784  -10.369 1.00 28.31  ? 1012 PRO A CD  1 
ATOM   318  N N   . VAL A 1 35  ? -6.089  -5.461  -12.351 1.00 35.11  ? 1013 VAL A N   1 
ATOM   319  C CA  . VAL A 1 35  ? -5.843  -6.135  -13.665 1.00 39.21  ? 1013 VAL A CA  1 
ATOM   320  C C   . VAL A 1 35  ? -7.199  -6.482  -14.303 1.00 46.70  ? 1013 VAL A C   1 
ATOM   321  O O   . VAL A 1 35  ? -8.076  -7.065  -13.624 1.00 47.53  ? 1013 VAL A O   1 
ATOM   322  C CB  . VAL A 1 35  ? -4.959  -7.377  -13.489 1.00 36.65  ? 1013 VAL A CB  1 
ATOM   323  C CG1 . VAL A 1 35  ? -4.865  -8.199  -14.780 1.00 39.42  ? 1013 VAL A CG1 1 
ATOM   324  C CG2 . VAL A 1 35  ? -3.589  -7.013  -13.004 1.00 36.33  ? 1013 VAL A CG2 1 
ATOM   325  N N   . ASP A 1 36  ? -7.379  -6.149  -15.580 1.00 52.88  ? 1014 ASP A N   1 
ATOM   326  C CA  . ASP A 1 36  ? -8.656  -6.375  -16.310 1.00 65.94  ? 1014 ASP A CA  1 
ATOM   327  C C   . ASP A 1 36  ? -8.742  -7.876  -16.619 1.00 68.44  ? 1014 ASP A C   1 
ATOM   328  O O   . ASP A 1 36  ? -7.816  -8.402  -17.234 1.00 66.14  ? 1014 ASP A O   1 
ATOM   329  C CB  . ASP A 1 36  ? -8.655  -5.507  -17.569 1.00 71.92  ? 1014 ASP A CB  1 
ATOM   330  C CG  . ASP A 1 36  ? -9.953  -5.494  -18.357 1.00 84.41  ? 1014 ASP A CG  1 
ATOM   331  O OD1 . ASP A 1 36  ? -10.957 -6.060  -17.877 1.00 77.67  ? 1014 ASP A OD1 1 
ATOM   332  O OD2 . ASP A 1 36  ? -9.946  -4.910  -19.454 1.00 95.75  ? 1014 ASP A OD2 1 
ATOM   333  N N   . PRO A 1 37  ? -9.864  -8.580  -16.334 0.33 69.56  ? 1015 PRO A N   1 
ATOM   334  C CA  . PRO A 1 37  ? -9.976  -9.993  -16.698 0.33 70.99  ? 1015 PRO A CA  1 
ATOM   335  C C   . PRO A 1 37  ? -9.753  -10.201 -18.205 0.33 71.42  ? 1015 PRO A C   1 
ATOM   336  O O   . PRO A 1 37  ? -9.226  -11.232 -18.587 0.33 71.86  ? 1015 PRO A O   1 
ATOM   337  C CB  . PRO A 1 37  ? -11.417 -10.381 -16.330 0.33 70.38  ? 1015 PRO A CB  1 
ATOM   338  C CG  . PRO A 1 37  ? -11.872 -9.310  -15.359 0.33 70.40  ? 1015 PRO A CG  1 
ATOM   339  C CD  . PRO A 1 37  ? -11.103 -8.060  -15.737 0.33 70.04  ? 1015 PRO A CD  1 
ATOM   340  N N   . ASP A 1 38  ? -10.159 -9.211  -19.009 0.33 71.22  ? 1016 ASP A N   1 
ATOM   341  C CA  . ASP A 1 38  ? -10.126 -9.238  -20.496 0.33 71.68  ? 1016 ASP A CA  1 
ATOM   342  C C   . ASP A 1 38  ? -8.682  -9.345  -21.008 0.33 70.23  ? 1016 ASP A C   1 
ATOM   343  O O   . ASP A 1 38  ? -8.481  -10.049 -22.018 0.33 70.83  ? 1016 ASP A O   1 
ATOM   344  C CB  . ASP A 1 38  ? -10.845 -8.017  -21.081 0.33 72.68  ? 1016 ASP A CB  1 
ATOM   345  C CG  . ASP A 1 38  ? -12.357 -8.057  -20.925 0.33 73.79  ? 1016 ASP A CG  1 
ATOM   346  O OD1 . ASP A 1 38  ? -12.912 -9.171  -20.795 0.33 73.40  ? 1016 ASP A OD1 1 
ATOM   347  O OD2 . ASP A 1 38  ? -12.969 -6.969  -20.935 0.33 74.04  ? 1016 ASP A OD2 1 
ATOM   348  N N   . GLU A 1 39  ? -7.718  -8.687  -20.355 0.33 68.05  ? 1017 GLU A N   1 
ATOM   349  C CA  . GLU A 1 39  ? -6.296  -8.661  -20.804 0.33 65.99  ? 1017 GLU A CA  1 
ATOM   350  C C   . GLU A 1 39  ? -5.565  -9.903  -20.274 0.33 64.54  ? 1017 GLU A C   1 
ATOM   351  O O   . GLU A 1 39  ? -4.771  -10.481 -21.043 0.33 63.16  ? 1017 GLU A O   1 
ATOM   352  C CB  . GLU A 1 39  ? -5.611  -7.360  -20.372 0.33 66.03  ? 1017 GLU A CB  1 
ATOM   353  C CG  . GLU A 1 39  ? -4.457  -6.952  -21.276 0.33 64.83  ? 1017 GLU A CG  1 
ATOM   354  C CD  . GLU A 1 39  ? -4.095  -5.477  -21.227 0.33 64.61  ? 1017 GLU A CD  1 
ATOM   355  O OE1 . GLU A 1 39  ? -4.957  -4.667  -20.832 0.33 66.18  ? 1017 GLU A OE1 1 
ATOM   356  O OE2 . GLU A 1 39  ? -2.955  -5.136  -21.589 0.33 63.65  ? 1017 GLU A OE2 1 
ATOM   357  N N   . VAL A 1 40  ? -5.825  -10.292 -19.018 0.33 61.99  ? 1018 VAL A N   1 
ATOM   358  C CA  . VAL A 1 40  ? -5.270  -11.522 -18.373 0.33 60.54  ? 1018 VAL A CA  1 
ATOM   359  C C   . VAL A 1 40  ? -6.411  -12.266 -17.688 0.33 60.91  ? 1018 VAL A C   1 
ATOM   360  O O   . VAL A 1 40  ? -6.752  -11.957 -16.547 0.33 57.20  ? 1018 VAL A O   1 
ATOM   361  C CB  . VAL A 1 40  ? -4.167  -11.201 -17.347 0.33 60.09  ? 1018 VAL A CB  1 
ATOM   362  C CG1 . VAL A 1 40  ? -3.116  -12.293 -17.285 0.33 60.80  ? 1018 VAL A CG1 1 
ATOM   363  C CG2 . VAL A 1 40  ? -3.510  -9.867  -17.607 0.33 59.76  ? 1018 VAL A CG2 1 
ATOM   364  N N   . PRO A 1 41  ? -7.047  -13.262 -18.345 1.00 61.92  ? 1019 PRO A N   1 
ATOM   365  C CA  . PRO A 1 41  ? -8.002  -14.132 -17.631 1.00 56.38  ? 1019 PRO A CA  1 
ATOM   366  C C   . PRO A 1 41  ? -7.277  -15.116 -16.694 1.00 46.03  ? 1019 PRO A C   1 
ATOM   367  O O   . PRO A 1 41  ? -7.784  -15.613 -15.689 1.00 53.54  ? 1019 PRO A O   1 
ATOM   368  C CB  . PRO A 1 41  ? -8.733  -14.833 -18.791 1.00 65.26  ? 1019 PRO A CB  1 
ATOM   369  C CG  . PRO A 1 41  ? -7.701  -14.876 -19.919 1.00 64.08  ? 1019 PRO A CG  1 
ATOM   370  C CD  . PRO A 1 41  ? -6.869  -13.615 -19.771 1.00 66.65  ? 1019 PRO A CD  1 
ATOM   371  N N   . ASP A 1 42  ? -6.029  -15.347 -17.023 1.00 40.17  ? 1020 ASP A N   1 
ATOM   372  C CA  . ASP A 1 42  ? -5.067  -16.160 -16.261 1.00 39.51  ? 1020 ASP A CA  1 
ATOM   373  C C   . ASP A 1 42  ? -4.687  -15.489 -14.905 1.00 36.58  ? 1020 ASP A C   1 
ATOM   374  O O   . ASP A 1 42  ? -4.117  -16.184 -14.032 1.00 38.48  ? 1020 ASP A O   1 
ATOM   375  C CB  . ASP A 1 42  ? -3.886  -16.279 -17.213 1.00 49.19  ? 1020 ASP A CB  1 
ATOM   376  C CG  . ASP A 1 42  ? -2.706  -16.947 -16.591 1.00 55.36  ? 1020 ASP A CG  1 
ATOM   377  O OD1 . ASP A 1 42  ? -2.854  -18.128 -16.219 1.00 70.52  ? 1020 ASP A OD1 1 
ATOM   378  O OD2 . ASP A 1 42  ? -1.679  -16.261 -16.456 1.00 52.70  ? 1020 ASP A OD2 1 
ATOM   379  N N   . TYR A 1 43  ? -4.861  -14.172 -14.751 1.00 37.50  ? 1021 TYR A N   1 
ATOM   380  C CA  . TYR A 1 43  ? -4.211  -13.426 -13.625 1.00 34.53  ? 1021 TYR A CA  1 
ATOM   381  C C   . TYR A 1 43  ? -4.760  -13.966 -12.294 1.00 34.58  ? 1021 TYR A C   1 
ATOM   382  O O   . TYR A 1 43  ? -3.949  -14.331 -11.444 1.00 32.60  ? 1021 TYR A O   1 
ATOM   383  C CB  . TYR A 1 43  ? -4.374  -11.903 -13.731 1.00 31.68  ? 1021 TYR A CB  1 
ATOM   384  C CG  . TYR A 1 43  ? -3.569  -11.121 -12.707 1.00 28.73  ? 1021 TYR A CG  1 
ATOM   385  C CD1 . TYR A 1 43  ? -2.193  -10.985 -12.837 1.00 27.53  ? 1021 TYR A CD1 1 
ATOM   386  C CD2 . TYR A 1 43  ? -4.163  -10.614 -11.554 1.00 30.78  ? 1021 TYR A CD2 1 
ATOM   387  C CE1 . TYR A 1 43  ? -1.426  -10.296 -11.885 1.00 27.75  ? 1021 TYR A CE1 1 
ATOM   388  C CE2 . TYR A 1 43  ? -3.416  -9.919  -10.601 1.00 27.00  ? 1021 TYR A CE2 1 
ATOM   389  C CZ  . TYR A 1 43  ? -2.047  -9.782  -10.750 1.00 24.91  ? 1021 TYR A CZ  1 
ATOM   390  O OH  . TYR A 1 43  ? -1.269  -9.153  -9.814  1.00 25.21  ? 1021 TYR A OH  1 
ATOM   391  N N   . ARG A 1 44  ? -6.088  -14.040 -12.180 1.00 37.32  ? 1022 ARG A N   1 
ATOM   392  C CA  . ARG A 1 44  ? -6.781  -14.371 -10.905 1.00 43.91  ? 1022 ARG A CA  1 
ATOM   393  C C   . ARG A 1 44  ? -6.639  -15.859 -10.567 1.00 43.88  ? 1022 ARG A C   1 
ATOM   394  O O   . ARG A 1 44  ? -6.860  -16.186 -9.409  1.00 50.03  ? 1022 ARG A O   1 
ATOM   395  C CB  . ARG A 1 44  ? -8.229  -13.887 -10.939 1.00 48.64  ? 1022 ARG A CB  1 
ATOM   396  C CG  . ARG A 1 44  ? -8.425  -12.582 -10.186 1.00 57.12  ? 1022 ARG A CG  1 
ATOM   397  C CD  . ARG A 1 44  ? -9.604  -11.740 -10.630 1.00 63.92  ? 1022 ARG A CD  1 
ATOM   398  N NE  . ARG A 1 44  ? -9.273  -10.354 -10.337 1.00 70.96  ? 1022 ARG A NE  1 
ATOM   399  C CZ  . ARG A 1 44  ? -8.613  -9.513  -11.146 1.00 76.87  ? 1022 ARG A CZ  1 
ATOM   400  N NH1 . ARG A 1 44  ? -8.245  -9.872  -12.375 1.00 64.07  ? 1022 ARG A NH1 1 
ATOM   401  N NH2 . ARG A 1 44  ? -8.363  -8.283  -10.716 1.00 76.62  ? 1022 ARG A NH2 1 
ATOM   402  N N   . THR A 1 45  ? -6.141  -16.704 -11.468 1.00 42.11  ? 1023 THR A N   1 
ATOM   403  C CA  . THR A 1 45  ? -5.846  -18.112 -11.118 1.00 47.37  ? 1023 THR A CA  1 
ATOM   404  C C   . THR A 1 45  ? -4.434  -18.211 -10.539 1.00 44.64  ? 1023 THR A C   1 
ATOM   405  O O   . THR A 1 45  ? -4.230  -19.062 -9.648  1.00 44.57  ? 1023 THR A O   1 
ATOM   406  C CB  . THR A 1 45  ? -6.212  -19.029 -12.291 1.00 50.36  ? 1023 THR A CB  1 
ATOM   407  O OG1 . THR A 1 45  ? -5.198  -19.013 -13.300 1.00 54.22  ? 1023 THR A OG1 1 
ATOM   408  C CG2 . THR A 1 45  ? -7.555  -18.628 -12.858 1.00 49.21  ? 1023 THR A CG2 1 
ATOM   409  N N   . VAL A 1 46  ? -3.503  -17.332 -10.927 1.00 34.40  ? 1024 VAL A N   1 
ATOM   410  C CA  . VAL A 1 46  ? -2.121  -17.364 -10.370 1.00 30.60  ? 1024 VAL A CA  1 
ATOM   411  C C   . VAL A 1 46  ? -2.057  -16.533 -9.065  1.00 28.96  ? 1024 VAL A C   1 
ATOM   412  O O   . VAL A 1 46  ? -1.380  -16.946 -8.095  1.00 30.67  ? 1024 VAL A O   1 
ATOM   413  C CB  . VAL A 1 46  ? -1.084  -16.869 -11.407 1.00 34.21  ? 1024 VAL A CB  1 
ATOM   414  C CG1 . VAL A 1 46  ? 0.332   -16.864 -10.810 1.00 33.37  ? 1024 VAL A CG1 1 
ATOM   415  C CG2 . VAL A 1 46  ? -1.173  -17.676 -12.699 1.00 44.12  ? 1024 VAL A CG2 1 
ATOM   416  N N   . ILE A 1 47  ? -2.586  -15.313 -9.113  1.00 26.72  ? 1025 ILE A N   1 
ATOM   417  C CA  . ILE A 1 47  ? -2.475  -14.340 -7.997  1.00 23.91  ? 1025 ILE A CA  1 
ATOM   418  C C   . ILE A 1 47  ? -3.751  -14.431 -7.129  1.00 19.90  ? 1025 ILE A C   1 
ATOM   419  O O   . ILE A 1 47  ? -4.825  -14.055 -7.584  1.00 25.18  ? 1025 ILE A O   1 
ATOM   420  C CB  . ILE A 1 47  ? -2.232  -12.935 -8.573  1.00 22.40  ? 1025 ILE A CB  1 
ATOM   421  C CG1 . ILE A 1 47  ? -0.919  -12.904 -9.387  1.00 22.26  ? 1025 ILE A CG1 1 
ATOM   422  C CG2 . ILE A 1 47  ? -2.197  -11.884 -7.465  1.00 22.11  ? 1025 ILE A CG2 1 
ATOM   423  C CD1 . ILE A 1 47  ? 0.328   -13.230 -8.612  1.00 23.36  ? 1025 ILE A CD1 1 
ATOM   424  N N   . LYS A 1 48  ? -3.555  -14.914 -5.924  1.00 26.05  ? 1026 LYS A N   1 
ATOM   425  C CA  . LYS A 1 48  ? -4.671  -15.247 -5.004  1.00 25.80  ? 1026 LYS A CA  1 
ATOM   426  C C   . LYS A 1 48  ? -5.179  -14.013 -4.259  1.00 24.89  ? 1026 LYS A C   1 
ATOM   427  O O   . LYS A 1 48  ? -6.405  -14.004 -3.954  1.00 25.75  ? 1026 LYS A O   1 
ATOM   428  C CB  . LYS A 1 48  ? -4.186  -16.282 -4.003  1.00 25.96  ? 1026 LYS A CB  1 
ATOM   429  C CG  . LYS A 1 48  ? -3.782  -17.614 -4.636  1.00 28.04  ? 1026 LYS A CG  1 
ATOM   430  C CD  . LYS A 1 48  ? -4.855  -18.209 -5.477  1.00 33.43  ? 1026 LYS A CD  1 
ATOM   431  C CE  . LYS A 1 48  ? -4.425  -19.465 -6.210  1.00 36.60  ? 1026 LYS A CE  1 
ATOM   432  N NZ  . LYS A 1 48  ? -5.461  -19.828 -7.205  1.00 38.43  ? 1026 LYS A NZ  1 
ATOM   433  N N   . GLU A 1 49  ? -4.350  -12.966 -4.078  1.00 23.01  ? 1027 GLU A N   1 
ATOM   434  C CA  . GLU A 1 49  ? -4.837  -11.723 -3.414  1.00 21.93  ? 1027 GLU A CA  1 
ATOM   435  C C   . GLU A 1 49  ? -4.361  -10.516 -4.249  1.00 22.20  ? 1027 GLU A C   1 
ATOM   436  O O   . GLU A 1 49  ? -3.333  -9.911  -3.901  1.00 22.57  ? 1027 GLU A O   1 
ATOM   437  C CB  . GLU A 1 49  ? -4.426  -11.671 -1.938  1.00 24.23  ? 1027 GLU A CB  1 
ATOM   438  C CG  . GLU A 1 49  ? -5.163  -10.562 -1.208  1.00 21.61  ? 1027 GLU A CG  1 
ATOM   439  C CD  . GLU A 1 49  ? -5.051  -10.405 0.296   1.00 24.75  ? 1027 GLU A CD  1 
ATOM   440  O OE1 . GLU A 1 49  ? -4.229  -11.120 0.883   1.00 24.98  ? 1027 GLU A OE1 1 
ATOM   441  O OE2 . GLU A 1 49  ? -5.817  -9.483  0.851   1.00 26.09  ? 1027 GLU A OE2 1 
ATOM   442  N N   . PRO A 1 50  ? -5.061  -10.171 -5.347  1.00 19.19  ? 1028 PRO A N   1 
ATOM   443  C CA  . PRO A 1 50  ? -4.694  -8.987  -6.127  1.00 19.31  ? 1028 PRO A CA  1 
ATOM   444  C C   . PRO A 1 50  ? -4.725  -7.700  -5.284  1.00 20.80  ? 1028 PRO A C   1 
ATOM   445  O O   . PRO A 1 50  ? -5.560  -7.559  -4.327  1.00 20.39  ? 1028 PRO A O   1 
ATOM   446  C CB  . PRO A 1 50  ? -5.770  -8.896  -7.207  1.00 22.61  ? 1028 PRO A CB  1 
ATOM   447  C CG  . PRO A 1 50  ? -6.331  -10.291 -7.328  1.00 25.47  ? 1028 PRO A CG  1 
ATOM   448  C CD  . PRO A 1 50  ? -6.230  -10.855 -5.929  1.00 23.03  ? 1028 PRO A CD  1 
ATOM   449  N N   . MET A 1 51  ? -3.855  -6.716  -5.618  1.00 18.93  ? 1029 MET A N   1 
ATOM   450  C CA  . MET A 1 51  ? -3.880  -5.417  -4.897  1.00 18.48  ? 1029 MET A CA  1 
ATOM   451  C C   . MET A 1 51  ? -3.359  -4.345  -5.860  1.00 18.67  ? 1029 MET A C   1 
ATOM   452  O O   . MET A 1 51  ? -2.517  -4.680  -6.740  1.00 17.85  ? 1029 MET A O   1 
ATOM   453  C CB  . MET A 1 51  ? -3.033  -5.483  -3.618  1.00 17.32  ? 1029 MET A CB  1 
ATOM   454  C CG  . MET A 1 51  ? -3.161  -4.293  -2.629  1.00 17.11  ? 1029 MET A CG  1 
ATOM   455  S SD  . MET A 1 51  ? -4.814  -3.800  -2.147  1.00 20.52  ? 1029 MET A SD  1 
ATOM   456  C CE  . MET A 1 51  ? -5.391  -5.329  -1.372  1.00 22.27  ? 1029 MET A CE  1 
ATOM   457  N N   . ASP A 1 52  ? -3.862  -3.121  -5.687  1.00 18.48  ? 1030 ASP A N   1 
ATOM   458  C CA  . ASP A 1 52  ? -3.499  -1.979  -6.563  1.00 18.08  ? 1030 ASP A CA  1 
ATOM   459  C C   . ASP A 1 52  ? -3.751  -0.691  -5.775  1.00 17.38  ? 1030 ASP A C   1 
ATOM   460  O O   . ASP A 1 52  ? -4.403  -0.722  -4.695  1.00 18.72  ? 1030 ASP A O   1 
ATOM   461  C CB  . ASP A 1 52  ? -4.306  -1.994  -7.860  1.00 20.09  ? 1030 ASP A CB  1 
ATOM   462  C CG  . ASP A 1 52  ? -5.789  -1.732  -7.570  1.00 23.09  ? 1030 ASP A CG  1 
ATOM   463  O OD1 . ASP A 1 52  ? -6.511  -2.688  -7.143  1.00 27.01  ? 1030 ASP A OD1 1 
ATOM   464  O OD2 . ASP A 1 52  ? -6.154  -0.587  -7.601  1.00 25.58  ? 1030 ASP A OD2 1 
ATOM   465  N N   . LEU A 1 53  ? -3.275  0.430   -6.283  1.00 17.64  ? 1031 LEU A N   1 
ATOM   466  C CA  . LEU A 1 53  ? -3.334  1.718   -5.542  1.00 17.68  ? 1031 LEU A CA  1 
ATOM   467  C C   . LEU A 1 53  ? -4.763  2.287   -5.394  1.00 19.57  ? 1031 LEU A C   1 
ATOM   468  O O   . LEU A 1 53  ? -5.039  2.990   -4.393  1.00 20.57  ? 1031 LEU A O   1 
ATOM   469  C CB  . LEU A 1 53  ? -2.346  2.743   -6.141  1.00 16.96  ? 1031 LEU A CB  1 
ATOM   470  C CG  . LEU A 1 53  ? -0.863  2.367   -6.110  1.00 16.88  ? 1031 LEU A CG  1 
ATOM   471  C CD1 . LEU A 1 53  ? -0.036  3.362   -6.924  1.00 19.98  ? 1031 LEU A CD1 1 
ATOM   472  C CD2 . LEU A 1 53  ? -0.327  2.303   -4.668  1.00 16.98  ? 1031 LEU A CD2 1 
ATOM   473  N N   A SER A 1 54  ? -5.660  2.031   -6.355  0.18 19.60  ? 1032 SER A N   1 
ATOM   474  N N   B SER A 1 54  ? -5.656  2.022   -6.353  0.10 19.20  ? 1032 SER A N   1 
ATOM   475  N N   C SER A 1 54  ? -5.654  2.027   -6.363  0.22 19.57  ? 1032 SER A N   1 
ATOM   476  C CA  A SER A 1 54  ? -7.084  2.437   -6.227  0.18 19.60  ? 1032 SER A CA  1 
ATOM   477  C CA  B SER A 1 54  ? -7.082  2.428   -6.244  0.10 19.02  ? 1032 SER A CA  1 
ATOM   478  C CA  C SER A 1 54  ? -7.086  2.416   -6.252  0.22 19.57  ? 1032 SER A CA  1 
ATOM   479  C C   A SER A 1 54  ? -7.740  1.643   -5.089  0.18 18.38  ? 1032 SER A C   1 
ATOM   480  C C   B SER A 1 54  ? -7.749  1.643   -5.107  0.10 18.53  ? 1032 SER A C   1 
ATOM   481  C C   C SER A 1 54  ? -7.733  1.642   -5.096  0.22 18.13  ? 1032 SER A C   1 
ATOM   482  O O   A SER A 1 54  ? -8.502  2.248   -4.295  0.18 19.07  ? 1032 SER A O   1 
ATOM   483  O O   B SER A 1 54  ? -8.519  2.258   -4.335  0.10 18.99  ? 1032 SER A O   1 
ATOM   484  O O   C SER A 1 54  ? -8.487  2.255   -4.298  0.22 19.03  ? 1032 SER A O   1 
ATOM   485  C CB  A SER A 1 54  ? -7.849  2.292   -7.529  0.18 20.58  ? 1032 SER A CB  1 
ATOM   486  C CB  B SER A 1 54  ? -7.828  2.268   -7.548  0.10 19.24  ? 1032 SER A CB  1 
ATOM   487  C CB  C SER A 1 54  ? -7.848  2.219   -7.560  0.22 20.66  ? 1032 SER A CB  1 
ATOM   488  O OG  A SER A 1 54  ? -7.357  3.195   -8.503  0.18 21.55  ? 1032 SER A OG  1 
ATOM   489  O OG  B SER A 1 54  ? -9.203  2.569   -7.367  0.10 19.06  ? 1032 SER A OG  1 
ATOM   490  O OG  C SER A 1 54  ? -8.093  0.840   -7.814  0.22 21.58  ? 1032 SER A OG  1 
ATOM   491  N N   . SER A 1 55  ? -7.468  0.342   -4.997  1.00 19.19  ? 1033 SER A N   1 
ATOM   492  C CA  . SER A 1 55  ? -8.004  -0.481  -3.884  1.00 19.60  ? 1033 SER A CA  1 
ATOM   493  C C   . SER A 1 55  ? -7.438  0.041   -2.561  1.00 17.88  ? 1033 SER A C   1 
ATOM   494  O O   . SER A 1 55  ? -8.189  0.059   -1.543  1.00 17.31  ? 1033 SER A O   1 
ATOM   495  C CB  . SER A 1 55  ? -7.742  -1.913  -4.076  1.00 20.01  ? 1033 SER A CB  1 
ATOM   496  O OG  . SER A 1 55  ? -8.406  -2.340  -5.271  1.00 24.69  ? 1033 SER A OG  1 
ATOM   497  N N   . VAL A 1 56  ? -6.139  0.356   -2.526  1.00 17.77  ? 1034 VAL A N   1 
ATOM   498  C CA  . VAL A 1 56  ? -5.545  0.936   -1.265  1.00 17.19  ? 1034 VAL A CA  1 
ATOM   499  C C   . VAL A 1 56  ? -6.301  2.206   -0.787  1.00 17.57  ? 1034 VAL A C   1 
ATOM   500  O O   . VAL A 1 56  ? -6.599  2.348   0.437   1.00 17.33  ? 1034 VAL A O   1 
ATOM   501  C CB  . VAL A 1 56  ? -4.023  1.136   -1.436  1.00 16.65  ? 1034 VAL A CB  1 
ATOM   502  C CG1 . VAL A 1 56  ? -3.434  1.956   -0.301  1.00 19.69  ? 1034 VAL A CG1 1 
ATOM   503  C CG2 . VAL A 1 56  ? -3.308  -0.167  -1.513  1.00 17.58  ? 1034 VAL A CG2 1 
ATOM   504  N N   A ILE A 1 57  ? -6.600  3.132   -1.701  0.14 17.78  ? 1035 ILE A N   1 
ATOM   505  N N   B ILE A 1 57  ? -6.607  3.158   -1.673  0.22 17.92  ? 1035 ILE A N   1 
ATOM   506  N N   C ILE A 1 57  ? -6.600  3.132   -1.701  0.14 17.78  ? 1035 ILE A N   1 
ATOM   507  C CA  A ILE A 1 57  ? -7.380  4.370   -1.382  0.14 18.53  ? 1035 ILE A CA  1 
ATOM   508  C CA  B ILE A 1 57  ? -7.378  4.375   -1.255  0.22 19.10  ? 1035 ILE A CA  1 
ATOM   509  C CA  C ILE A 1 57  ? -7.380  4.370   -1.382  0.14 18.53  ? 1035 ILE A CA  1 
ATOM   510  C C   A ILE A 1 57  ? -8.746  3.975   -0.794  0.14 18.45  ? 1035 ILE A C   1 
ATOM   511  C C   B ILE A 1 57  ? -8.760  3.946   -0.736  0.22 18.74  ? 1035 ILE A C   1 
ATOM   512  C C   C ILE A 1 57  ? -8.746  3.975   -0.794  0.14 18.45  ? 1035 ILE A C   1 
ATOM   513  O O   A ILE A 1 57  ? -9.133  4.539   0.257   0.14 18.19  ? 1035 ILE A O   1 
ATOM   514  O O   B ILE A 1 57  ? -9.189  4.450   0.340   0.22 17.66  ? 1035 ILE A O   1 
ATOM   515  O O   C ILE A 1 57  ? -9.133  4.539   0.257   0.14 18.19  ? 1035 ILE A O   1 
ATOM   516  C CB  A ILE A 1 57  ? -7.524  5.266   -2.627  0.14 19.86  ? 1035 ILE A CB  1 
ATOM   517  C CB  B ILE A 1 57  ? -7.499  5.419   -2.376  0.22 21.53  ? 1035 ILE A CB  1 
ATOM   518  C CB  C ILE A 1 57  ? -7.524  5.266   -2.627  0.14 19.86  ? 1035 ILE A CB  1 
ATOM   519  C CG1 A ILE A 1 57  ? -6.204  5.960   -2.966  0.14 20.63  ? 1035 ILE A CG1 1 
ATOM   520  C CG1 B ILE A 1 57  ? -6.128  5.950   -2.801  0.22 23.79  ? 1035 ILE A CG1 1 
ATOM   521  C CG1 C ILE A 1 57  ? -6.204  5.960   -2.966  0.14 20.63  ? 1035 ILE A CG1 1 
ATOM   522  C CG2 A ILE A 1 57  ? -8.648  6.267   -2.430  0.14 21.18  ? 1035 ILE A CG2 1 
ATOM   523  C CG2 B ILE A 1 57  ? -8.430  6.544   -1.939  0.22 22.82  ? 1035 ILE A CG2 1 
ATOM   524  C CG2 C ILE A 1 57  ? -8.648  6.267   -2.430  0.14 21.18  ? 1035 ILE A CG2 1 
ATOM   525  C CD1 A ILE A 1 57  ? -5.704  6.863   -1.874  0.14 20.98  ? 1035 ILE A CD1 1 
ATOM   526  C CD1 B ILE A 1 57  ? -6.184  6.803   -4.037  0.22 26.49  ? 1035 ILE A CD1 1 
ATOM   527  C CD1 C ILE A 1 57  ? -5.704  6.863   -1.874  0.14 20.98  ? 1035 ILE A CD1 1 
ATOM   528  N N   . SER A 1 58  ? -9.448  3.030   -1.430  1.00 17.96  ? 1036 SER A N   1 
ATOM   529  C CA  . SER A 1 58  ? -10.781 2.548   -0.921  1.00 18.02  ? 1036 SER A CA  1 
ATOM   530  C C   . SER A 1 58  ? -10.618 1.981   0.504   1.00 17.82  ? 1036 SER A C   1 
ATOM   531  O O   . SER A 1 58  ? -11.459 2.274   1.408   1.00 18.07  ? 1036 SER A O   1 
ATOM   532  C CB  . SER A 1 58  ? -11.419 1.500   -1.830  1.00 19.99  ? 1036 SER A CB  1 
ATOM   533  O OG  . SER A 1 58  ? -11.757 2.091   -3.073  1.00 24.17  ? 1036 SER A OG  1 
ATOM   534  N N   . LYS A 1 59  ? -9.581  1.183   0.749   1.00 16.77  ? 1037 LYS A N   1 
ATOM   535  C CA  . LYS A 1 59  ? -9.332  0.606   2.103   1.00 16.33  ? 1037 LYS A CA  1 
ATOM   536  C C   . LYS A 1 59  ? -9.036  1.681   3.161   1.00 17.31  ? 1037 LYS A C   1 
ATOM   537  O O   . LYS A 1 59  ? -9.505  1.535   4.302   1.00 17.53  ? 1037 LYS A O   1 
ATOM   538  C CB  . LYS A 1 59  ? -8.246  -0.475  1.988   1.00 16.34  ? 1037 LYS A CB  1 
ATOM   539  C CG  . LYS A 1 59  ? -8.678  -1.758  1.287   1.00 17.30  ? 1037 LYS A CG  1 
ATOM   540  C CD  . LYS A 1 59  ? -7.636  -2.850  1.330   1.00 17.77  ? 1037 LYS A CD  1 
ATOM   541  C CE  . LYS A 1 59  ? -7.384  -3.403  2.685   1.00 20.71  ? 1037 LYS A CE  1 
ATOM   542  N NZ  . LYS A 1 59  ? -6.587  -4.647  2.710   1.00 20.93  ? 1037 LYS A NZ  1 
ATOM   543  N N   . ILE A 1 60  ? -8.269  2.711   2.817   1.00 17.15  ? 1038 ILE A N   1 
ATOM   544  C CA  . ILE A 1 60  ? -8.011  3.821   3.781   1.00 16.59  ? 1038 ILE A CA  1 
ATOM   545  C C   . ILE A 1 60  ? -9.377  4.384   4.236   1.00 16.34  ? 1038 ILE A C   1 
ATOM   546  O O   . ILE A 1 60  ? -9.627  4.549   5.461   1.00 16.17  ? 1038 ILE A O   1 
ATOM   547  C CB  . ILE A 1 60  ? -7.125  4.933   3.190   1.00 17.02  ? 1038 ILE A CB  1 
ATOM   548  C CG1 . ILE A 1 60  ? -5.720  4.425   2.840   1.00 16.54  ? 1038 ILE A CG1 1 
ATOM   549  C CG2 . ILE A 1 60  ? -7.081  6.102   4.206   1.00 17.46  ? 1038 ILE A CG2 1 
ATOM   550  C CD1 . ILE A 1 60  ? -4.888  5.371   1.963   1.00 18.63  ? 1038 ILE A CD1 1 
ATOM   551  N N   . ASP A 1 61  ? -10.242 4.683   3.285   1.00 16.54  ? 1039 ASP A N   1 
ATOM   552  C CA  . ASP A 1 61  ? -11.547 5.312   3.543   1.00 19.56  ? 1039 ASP A CA  1 
ATOM   553  C C   . ASP A 1 61  ? -12.489 4.365   4.307   1.00 21.86  ? 1039 ASP A C   1 
ATOM   554  O O   . ASP A 1 61  ? -13.388 4.893   5.026   1.00 23.49  ? 1039 ASP A O   1 
ATOM   555  C CB  . ASP A 1 61  ? -12.118 5.783   2.214   1.00 19.15  ? 1039 ASP A CB  1 
ATOM   556  C CG  . ASP A 1 61  ? -11.399 7.001   1.609   1.00 25.76  ? 1039 ASP A CG  1 
ATOM   557  O OD1 . ASP A 1 61  ? -10.595 7.630   2.360   1.00 26.63  ? 1039 ASP A OD1 1 
ATOM   558  O OD2 . ASP A 1 61  ? -11.599 7.308   0.391   1.00 23.96  ? 1039 ASP A OD2 1 
ATOM   559  N N   . LEU A 1 62  ? -12.343 3.037   4.170   1.00 18.48  ? 1040 LEU A N   1 
ATOM   560  C CA  . LEU A 1 62  ? -13.137 2.044   4.931   1.00 18.66  ? 1040 LEU A CA  1 
ATOM   561  C C   . LEU A 1 62  ? -12.528 1.822   6.316   1.00 20.14  ? 1040 LEU A C   1 
ATOM   562  O O   . LEU A 1 62  ? -13.010 0.929   7.096   1.00 20.67  ? 1040 LEU A O   1 
ATOM   563  C CB  . LEU A 1 62  ? -13.199 0.735   4.123   1.00 17.41  ? 1040 LEU A CB  1 
ATOM   564  C CG  . LEU A 1 62  ? -14.063 0.745   2.872   1.00 20.48  ? 1040 LEU A CG  1 
ATOM   565  C CD1 . LEU A 1 62  ? -13.783 -0.479  2.023   1.00 21.22  ? 1040 LEU A CD1 1 
ATOM   566  C CD2 . LEU A 1 62  ? -15.556 0.813   3.225   1.00 22.14  ? 1040 LEU A CD2 1 
ATOM   567  N N   . HIS A 1 63  ? -11.449 2.529   6.718   1.00 18.68  ? 1041 HIS A N   1 
ATOM   568  C CA  . HIS A 1 63  ? -10.806 2.380   8.050   1.00 18.02  ? 1041 HIS A CA  1 
ATOM   569  C C   . HIS A 1 63  ? -10.214 0.978   8.204   1.00 20.09  ? 1041 HIS A C   1 
ATOM   570  O O   . HIS A 1 63  ? -10.136 0.446   9.324   1.00 21.09  ? 1041 HIS A O   1 
ATOM   571  C CB  . HIS A 1 63  ? -11.781 2.762   9.220   1.00 20.51  ? 1041 HIS A CB  1 
ATOM   572  C CG  . HIS A 1 63  ? -12.365 4.126   9.158   1.00 21.78  ? 1041 HIS A CG  1 
ATOM   573  N ND1 . HIS A 1 63  ? -12.967 4.687   10.264  1.00 26.39  ? 1041 HIS A ND1 1 
ATOM   574  C CD2 . HIS A 1 63  ? -12.397 5.061   8.188   1.00 23.00  ? 1041 HIS A CD2 1 
ATOM   575  C CE1 . HIS A 1 63  ? -13.407 5.883   9.911   1.00 22.98  ? 1041 HIS A CE1 1 
ATOM   576  N NE2 . HIS A 1 63  ? -13.057 6.173   8.654   1.00 25.25  ? 1041 HIS A NE2 1 
ATOM   577  N N   . LYS A 1 64  ? -9.650  0.410   7.146   1.00 18.83  ? 1042 LYS A N   1 
ATOM   578  C CA  . LYS A 1 64  ? -8.992  -0.906  7.209   1.00 19.31  ? 1042 LYS A CA  1 
ATOM   579  C C   . LYS A 1 64  ? -7.581  -0.858  7.825   1.00 19.27  ? 1042 LYS A C   1 
ATOM   580  O O   . LYS A 1 64  ? -7.120  -1.913  8.286   1.00 19.24  ? 1042 LYS A O   1 
ATOM   581  C CB  . LYS A 1 64  ? -8.912  -1.537  5.829   1.00 18.49  ? 1042 LYS A CB  1 
ATOM   582  C CG  . LYS A 1 64  ? -10.260 -1.810  5.167   1.00 22.18  ? 1042 LYS A CG  1 
ATOM   583  C CD  . LYS A 1 64  ? -10.958 -3.042  5.555   1.00 25.59  ? 1042 LYS A CD  1 
ATOM   584  C CE  . LYS A 1 64  ? -12.093 -3.397  4.581   1.00 25.09  ? 1042 LYS A CE  1 
ATOM   585  N NZ  . LYS A 1 64  ? -12.651 -4.716  4.933   1.00 30.51  ? 1042 LYS A NZ  1 
ATOM   586  N N   . TYR A 1 65  ? -6.902  0.292   7.758   1.00 17.57  ? 1043 TYR A N   1 
ATOM   587  C CA  . TYR A 1 65  ? -5.528  0.448   8.274   1.00 17.50  ? 1043 TYR A CA  1 
ATOM   588  C C   . TYR A 1 65  ? -5.561  1.257   9.577   1.00 19.51  ? 1043 TYR A C   1 
ATOM   589  O O   . TYR A 1 65  ? -6.029  2.432   9.584   1.00 21.10  ? 1043 TYR A O   1 
ATOM   590  C CB  . TYR A 1 65  ? -4.628  1.170   7.258   1.00 18.21  ? 1043 TYR A CB  1 
ATOM   591  C CG  . TYR A 1 65  ? -4.619  0.582   5.846   1.00 16.33  ? 1043 TYR A CG  1 
ATOM   592  C CD1 . TYR A 1 65  ? -4.254  -0.740  5.633   1.00 18.32  ? 1043 TYR A CD1 1 
ATOM   593  C CD2 . TYR A 1 65  ? -5.011  1.299   4.730   1.00 17.05  ? 1043 TYR A CD2 1 
ATOM   594  C CE1 . TYR A 1 65  ? -4.200  -1.292  4.353   1.00 17.57  ? 1043 TYR A CE1 1 
ATOM   595  C CE2 . TYR A 1 65  ? -4.986  0.766   3.440   1.00 16.80  ? 1043 TYR A CE2 1 
ATOM   596  C CZ  . TYR A 1 65  ? -4.619  -0.550  3.247   1.00 17.21  ? 1043 TYR A CZ  1 
ATOM   597  O OH  . TYR A 1 65  ? -4.618  -1.031  1.942   1.00 18.44  ? 1043 TYR A OH  1 
ATOM   598  N N   A LEU A 1 66  ? -5.077  0.644   10.661  0.14 20.37  ? 1044 LEU A N   1 
ATOM   599  N N   B LEU A 1 66  ? -5.083  0.658   10.670  0.23 20.19  ? 1044 LEU A N   1 
ATOM   600  N N   C LEU A 1 66  ? -5.077  0.644   10.661  0.14 20.37  ? 1044 LEU A N   1 
ATOM   601  C CA  A LEU A 1 66  ? -4.943  1.288   11.998  0.14 21.36  ? 1044 LEU A CA  1 
ATOM   602  C CA  B LEU A 1 66  ? -4.931  1.358   11.983  0.23 21.16  ? 1044 LEU A CA  1 
ATOM   603  C CA  C LEU A 1 66  ? -4.943  1.288   11.998  0.14 21.36  ? 1044 LEU A CA  1 
ATOM   604  C C   A LEU A 1 66  ? -3.472  1.598   12.299  0.14 20.84  ? 1044 LEU A C   1 
ATOM   605  C C   B LEU A 1 66  ? -3.460  1.626   12.291  0.23 21.04  ? 1044 LEU A C   1 
ATOM   606  C C   C LEU A 1 66  ? -3.472  1.598   12.299  0.14 20.84  ? 1044 LEU A C   1 
ATOM   607  O O   A LEU A 1 66  ? -3.220  2.273   13.315  0.14 21.51  ? 1044 LEU A O   1 
ATOM   608  O O   B LEU A 1 66  ? -3.193  2.298   13.307  0.23 21.96  ? 1044 LEU A O   1 
ATOM   609  O O   C LEU A 1 66  ? -3.220  2.273   13.315  0.14 21.51  ? 1044 LEU A O   1 
ATOM   610  C CB  A LEU A 1 66  ? -5.534  0.357   13.064  0.14 22.80  ? 1044 LEU A CB  1 
ATOM   611  C CB  B LEU A 1 66  ? -5.547  0.511   13.101  0.23 22.53  ? 1044 LEU A CB  1 
ATOM   612  C CB  C LEU A 1 66  ? -5.534  0.357   13.064  0.14 22.80  ? 1044 LEU A CB  1 
ATOM   613  C CG  A LEU A 1 66  ? -7.006  -0.007  12.875  0.14 24.62  ? 1044 LEU A CG  1 
ATOM   614  C CG  B LEU A 1 66  ? -7.064  0.615   13.214  0.23 24.02  ? 1044 LEU A CG  1 
ATOM   615  C CG  C LEU A 1 66  ? -7.006  -0.007  12.875  0.14 24.62  ? 1044 LEU A CG  1 
ATOM   616  C CD1 A LEU A 1 66  ? -7.522  -0.809  14.062  0.14 25.82  ? 1044 LEU A CD1 1 
ATOM   617  C CD1 B LEU A 1 66  ? -7.718  -0.121  12.050  0.23 24.89  ? 1044 LEU A CD1 1 
ATOM   618  C CD1 C LEU A 1 66  ? -7.522  -0.809  14.062  0.14 25.82  ? 1044 LEU A CD1 1 
ATOM   619  C CD2 A LEU A 1 66  ? -7.858  1.238   12.664  0.14 23.69  ? 1044 LEU A CD2 1 
ATOM   620  C CD2 B LEU A 1 66  ? -7.532  0.071   14.554  0.23 24.71  ? 1044 LEU A CD2 1 
ATOM   621  C CD2 C LEU A 1 66  ? -7.858  1.238   12.664  0.14 23.69  ? 1044 LEU A CD2 1 
ATOM   622  N N   . THR A 1 67  ? -2.532  1.140   11.460  1.00 19.09  ? 1045 THR A N   1 
ATOM   623  C CA  . THR A 1 67  ? -1.105  1.445   11.620  1.00 18.79  ? 1045 THR A CA  1 
ATOM   624  C C   . THR A 1 67  ? -0.442  1.627   10.230  1.00 20.18  ? 1045 THR A C   1 
ATOM   625  O O   . THR A 1 67  ? -1.013  1.133   9.242   1.00 18.77  ? 1045 THR A O   1 
ATOM   626  C CB  . THR A 1 67  ? -0.315  0.358   12.327  1.00 20.71  ? 1045 THR A CB  1 
ATOM   627  O OG1 . THR A 1 67  ? -0.301  -0.873  11.624  1.00 21.62  ? 1045 THR A OG1 1 
ATOM   628  C CG2 . THR A 1 67  ? -0.875  0.116   13.720  1.00 23.52  ? 1045 THR A CG2 1 
ATOM   629  N N   . VAL A 1 68  ? 0.696   2.294   10.184  1.00 18.12  ? 1046 VAL A N   1 
ATOM   630  C CA  . VAL A 1 68  ? 1.481   2.373   8.913   1.00 18.70  ? 1046 VAL A CA  1 
ATOM   631  C C   . VAL A 1 68  ? 1.934   0.966   8.556   1.00 18.45  ? 1046 VAL A C   1 
ATOM   632  O O   . VAL A 1 68  ? 2.031   0.665   7.333   1.00 18.80  ? 1046 VAL A O   1 
ATOM   633  C CB  . VAL A 1 68  ? 2.613   3.418   8.942   1.00 21.23  ? 1046 VAL A CB  1 
ATOM   634  C CG1 . VAL A 1 68  ? 3.351   3.518   7.611   1.00 22.10  ? 1046 VAL A CG1 1 
ATOM   635  C CG2 . VAL A 1 68  ? 1.998   4.801   9.246   1.00 22.66  ? 1046 VAL A CG2 1 
ATOM   636  N N   . LYS A 1 69  ? 2.316   0.118   9.508   1.00 18.64  ? 1047 LYS A N   1 
ATOM   637  C CA  . LYS A 1 69  ? 2.677   -1.304  9.232   1.00 21.90  ? 1047 LYS A CA  1 
ATOM   638  C C   . LYS A 1 69  ? 1.607   -2.068  8.414   1.00 21.18  ? 1047 LYS A C   1 
ATOM   639  O O   . LYS A 1 69  ? 1.963   -2.770  7.419   1.00 21.27  ? 1047 LYS A O   1 
ATOM   640  C CB  . LYS A 1 69  ? 3.067   -1.970  10.559  1.00 26.87  ? 1047 LYS A CB  1 
ATOM   641  C CG  . LYS A 1 69  ? 3.545   -3.385  10.389  1.00 37.78  ? 1047 LYS A CG  1 
ATOM   642  C CD  . LYS A 1 69  ? 4.241   -3.945  11.641  1.00 52.62  ? 1047 LYS A CD  1 
ATOM   643  C CE  . LYS A 1 69  ? 5.693   -3.517  11.769  1.00 62.18  ? 1047 LYS A CE  1 
ATOM   644  N NZ  . LYS A 1 69  ? 5.859   -2.251  12.529  1.00 71.23  ? 1047 LYS A NZ  1 
ATOM   645  N N   A ASP A 1 70  ? 0.333   -1.930  8.749   0.24 20.15  ? 1048 ASP A N   1 
ATOM   646  N N   B ASP A 1 70  ? 0.332   -1.931  8.821   0.13 20.36  ? 1048 ASP A N   1 
ATOM   647  N N   C ASP A 1 70  ? 0.332   -1.931  8.821   0.13 20.36  ? 1048 ASP A N   1 
ATOM   648  C CA  A ASP A 1 70  ? -0.731  -2.652  8.012   0.24 20.72  ? 1048 ASP A CA  1 
ATOM   649  C CA  B ASP A 1 70  ? -0.875  -2.472  8.128   0.13 20.40  ? 1048 ASP A CA  1 
ATOM   650  C CA  C ASP A 1 70  ? -0.875  -2.472  8.128   0.13 20.40  ? 1048 ASP A CA  1 
ATOM   651  C C   A ASP A 1 70  ? -0.860  -2.043  6.595   0.24 19.22  ? 1048 ASP A C   1 
ATOM   652  C C   B ASP A 1 70  ? -0.827  -2.036  6.653   0.13 19.17  ? 1048 ASP A C   1 
ATOM   653  C C   C ASP A 1 70  ? -0.827  -2.036  6.653   0.13 19.17  ? 1048 ASP A C   1 
ATOM   654  O O   A ASP A 1 70  ? -1.147  -2.804  5.647   0.24 18.94  ? 1048 ASP A O   1 
ATOM   655  O O   B ASP A 1 70  ? -0.969  -2.896  5.761   0.13 19.47  ? 1048 ASP A O   1 
ATOM   656  O O   C ASP A 1 70  ? -0.969  -2.896  5.761   0.13 19.47  ? 1048 ASP A O   1 
ATOM   657  C CB  A ASP A 1 70  ? -2.016  -2.683  8.843   0.24 22.27  ? 1048 ASP A CB  1 
ATOM   658  C CB  B ASP A 1 70  ? -2.203  -1.968  8.729   0.13 21.20  ? 1048 ASP A CB  1 
ATOM   659  C CB  C ASP A 1 70  ? -2.203  -1.968  8.729   0.13 21.20  ? 1048 ASP A CB  1 
ATOM   660  C CG  A ASP A 1 70  ? -1.982  -3.659  10.014  0.24 22.10  ? 1048 ASP A CG  1 
ATOM   661  C CG  B ASP A 1 70  ? -2.632  -2.543  10.079  0.13 21.96  ? 1048 ASP A CG  1 
ATOM   662  C CG  C ASP A 1 70  ? -2.632  -2.543  10.079  0.13 21.96  ? 1048 ASP A CG  1 
ATOM   663  O OD1 A ASP A 1 70  ? -0.957  -4.342  10.221  0.24 23.20  ? 1048 ASP A OD1 1 
ATOM   664  O OD1 B ASP A 1 70  ? -1.880  -3.380  10.628  0.13 23.16  ? 1048 ASP A OD1 1 
ATOM   665  O OD1 C ASP A 1 70  ? -1.880  -3.380  10.628  0.13 23.16  ? 1048 ASP A OD1 1 
ATOM   666  O OD2 A ASP A 1 70  ? -2.984  -3.716  10.727  0.24 22.63  ? 1048 ASP A OD2 1 
ATOM   667  O OD2 B ASP A 1 70  ? -3.747  -2.153  10.574  0.13 22.03  ? 1048 ASP A OD2 1 
ATOM   668  O OD2 C ASP A 1 70  ? -3.747  -2.153  10.574  0.13 22.03  ? 1048 ASP A OD2 1 
ATOM   669  N N   . TYR A 1 71  ? -0.646  -0.734  6.421   1.00 17.31  ? 1049 TYR A N   1 
ATOM   670  C CA  . TYR A 1 71  ? -0.641  -0.127  5.055   1.00 16.55  ? 1049 TYR A CA  1 
ATOM   671  C C   . TYR A 1 71  ? 0.514   -0.710  4.216   1.00 16.92  ? 1049 TYR A C   1 
ATOM   672  O O   . TYR A 1 71  ? 0.337   -1.111  3.005   1.00 17.21  ? 1049 TYR A O   1 
ATOM   673  C CB  . TYR A 1 71  ? -0.519  1.392   5.161   1.00 16.10  ? 1049 TYR A CB  1 
ATOM   674  C CG  . TYR A 1 71  ? -0.191  2.139   3.898   1.00 16.81  ? 1049 TYR A CG  1 
ATOM   675  C CD1 . TYR A 1 71  ? -1.205  2.572   3.052   1.00 14.83  ? 1049 TYR A CD1 1 
ATOM   676  C CD2 . TYR A 1 71  ? 1.116   2.513   3.563   1.00 16.84  ? 1049 TYR A CD2 1 
ATOM   677  C CE1 . TYR A 1 71  ? -0.944  3.331   1.909   1.00 15.57  ? 1049 TYR A CE1 1 
ATOM   678  C CE2 . TYR A 1 71  ? 1.384   3.270   2.436   1.00 16.16  ? 1049 TYR A CE2 1 
ATOM   679  C CZ  . TYR A 1 71  ? 0.379   3.649   1.567   1.00 16.28  ? 1049 TYR A CZ  1 
ATOM   680  O OH  . TYR A 1 71  ? 0.631   4.445   0.457   1.00 15.34  ? 1049 TYR A OH  1 
ATOM   681  N N   . LEU A 1 72  ? 1.703   -0.780  4.809   1.00 17.58  ? 1050 LEU A N   1 
ATOM   682  C CA  . LEU A 1 72  ? 2.911   -1.285  4.086   1.00 18.31  ? 1050 LEU A CA  1 
ATOM   683  C C   . LEU A 1 72  ? 2.760   -2.764  3.721   1.00 18.62  ? 1050 LEU A C   1 
ATOM   684  O O   . LEU A 1 72  ? 3.359   -3.168  2.673   1.00 18.53  ? 1050 LEU A O   1 
ATOM   685  C CB  . LEU A 1 72  ? 4.201   -0.992  4.839   1.00 17.08  ? 1050 LEU A CB  1 
ATOM   686  C CG  . LEU A 1 72  ? 4.636   0.479   4.833   1.00 18.63  ? 1050 LEU A CG  1 
ATOM   687  C CD1 . LEU A 1 72  ? 5.777   0.665   5.820   1.00 23.15  ? 1050 LEU A CD1 1 
ATOM   688  C CD2 . LEU A 1 72  ? 5.093   0.985   3.468   1.00 22.99  ? 1050 LEU A CD2 1 
ATOM   689  N N   . ARG A 1 73  ? 1.990   -3.559  4.445   1.00 17.70  ? 1051 ARG A N   1 
ATOM   690  C CA  . ARG A 1 73  ? 1.736   -4.952  4.026   1.00 19.39  ? 1051 ARG A CA  1 
ATOM   691  C C   . ARG A 1 73  ? 1.047   -4.951  2.644   1.00 19.00  ? 1051 ARG A C   1 
ATOM   692  O O   . ARG A 1 73  ? 1.374   -5.852  1.809   1.00 18.63  ? 1051 ARG A O   1 
ATOM   693  C CB  . ARG A 1 73  ? 0.855   -5.747  5.006   1.00 24.46  ? 1051 ARG A CB  1 
ATOM   694  C CG  . ARG A 1 73  ? 1.522   -6.079  6.322   1.00 36.21  ? 1051 ARG A CG  1 
ATOM   695  C CD  . ARG A 1 73  ? 0.602   -6.963  7.208   1.00 42.73  ? 1051 ARG A CD  1 
ATOM   696  N NE  . ARG A 1 73  ? 0.671   -6.577  8.614   1.00 55.57  ? 1051 ARG A NE  1 
ATOM   697  C CZ  . ARG A 1 73  ? 1.753   -6.720  9.396   1.00 70.51  ? 1051 ARG A CZ  1 
ATOM   698  N NH1 . ARG A 1 73  ? 2.881   -7.228  8.910   1.00 74.80  ? 1051 ARG A NH1 1 
ATOM   699  N NH2 . ARG A 1 73  ? 1.703   -6.343  10.666  1.00 80.14  ? 1051 ARG A NH2 1 
ATOM   700  N N   . ASP A 1 74  ? 0.111   -4.035  2.380   1.00 18.29  ? 1052 ASP A N   1 
ATOM   701  C CA  . ASP A 1 74  ? -0.555  -3.960  1.045   1.00 16.16  ? 1052 ASP A CA  1 
ATOM   702  C C   . ASP A 1 74  ? 0.448   -3.416  -0.040  1.00 16.99  ? 1052 ASP A C   1 
ATOM   703  O O   . ASP A 1 74  ? 0.364   -3.880  -1.203  1.00 17.44  ? 1052 ASP A O   1 
ATOM   704  C CB  . ASP A 1 74  ? -1.871  -3.225  1.115   1.00 16.66  ? 1052 ASP A CB  1 
ATOM   705  C CG  . ASP A 1 74  ? -3.030  -4.153  1.561   1.00 20.21  ? 1052 ASP A CG  1 
ATOM   706  O OD1 . ASP A 1 74  ? -2.855  -5.427  1.496   1.00 19.41  ? 1052 ASP A OD1 1 
ATOM   707  O OD2 . ASP A 1 74  ? -4.145  -3.618  1.846   1.00 18.76  ? 1052 ASP A OD2 1 
ATOM   708  N N   . ILE A 1 75  ? 1.246   -2.386  0.246   1.00 16.65  ? 1053 ILE A N   1 
ATOM   709  C CA  . ILE A 1 75  ? 2.312   -1.924  -0.716  1.00 15.99  ? 1053 ILE A CA  1 
ATOM   710  C C   . ILE A 1 75  ? 3.211   -3.133  -1.053  1.00 17.67  ? 1053 ILE A C   1 
ATOM   711  O O   . ILE A 1 75  ? 3.477   -3.381  -2.264  1.00 17.75  ? 1053 ILE A O   1 
ATOM   712  C CB  . ILE A 1 75  ? 3.101   -0.723  -0.186  1.00 18.90  ? 1053 ILE A CB  1 
ATOM   713  C CG1 . ILE A 1 75  ? 2.174   0.465   0.109   1.00 18.61  ? 1053 ILE A CG1 1 
ATOM   714  C CG2 . ILE A 1 75  ? 4.256   -0.404  -1.141  1.00 20.54  ? 1053 ILE A CG2 1 
ATOM   715  C CD1 . ILE A 1 75  ? 1.350   0.999   -1.065  1.00 20.74  ? 1053 ILE A CD1 1 
ATOM   716  N N   . ASP A 1 76  ? 3.668   -3.882  -0.051  1.00 16.28  ? 1054 ASP A N   1 
ATOM   717  C CA  . ASP A 1 76  ? 4.513   -5.092  -0.248  1.00 18.43  ? 1054 ASP A CA  1 
ATOM   718  C C   . ASP A 1 76  ? 3.780   -6.150  -1.089  1.00 19.95  ? 1054 ASP A C   1 
ATOM   719  O O   . ASP A 1 76  ? 4.500   -6.804  -1.887  1.00 19.07  ? 1054 ASP A O   1 
ATOM   720  C CB  . ASP A 1 76  ? 5.020   -5.664  1.068   1.00 20.44  ? 1054 ASP A CB  1 
ATOM   721  C CG  . ASP A 1 76  ? 6.150   -4.801  1.644   1.00 23.28  ? 1054 ASP A CG  1 
ATOM   722  O OD1 . ASP A 1 76  ? 7.023   -4.423  0.882   1.00 29.11  ? 1054 ASP A OD1 1 
ATOM   723  O OD2 . ASP A 1 76  ? 6.289   -4.797  2.830   1.00 27.51  ? 1054 ASP A OD2 1 
ATOM   724  N N   . LEU A 1 77  ? 2.460   -6.298  -0.976  1.00 16.68  ? 1055 LEU A N   1 
ATOM   725  C CA  . LEU A 1 77  ? 1.667   -7.301  -1.754  1.00 18.20  ? 1055 LEU A CA  1 
ATOM   726  C C   . LEU A 1 77  ? 1.568   -6.819  -3.223  1.00 18.00  ? 1055 LEU A C   1 
ATOM   727  O O   . LEU A 1 77  ? 1.732   -7.637  -4.146  1.00 18.04  ? 1055 LEU A O   1 
ATOM   728  C CB  . LEU A 1 77  ? 0.283   -7.430  -1.096  1.00 19.06  ? 1055 LEU A CB  1 
ATOM   729  C CG  . LEU A 1 77  ? -0.720  -8.366  -1.746  1.00 22.05  ? 1055 LEU A CG  1 
ATOM   730  C CD1 . LEU A 1 77  ? -0.164  -9.791  -1.791  1.00 22.12  ? 1055 LEU A CD1 1 
ATOM   731  C CD2 . LEU A 1 77  ? -2.077  -8.314  -0.947  1.00 22.30  ? 1055 LEU A CD2 1 
ATOM   732  N N   . ILE A 1 78  ? 1.421   -5.507  -3.475  1.00 16.31  ? 1056 ILE A N   1 
ATOM   733  C CA  . ILE A 1 78  ? 1.453   -5.003  -4.890  1.00 15.91  ? 1056 ILE A CA  1 
ATOM   734  C C   . ILE A 1 78  ? 2.783   -5.457  -5.499  1.00 16.28  ? 1056 ILE A C   1 
ATOM   735  O O   . ILE A 1 78  ? 2.803   -5.986  -6.702  1.00 17.48  ? 1056 ILE A O   1 
ATOM   736  C CB  . ILE A 1 78  ? 1.268   -3.471  -4.968  1.00 16.58  ? 1056 ILE A CB  1 
ATOM   737  C CG1 . ILE A 1 78  ? -0.114  -3.031  -4.465  1.00 17.43  ? 1056 ILE A CG1 1 
ATOM   738  C CG2 . ILE A 1 78  ? 1.468   -2.986  -6.425  1.00 18.62  ? 1056 ILE A CG2 1 
ATOM   739  C CD1 . ILE A 1 78  ? -0.331  -1.520  -4.377  1.00 17.86  ? 1056 ILE A CD1 1 
ATOM   740  N N   . CYS A 1 79  ? 3.898   -5.253  -4.813  1.00 15.93  ? 1057 CYS A N   1 
ATOM   741  C CA  . CYS A 1 79  ? 5.260   -5.518  -5.331  1.00 18.03  ? 1057 CYS A CA  1 
ATOM   742  C C   . CYS A 1 79  ? 5.454   -7.043  -5.509  1.00 21.07  ? 1057 CYS A C   1 
ATOM   743  O O   . CYS A 1 79  ? 5.826   -7.517  -6.615  1.00 19.67  ? 1057 CYS A O   1 
ATOM   744  C CB  . CYS A 1 79  ? 6.312   -4.998  -4.409  1.00 20.16  ? 1057 CYS A CB  1 
ATOM   745  S SG  . CYS A 1 79  ? 7.994   -5.280  -4.997  1.00 22.41  ? 1057 CYS A SG  1 
ATOM   746  N N   . SER A 1 80  ? 5.114   -7.838  -4.480  1.00 18.23  ? 1058 SER A N   1 
ATOM   747  C CA  . SER A 1 80  ? 5.389   -9.302  -4.557  1.00 18.74  ? 1058 SER A CA  1 
ATOM   748  C C   . SER A 1 80  ? 4.504   -9.939  -5.645  1.00 19.07  ? 1058 SER A C   1 
ATOM   749  O O   . SER A 1 80  ? 4.988   -10.903 -6.327  1.00 20.47  ? 1058 SER A O   1 
ATOM   750  C CB  . SER A 1 80  ? 5.263   -9.950  -3.148  1.00 22.38  ? 1058 SER A CB  1 
ATOM   751  O OG  . SER A 1 80  ? 3.927   -9.881  -2.687  1.00 24.78  ? 1058 SER A OG  1 
ATOM   752  N N   . ASN A 1 81  ? 3.256   -9.550  -5.822  1.00 17.01  ? 1059 ASN A N   1 
ATOM   753  C CA  . ASN A 1 81  ? 2.336   -10.029 -6.881  1.00 16.60  ? 1059 ASN A CA  1 
ATOM   754  C C   . ASN A 1 81  ? 3.034   -9.816  -8.268  1.00 21.44  ? 1059 ASN A C   1 
ATOM   755  O O   . ASN A 1 81  ? 3.015   -10.696 -9.150  1.00 20.58  ? 1059 ASN A O   1 
ATOM   756  C CB  . ASN A 1 81  ? 0.957   -9.393  -6.835  1.00 15.69  ? 1059 ASN A CB  1 
ATOM   757  C CG  . ASN A 1 81  ? 0.052   -9.863  -5.683  1.00 16.79  ? 1059 ASN A CG  1 
ATOM   758  O OD1 . ASN A 1 81  ? 0.332   -10.887 -5.070  1.00 19.67  ? 1059 ASN A OD1 1 
ATOM   759  N ND2 . ASN A 1 81  ? -1.061  -9.170  -5.475  1.00 19.80  ? 1059 ASN A ND2 1 
ATOM   760  N N   . ALA A 1 82  ? 3.548   -8.610  -8.535  1.00 19.81  ? 1060 ALA A N   1 
ATOM   761  C CA  . ALA A 1 82  ? 4.225   -8.306  -9.825  1.00 20.06  ? 1060 ALA A CA  1 
ATOM   762  C C   . ALA A 1 82  ? 5.479   -9.186  -9.967  1.00 20.62  ? 1060 ALA A C   1 
ATOM   763  O O   . ALA A 1 82  ? 5.714   -9.647  -11.095 1.00 23.46  ? 1060 ALA A O   1 
ATOM   764  C CB  . ALA A 1 82  ? 4.496   -6.789  -9.871  1.00 19.01  ? 1060 ALA A CB  1 
ATOM   765  N N   . LEU A 1 83  ? 6.292   -9.413  -8.955  1.00 20.36  ? 1061 LEU A N   1 
ATOM   766  C CA  . LEU A 1 83  ? 7.518   -10.235 -9.059  1.00 21.07  ? 1061 LEU A CA  1 
ATOM   767  C C   . LEU A 1 83  ? 7.143   -11.693 -9.378  1.00 25.69  ? 1061 LEU A C   1 
ATOM   768  O O   . LEU A 1 83  ? 7.884   -12.363 -10.197 1.00 26.11  ? 1061 LEU A O   1 
ATOM   769  C CB  . LEU A 1 83  ? 8.377   -10.162 -7.818  1.00 21.55  ? 1061 LEU A CB  1 
ATOM   770  C CG  . LEU A 1 83  ? 8.836   -8.783  -7.349  1.00 26.59  ? 1061 LEU A CG  1 
ATOM   771  C CD1 . LEU A 1 83  ? 9.771   -8.906  -6.165  1.00 28.43  ? 1061 LEU A CD1 1 
ATOM   772  C CD2 . LEU A 1 83  ? 9.474   -7.971  -8.452  1.00 28.01  ? 1061 LEU A CD2 1 
ATOM   773  N N   A GLU A 1 84  ? 6.045   -12.183 -8.774  0.14 24.91  ? 1062 GLU A N   1 
ATOM   774  N N   B GLU A 1 84  ? 6.042   -12.190 -8.806  0.23 22.86  ? 1062 GLU A N   1 
ATOM   775  N N   C GLU A 1 84  ? 6.045   -12.183 -8.774  0.14 24.91  ? 1062 GLU A N   1 
ATOM   776  C CA  A GLU A 1 84  ? 5.526   -13.579 -8.914  0.14 26.07  ? 1062 GLU A CA  1 
ATOM   777  C CA  B GLU A 1 84  ? 5.624   -13.613 -8.958  0.23 23.27  ? 1062 GLU A CA  1 
ATOM   778  C CA  C GLU A 1 84  ? 5.526   -13.579 -8.914  0.14 26.07  ? 1062 GLU A CA  1 
ATOM   779  C C   A GLU A 1 84  ? 4.968   -13.803 -10.322 0.14 24.79  ? 1062 GLU A C   1 
ATOM   780  C C   B GLU A 1 84  ? 4.932   -13.831 -10.315 0.23 23.40  ? 1062 GLU A C   1 
ATOM   781  C C   C GLU A 1 84  ? 4.968   -13.803 -10.322 0.14 24.79  ? 1062 GLU A C   1 
ATOM   782  O O   A GLU A 1 84  ? 5.342   -14.821 -10.947 0.14 26.32  ? 1062 GLU A O   1 
ATOM   783  O O   B GLU A 1 84  ? 5.206   -14.880 -10.939 0.23 25.81  ? 1062 GLU A O   1 
ATOM   784  O O   C GLU A 1 84  ? 5.342   -14.821 -10.947 0.14 26.32  ? 1062 GLU A O   1 
ATOM   785  C CB  A GLU A 1 84  ? 4.421   -13.892 -7.892  0.14 28.45  ? 1062 GLU A CB  1 
ATOM   786  C CB  B GLU A 1 84  ? 4.785   -14.056 -7.749  0.23 23.49  ? 1062 GLU A CB  1 
ATOM   787  C CB  C GLU A 1 84  ? 4.421   -13.892 -7.892  0.14 28.45  ? 1062 GLU A CB  1 
ATOM   788  C CG  A GLU A 1 84  ? 3.811   -15.284 -8.062  0.14 29.97  ? 1062 GLU A CG  1 
ATOM   789  C CG  B GLU A 1 84  ? 5.578   -14.113 -6.451  0.23 23.11  ? 1062 GLU A CG  1 
ATOM   790  C CG  C GLU A 1 84  ? 3.811   -15.284 -8.062  0.14 29.97  ? 1062 GLU A CG  1 
ATOM   791  C CD  A GLU A 1 84  ? 2.709   -15.700 -7.086  0.14 33.63  ? 1062 GLU A CD  1 
ATOM   792  C CD  B GLU A 1 84  ? 4.773   -14.042 -5.155  0.23 25.16  ? 1062 GLU A CD  1 
ATOM   793  C CD  C GLU A 1 84  ? 2.709   -15.700 -7.086  0.14 33.63  ? 1062 GLU A CD  1 
ATOM   794  O OE1 A GLU A 1 84  ? 2.148   -16.798 -7.268  0.14 37.68  ? 1062 GLU A OE1 1 
ATOM   795  O OE1 B GLU A 1 84  ? 3.535   -14.110 -5.228  0.23 23.63  ? 1062 GLU A OE1 1 
ATOM   796  O OE1 C GLU A 1 84  ? 2.148   -16.798 -7.268  0.14 37.68  ? 1062 GLU A OE1 1 
ATOM   797  O OE2 A GLU A 1 84  ? 2.425   -14.950 -6.141  0.14 33.43  ? 1062 GLU A OE2 1 
ATOM   798  O OE2 B GLU A 1 84  ? 5.400   -13.907 -4.067  0.23 25.96  ? 1062 GLU A OE2 1 
ATOM   799  O OE2 C GLU A 1 84  ? 2.425   -14.950 -6.141  0.14 33.43  ? 1062 GLU A OE2 1 
ATOM   800  N N   . TYR A 1 85  ? 4.089   -12.913 -10.784 1.00 22.03  ? 1063 TYR A N   1 
ATOM   801  C CA  . TYR A 1 85  ? 3.375   -13.076 -12.052 1.00 23.71  ? 1063 TYR A CA  1 
ATOM   802  C C   . TYR A 1 85  ? 4.342   -12.859 -13.247 1.00 25.63  ? 1063 TYR A C   1 
ATOM   803  O O   . TYR A 1 85  ? 3.983   -13.345 -14.345 1.00 23.74  ? 1063 TYR A O   1 
ATOM   804  C CB  . TYR A 1 85  ? 2.186   -12.147 -12.179 1.00 23.50  ? 1063 TYR A CB  1 
ATOM   805  C CG  . TYR A 1 85  ? 1.275   -12.536 -13.313 1.00 26.97  ? 1063 TYR A CG  1 
ATOM   806  C CD1 . TYR A 1 85  ? 0.528   -13.711 -13.228 1.00 27.69  ? 1063 TYR A CD1 1 
ATOM   807  C CD2 . TYR A 1 85  ? 1.206   -11.800 -14.479 1.00 31.10  ? 1063 TYR A CD2 1 
ATOM   808  C CE1 . TYR A 1 85  ? -0.303  -14.106 -14.275 1.00 31.43  ? 1063 TYR A CE1 1 
ATOM   809  C CE2 . TYR A 1 85  ? 0.424   -12.203 -15.549 1.00 34.27  ? 1063 TYR A CE2 1 
ATOM   810  C CZ  . TYR A 1 85  ? -0.324  -13.361 -15.445 1.00 38.20  ? 1063 TYR A CZ  1 
ATOM   811  O OH  . TYR A 1 85  ? -1.125  -13.751 -16.473 1.00 44.53  ? 1063 TYR A OH  1 
ATOM   812  N N   . ASN A 1 86  ? 5.398   -12.073 -13.076 1.00 22.14  ? 1064 ASN A N   1 
ATOM   813  C CA  . ASN A 1 86  ? 6.240   -11.637 -14.264 1.00 22.43  ? 1064 ASN A CA  1 
ATOM   814  C C   . ASN A 1 86  ? 7.687   -12.021 -14.036 1.00 20.93  ? 1064 ASN A C   1 
ATOM   815  O O   . ASN A 1 86  ? 8.558   -11.154 -13.825 1.00 22.78  ? 1064 ASN A O   1 
ATOM   816  C CB  . ASN A 1 86  ? 6.040   -10.134 -14.522 1.00 22.45  ? 1064 ASN A CB  1 
ATOM   817  C CG  . ASN A 1 86  ? 4.627   -9.668  -14.731 1.00 22.13  ? 1064 ASN A CG  1 
ATOM   818  O OD1 . ASN A 1 86  ? 4.026   -9.778  -15.801 1.00 26.68  ? 1064 ASN A OD1 1 
ATOM   819  N ND2 . ASN A 1 86  ? 4.020   -9.096  -13.671 1.00 23.56  ? 1064 ASN A ND2 1 
ATOM   820  N N   . PRO A 1 87  ? 8.063   -13.322 -13.915 1.00 22.13  ? 1065 PRO A N   1 
ATOM   821  C CA  . PRO A 1 87  ? 9.383   -13.698 -13.423 1.00 21.85  ? 1065 PRO A CA  1 
ATOM   822  C C   . PRO A 1 87  ? 10.510  -13.957 -14.468 1.00 20.92  ? 1065 PRO A C   1 
ATOM   823  O O   . PRO A 1 87  ? 11.618  -14.315 -14.043 1.00 25.78  ? 1065 PRO A O   1 
ATOM   824  C CB  . PRO A 1 87  ? 9.114   -15.075 -12.789 1.00 26.18  ? 1065 PRO A CB  1 
ATOM   825  C CG  . PRO A 1 87  ? 8.028   -15.648 -13.628 1.00 26.93  ? 1065 PRO A CG  1 
ATOM   826  C CD  . PRO A 1 87  ? 7.185   -14.499 -14.104 1.00 27.09  ? 1065 PRO A CD  1 
ATOM   827  N N   . ASP A 1 88  ? 10.181  -13.764 -15.723 1.00 24.24  ? 1066 ASP A N   1 
ATOM   828  C CA  . ASP A 1 88  ? 11.028  -14.228 -16.878 1.00 24.39  ? 1066 ASP A CA  1 
ATOM   829  C C   . ASP A 1 88  ? 12.137  -13.224 -17.216 1.00 28.59  ? 1066 ASP A C   1 
ATOM   830  O O   . ASP A 1 88  ? 12.143  -12.052 -16.672 1.00 23.14  ? 1066 ASP A O   1 
ATOM   831  C CB  . ASP A 1 88  ? 10.093  -14.479 -18.069 1.00 25.79  ? 1066 ASP A CB  1 
ATOM   832  C CG  . ASP A 1 88  ? 9.138   -15.682 -17.916 1.00 32.78  ? 1066 ASP A CG  1 
ATOM   833  O OD1 . ASP A 1 88  ? 9.280   -16.470 -16.936 1.00 31.43  ? 1066 ASP A OD1 1 
ATOM   834  O OD2 . ASP A 1 88  ? 8.216   -15.792 -18.753 1.00 36.77  ? 1066 ASP A OD2 1 
ATOM   835  N N   . ARG A 1 89  ? 13.061  -13.614 -18.123 1.00 24.60  ? 1067 ARG A N   1 
ATOM   836  C CA  . ARG A 1 89  ? 14.260  -12.782 -18.435 1.00 24.31  ? 1067 ARG A CA  1 
ATOM   837  C C   . ARG A 1 89  ? 13.917  -11.735 -19.495 1.00 23.51  ? 1067 ARG A C   1 
ATOM   838  O O   . ARG A 1 89  ? 14.793  -10.854 -19.754 1.00 23.42  ? 1067 ARG A O   1 
ATOM   839  C CB  . ARG A 1 89  ? 15.495  -13.599 -18.865 1.00 26.28  ? 1067 ARG A CB  1 
ATOM   840  C CG  . ARG A 1 89  ? 15.427  -14.297 -20.225 1.00 33.35  ? 1067 ARG A CG  1 
ATOM   841  C CD  . ARG A 1 89  ? 16.112  -13.568 -21.402 1.00 28.00  ? 1067 ARG A CD  1 
ATOM   842  N NE  . ARG A 1 89  ? 17.299  -12.768 -21.057 1.00 29.45  ? 1067 ARG A NE  1 
ATOM   843  C CZ  . ARG A 1 89  ? 17.651  -11.610 -21.743 1.00 26.84  ? 1067 ARG A CZ  1 
ATOM   844  N NH1 . ARG A 1 89  ? 18.777  -10.936 -21.467 1.00 22.72  ? 1067 ARG A NH1 1 
ATOM   845  N NH2 . ARG A 1 89  ? 16.833  -11.212 -22.708 1.00 24.05  ? 1067 ARG A NH2 1 
ATOM   846  N N   . ASP A 1 90  ? 12.774  -11.820 -20.126 1.00 21.60  ? 1068 ASP A N   1 
ATOM   847  C CA  . ASP A 1 90  ? 12.538  -10.911 -21.244 1.00 25.97  ? 1068 ASP A CA  1 
ATOM   848  C C   . ASP A 1 90  ? 12.293  -9.477  -20.768 1.00 26.69  ? 1068 ASP A C   1 
ATOM   849  O O   . ASP A 1 90  ? 11.964  -9.206  -19.592 1.00 24.05  ? 1068 ASP A O   1 
ATOM   850  C CB  . ASP A 1 90  ? 11.381  -11.321 -22.092 1.00 29.16  ? 1068 ASP A CB  1 
ATOM   851  C CG  . ASP A 1 90  ? 10.089  -11.332 -21.348 1.00 34.96  ? 1068 ASP A CG  1 
ATOM   852  O OD1 . ASP A 1 90  ? 9.838   -12.390 -20.733 1.00 47.53  ? 1068 ASP A OD1 1 
ATOM   853  O OD2 . ASP A 1 90  ? 9.398   -10.276 -21.348 1.00 42.44  ? 1068 ASP A OD2 1 
ATOM   854  N N   . PRO A 1 91  ? 12.479  -8.517  -21.675 1.00 22.49  ? 1069 PRO A N   1 
ATOM   855  C CA  . PRO A 1 91  ? 12.436  -7.114  -21.270 1.00 20.71  ? 1069 PRO A CA  1 
ATOM   856  C C   . PRO A 1 91  ? 11.096  -6.662  -20.642 1.00 21.18  ? 1069 PRO A C   1 
ATOM   857  O O   . PRO A 1 91  ? 11.153  -5.746  -19.793 1.00 20.14  ? 1069 PRO A O   1 
ATOM   858  C CB  . PRO A 1 91  ? 12.756  -6.304  -22.523 1.00 23.05  ? 1069 PRO A CB  1 
ATOM   859  C CG  . PRO A 1 91  ? 13.493  -7.283  -23.411 1.00 27.42  ? 1069 PRO A CG  1 
ATOM   860  C CD  . PRO A 1 91  ? 12.979  -8.664  -23.072 1.00 24.58  ? 1069 PRO A CD  1 
ATOM   861  N N   . GLY A 1 92  ? 9.947   -7.117  -21.133 1.00 21.57  ? 1070 GLY A N   1 
ATOM   862  C CA  . GLY A 1 92  ? 8.657   -6.679  -20.562 1.00 20.93  ? 1070 GLY A CA  1 
ATOM   863  C C   . GLY A 1 92  ? 8.578   -7.093  -19.094 1.00 21.48  ? 1070 GLY A C   1 
ATOM   864  O O   . GLY A 1 92  ? 8.182   -6.259  -18.208 1.00 21.30  ? 1070 GLY A O   1 
ATOM   865  N N   . ASP A 1 93  ? 8.939   -8.332  -18.783 1.00 23.20  ? 1071 ASP A N   1 
ATOM   866  C CA  . ASP A 1 93  ? 8.979   -8.841  -17.370 1.00 21.92  ? 1071 ASP A CA  1 
ATOM   867  C C   . ASP A 1 93  ? 10.015  -8.069  -16.543 1.00 21.97  ? 1071 ASP A C   1 
ATOM   868  O O   . ASP A 1 93  ? 9.722   -7.628  -15.374 1.00 20.51  ? 1071 ASP A O   1 
ATOM   869  C CB  . ASP A 1 93  ? 9.168   -10.356 -17.256 1.00 22.93  ? 1071 ASP A CB  1 
ATOM   870  C CG  . ASP A 1 93  ? 7.951   -11.206 -17.638 1.00 24.82  ? 1071 ASP A CG  1 
ATOM   871  O OD1 . ASP A 1 93  ? 7.025   -10.682 -18.293 1.00 26.23  ? 1071 ASP A OD1 1 
ATOM   872  O OD2 . ASP A 1 93  ? 7.890   -12.364 -17.125 1.00 25.51  ? 1071 ASP A OD2 1 
ATOM   873  N N   . ARG A 1 94  ? 11.218  -7.810  -17.062 1.00 19.35  ? 1072 ARG A N   1 
ATOM   874  C CA  . ARG A 1 94  ? 12.244  -7.129  -16.270 1.00 21.77  ? 1072 ARG A CA  1 
ATOM   875  C C   . ARG A 1 94  ? 11.813  -5.663  -16.011 1.00 18.13  ? 1072 ARG A C   1 
ATOM   876  O O   . ARG A 1 94  ? 12.171  -5.220  -14.894 1.00 19.59  ? 1072 ARG A O   1 
ATOM   877  C CB  . ARG A 1 94  ? 13.615  -7.232  -16.944 1.00 21.69  ? 1072 ARG A CB  1 
ATOM   878  C CG  . ARG A 1 94  ? 14.263  -8.596  -16.779 1.00 27.05  ? 1072 ARG A CG  1 
ATOM   879  C CD  . ARG A 1 94  ? 15.669  -8.700  -17.367 1.00 32.64  ? 1072 ARG A CD  1 
ATOM   880  N NE  . ARG A 1 94  ? 16.329  -9.986  -17.021 1.00 37.33  ? 1072 ARG A NE  1 
ATOM   881  C CZ  . ARG A 1 94  ? 17.466  -10.452 -17.589 1.00 54.47  ? 1072 ARG A CZ  1 
ATOM   882  N NH1 . ARG A 1 94  ? 18.089  -9.743  -18.521 1.00 58.63  ? 1072 ARG A NH1 1 
ATOM   883  N NH2 . ARG A 1 94  ? 17.989  -11.618 -17.220 1.00 47.27  ? 1072 ARG A NH2 1 
ATOM   884  N N   . LEU A 1 95  ? 11.124  -5.023  -16.936 1.00 18.74  ? 1073 LEU A N   1 
ATOM   885  C CA  . LEU A 1 95  ? 10.678  -3.623  -16.773 1.00 17.80  ? 1073 LEU A CA  1 
ATOM   886  C C   . LEU A 1 95  ? 9.625   -3.548  -15.621 1.00 18.90  ? 1073 LEU A C   1 
ATOM   887  O O   . LEU A 1 95  ? 9.779   -2.674  -14.722 1.00 18.30  ? 1073 LEU A O   1 
ATOM   888  C CB  . LEU A 1 95  ? 10.162  -3.014  -18.052 1.00 17.89  ? 1073 LEU A CB  1 
ATOM   889  C CG  . LEU A 1 95  ? 9.626   -1.583  -17.979 1.00 17.90  ? 1073 LEU A CG  1 
ATOM   890  C CD1 . LEU A 1 95  ? 10.690  -0.595  -17.559 1.00 18.66  ? 1073 LEU A CD1 1 
ATOM   891  C CD2 . LEU A 1 95  ? 9.067   -1.180  -19.301 1.00 20.61  ? 1073 LEU A CD2 1 
ATOM   892  N N   . ILE A 1 96  ? 8.621   -4.428  -15.606 0.33 18.70  ? 1074 ILE A N   1 
ATOM   893  C CA  . ILE A 1 96  ? 7.579   -4.374  -14.530 0.33 18.31  ? 1074 ILE A CA  1 
ATOM   894  C C   . ILE A 1 96  ? 8.210   -4.730  -13.171 0.33 19.14  ? 1074 ILE A C   1 
ATOM   895  O O   . ILE A 1 96  ? 7.823   -4.088  -12.157 0.33 18.78  ? 1074 ILE A O   1 
ATOM   896  C CB  . ILE A 1 96  ? 6.326   -5.213  -14.858 0.33 17.88  ? 1074 ILE A CB  1 
ATOM   897  C CG1 . ILE A 1 96  ? 5.155   -4.783  -13.967 0.33 17.68  ? 1074 ILE A CG1 1 
ATOM   898  C CG2 . ILE A 1 96  ? 6.598   -6.704  -14.749 0.33 18.00  ? 1074 ILE A CG2 1 
ATOM   899  C CD1 . ILE A 1 96  ? 3.817   -5.290  -14.415 0.33 17.84  ? 1074 ILE A CD1 1 
ATOM   900  N N   . ARG A 1 97  ? 9.155   -5.678  -13.118 1.00 19.28  ? 1075 ARG A N   1 
ATOM   901  C CA  . ARG A 1 97  ? 9.843   -6.011  -11.831 1.00 19.03  ? 1075 ARG A CA  1 
ATOM   902  C C   . ARG A 1 97  ? 10.591  -4.758  -11.341 1.00 21.29  ? 1075 ARG A C   1 
ATOM   903  O O   . ARG A 1 97  ? 10.617  -4.493  -10.106 1.00 17.86  ? 1075 ARG A O   1 
ATOM   904  C CB  . ARG A 1 97  ? 10.720  -7.248  -11.881 1.00 20.66  ? 1075 ARG A CB  1 
ATOM   905  C CG  . ARG A 1 97  ? 9.920   -8.511  -12.175 1.00 20.40  ? 1075 ARG A CG  1 
ATOM   906  C CD  . ARG A 1 97  ? 10.644  -9.740  -11.688 1.00 23.83  ? 1075 ARG A CD  1 
ATOM   907  N NE  . ARG A 1 97  ? 12.010  -9.944  -12.178 1.00 24.58  ? 1075 ARG A NE  1 
ATOM   908  C CZ  . ARG A 1 97  ? 12.326  -10.454 -13.380 1.00 25.36  ? 1075 ARG A CZ  1 
ATOM   909  N NH1 . ARG A 1 97  ? 11.384  -10.749 -14.242 1.00 22.50  ? 1075 ARG A NH1 1 
ATOM   910  N NH2 . ARG A 1 97  ? 13.600  -10.595 -13.738 1.00 29.64  ? 1075 ARG A NH2 1 
ATOM   911  N N   . HIS A 1 98  ? 11.346  -4.081  -12.230 1.00 18.18  ? 1076 HIS A N   1 
ATOM   912  C CA  . HIS A 1 98  ? 12.121  -2.884  -11.821 1.00 19.23  ? 1076 HIS A CA  1 
ATOM   913  C C   . HIS A 1 98  ? 11.148  -1.797  -11.270 1.00 17.69  ? 1076 HIS A C   1 
ATOM   914  O O   . HIS A 1 98  ? 11.491  -1.190  -10.204 1.00 18.20  ? 1076 HIS A O   1 
ATOM   915  C CB  . HIS A 1 98  ? 12.986  -2.366  -12.977 1.00 19.51  ? 1076 HIS A CB  1 
ATOM   916  C CG  . HIS A 1 98  ? 13.999  -1.326  -12.583 1.00 20.19  ? 1076 HIS A CG  1 
ATOM   917  N ND1 . HIS A 1 98  ? 13.752  0.029   -12.655 1.00 21.06  ? 1076 HIS A ND1 1 
ATOM   918  C CD2 . HIS A 1 98  ? 15.272  -1.461  -12.147 1.00 21.73  ? 1076 HIS A CD2 1 
ATOM   919  C CE1 . HIS A 1 98  ? 14.840  0.678   -12.238 1.00 22.06  ? 1076 HIS A CE1 1 
ATOM   920  N NE2 . HIS A 1 98  ? 15.788  -0.219  -11.907 1.00 20.68  ? 1076 HIS A NE2 1 
ATOM   921  N N   . ARG A 1 99  ? 10.015  -1.611  -11.925 1.00 17.00  ? 1077 ARG A N   1 
ATOM   922  C CA  . ARG A 1 99  ? 9.000   -0.614  -11.501 1.00 16.56  ? 1077 ARG A CA  1 
ATOM   923  C C   . ARG A 1 99  ? 8.388   -1.059  -10.160 1.00 18.29  ? 1077 ARG A C   1 
ATOM   924  O O   . ARG A 1 99  ? 8.155   -0.177  -9.314  1.00 18.02  ? 1077 ARG A O   1 
ATOM   925  C CB  . ARG A 1 99  ? 7.932   -0.354  -12.545 1.00 18.92  ? 1077 ARG A CB  1 
ATOM   926  C CG  . ARG A 1 99  ? 8.477   0.304   -13.822 1.00 18.40  ? 1077 ARG A CG  1 
ATOM   927  C CD  . ARG A 1 99  ? 7.512   0.228   -14.967 1.00 17.96  ? 1077 ARG A CD  1 
ATOM   928  N NE  . ARG A 1 99  ? 7.851   1.208   -16.014 1.00 19.67  ? 1077 ARG A NE  1 
ATOM   929  C CZ  . ARG A 1 99  ? 7.220   1.366   -17.153 1.00 20.07  ? 1077 ARG A CZ  1 
ATOM   930  N NH1 . ARG A 1 99  ? 6.247   0.552   -17.493 1.00 20.64  ? 1077 ARG A NH1 1 
ATOM   931  N NH2 . ARG A 1 99  ? 7.614   2.301   -18.019 1.00 23.29  ? 1077 ARG A NH2 1 
ATOM   932  N N   . ALA A 1 100 ? 8.112   -2.353  -9.964  1.00 16.64  ? 1078 ALA A N   1 
ATOM   933  C CA  . ALA A 1 100 ? 7.538   -2.863  -8.681  1.00 18.37  ? 1078 ALA A CA  1 
ATOM   934  C C   . ALA A 1 100 ? 8.478   -2.595  -7.525  1.00 18.59  ? 1078 ALA A C   1 
ATOM   935  O O   . ALA A 1 100 ? 7.997   -2.167  -6.425  1.00 19.13  ? 1078 ALA A O   1 
ATOM   936  C CB  . ALA A 1 100 ? 7.238   -4.355  -8.828  1.00 19.08  ? 1078 ALA A CB  1 
ATOM   937  N N   . CYS A 1 101 ? 9.787   -2.849  -7.687  1.00 18.30  ? 1079 CYS A N   1 
ATOM   938  C CA  . CYS A 1 101 ? 10.822  -2.636  -6.689  1.00 18.97  ? 1079 CYS A CA  1 
ATOM   939  C C   . CYS A 1 101 ? 10.908  -1.123  -6.414  1.00 18.51  ? 1079 CYS A C   1 
ATOM   940  O O   . CYS A 1 101 ? 11.064  -0.738  -5.233  1.00 19.51  ? 1079 CYS A O   1 
ATOM   941  C CB  . CYS A 1 101 ? 12.148  -3.223  -7.123  1.00 22.43  ? 1079 CYS A CB  1 
ATOM   942  S SG  . CYS A 1 101 ? 12.154  -5.049  -7.004  1.00 26.62  ? 1079 CYS A SG  1 
ATOM   943  N N   . ALA A 1 102 ? 10.758  -0.304  -7.435  1.00 18.20  ? 1080 ALA A N   1 
ATOM   944  C CA  . ALA A 1 102 ? 10.838  1.164   -7.253  1.00 18.48  ? 1080 ALA A CA  1 
ATOM   945  C C   . ALA A 1 102 ? 9.605   1.656   -6.458  1.00 18.98  ? 1080 ALA A C   1 
ATOM   946  O O   . ALA A 1 102 ? 9.788   2.599   -5.635  1.00 19.18  ? 1080 ALA A O   1 
ATOM   947  C CB  . ALA A 1 102 ? 10.995  1.877   -8.572  1.00 17.34  ? 1080 ALA A CB  1 
ATOM   948  N N   . LEU A 1 103 ? 8.435   1.120   -6.718  1.00 18.35  ? 1081 LEU A N   1 
ATOM   949  C CA  . LEU A 1 103 ? 7.187   1.491   -5.958  1.00 18.12  ? 1081 LEU A CA  1 
ATOM   950  C C   . LEU A 1 103 ? 7.418   1.189   -4.471  1.00 18.89  ? 1081 LEU A C   1 
ATOM   951  O O   . LEU A 1 103 ? 7.177   2.101   -3.585  1.00 17.31  ? 1081 LEU A O   1 
ATOM   952  C CB  . LEU A 1 103 ? 5.985   0.727   -6.515  1.00 18.42  ? 1081 LEU A CB  1 
ATOM   953  C CG  . LEU A 1 103 ? 4.709   0.928   -5.686  1.00 21.21  ? 1081 LEU A CG  1 
ATOM   954  C CD1 . LEU A 1 103 ? 4.138   2.247   -5.948  1.00 23.84  ? 1081 LEU A CD1 1 
ATOM   955  C CD2 . LEU A 1 103 ? 3.689   -0.152  -6.003  1.00 29.16  ? 1081 LEU A CD2 1 
ATOM   956  N N   . ARG A 1 104 ? 7.873   -0.009  -4.153  1.00 16.71  ? 1082 ARG A N   1 
ATOM   957  C CA  . ARG A 1 104 ? 8.142   -0.439  -2.758  1.00 19.16  ? 1082 ARG A CA  1 
ATOM   958  C C   . ARG A 1 104 ? 9.172   0.454   -2.098  1.00 20.14  ? 1082 ARG A C   1 
ATOM   959  O O   . ARG A 1 104 ? 8.923   1.024   -0.980  1.00 18.70  ? 1082 ARG A O   1 
ATOM   960  C CB  . ARG A 1 104 ? 8.563   -1.904  -2.780  1.00 20.01  ? 1082 ARG A CB  1 
ATOM   961  C CG  . ARG A 1 104 ? 8.945   -2.495  -1.411  1.00 22.95  ? 1082 ARG A CG  1 
ATOM   962  C CD  . ARG A 1 104 ? 9.809   -3.780  -1.618  1.00 28.39  ? 1082 ARG A CD  1 
ATOM   963  N NE  . ARG A 1 104 ? 11.090  -3.404  -2.297  1.00 31.99  ? 1082 ARG A NE  1 
ATOM   964  C CZ  . ARG A 1 104 ? 11.891  -4.234  -2.972  1.00 31.52  ? 1082 ARG A CZ  1 
ATOM   965  N NH1 . ARG A 1 104 ? 12.992  -3.776  -3.541  1.00 32.70  ? 1082 ARG A NH1 1 
ATOM   966  N NH2 . ARG A 1 104 ? 11.584  -5.525  -3.099  1.00 34.08  ? 1082 ARG A NH2 1 
ATOM   967  N N   . ASP A 1 105 ? 10.336  0.638   -2.751  1.00 19.39  ? 1083 ASP A N   1 
ATOM   968  C CA  . ASP A 1 105 ? 11.447  1.424   -2.190  1.00 18.94  ? 1083 ASP A CA  1 
ATOM   969  C C   . ASP A 1 105 ? 11.056  2.911   -2.009  1.00 17.80  ? 1083 ASP A C   1 
ATOM   970  O O   . ASP A 1 105 ? 11.437  3.504   -0.924  1.00 18.76  ? 1083 ASP A O   1 
ATOM   971  C CB  . ASP A 1 105 ? 12.711  1.299   -3.032  1.00 21.15  ? 1083 ASP A CB  1 
ATOM   972  C CG  . ASP A 1 105 ? 13.295  -0.111  -3.083  1.00 25.38  ? 1083 ASP A CG  1 
ATOM   973  O OD1 . ASP A 1 105 ? 12.907  -0.967  -2.281  1.00 24.57  ? 1083 ASP A OD1 1 
ATOM   974  O OD2 . ASP A 1 105 ? 14.135  -0.314  -3.995  1.00 28.66  ? 1083 ASP A OD2 1 
ATOM   975  N N   . THR A 1 106 ? 10.265  3.457   -2.942  1.00 16.70  ? 1084 THR A N   1 
ATOM   976  C CA  . THR A 1 106 ? 9.822   4.860   -2.877  1.00 16.87  ? 1084 THR A CA  1 
ATOM   977  C C   . THR A 1 106 ? 8.863   5.006   -1.653  1.00 16.89  ? 1084 THR A C   1 
ATOM   978  O O   . THR A 1 106 ? 8.981   6.014   -0.914  1.00 17.75  ? 1084 THR A O   1 
ATOM   979  C CB  . THR A 1 106 ? 9.203   5.304   -4.198  1.00 18.50  ? 1084 THR A CB  1 
ATOM   980  O OG1 . THR A 1 106 ? 10.171  5.256   -5.274  1.00 18.99  ? 1084 THR A OG1 1 
ATOM   981  C CG2 . THR A 1 106 ? 8.711   6.725   -4.092  1.00 20.12  ? 1084 THR A CG2 1 
ATOM   982  N N   . ALA A 1 107 ? 7.886   4.110   -1.495  1.00 16.73  ? 1085 ALA A N   1 
ATOM   983  C CA  . ALA A 1 107 ? 6.930   4.175   -0.347  1.00 16.07  ? 1085 ALA A CA  1 
ATOM   984  C C   . ALA A 1 107 ? 7.731   4.137   0.955   1.00 16.40  ? 1085 ALA A C   1 
ATOM   985  O O   . ALA A 1 107 ? 7.500   4.976   1.902   1.00 16.43  ? 1085 ALA A O   1 
ATOM   986  C CB  . ALA A 1 107 ? 5.952   3.030   -0.406  1.00 15.93  ? 1085 ALA A CB  1 
ATOM   987  N N   . TYR A 1 108 ? 8.638   3.169   1.103   1.00 15.99  ? 1086 TYR A N   1 
ATOM   988  C CA  . TYR A 1 108 ? 9.434   3.051   2.354   1.00 17.32  ? 1086 TYR A CA  1 
ATOM   989  C C   . TYR A 1 108 ? 10.259  4.333   2.595   1.00 17.95  ? 1086 TYR A C   1 
ATOM   990  O O   . TYR A 1 108 ? 10.400  4.737   3.800   1.00 19.57  ? 1086 TYR A O   1 
ATOM   991  C CB  . TYR A 1 108 ? 10.289  1.770   2.366   1.00 19.41  ? 1086 TYR A CB  1 
ATOM   992  C CG  . TYR A 1 108 ? 9.580   0.521   2.832   1.00 19.03  ? 1086 TYR A CG  1 
ATOM   993  C CD1 . TYR A 1 108 ? 8.784   -0.246  1.988   1.00 19.37  ? 1086 TYR A CD1 1 
ATOM   994  C CD2 . TYR A 1 108 ? 9.641   0.095   4.165   1.00 21.49  ? 1086 TYR A CD2 1 
ATOM   995  C CE1 . TYR A 1 108 ? 8.166   -1.422  2.409   1.00 20.16  ? 1086 TYR A CE1 1 
ATOM   996  C CE2 . TYR A 1 108 ? 9.064   -1.087  4.591   1.00 22.38  ? 1086 TYR A CE2 1 
ATOM   997  C CZ  . TYR A 1 108 ? 8.295   -1.855  3.724   1.00 22.20  ? 1086 TYR A CZ  1 
ATOM   998  O OH  . TYR A 1 108 ? 7.678   -3.019  4.162   1.00 23.74  ? 1086 TYR A OH  1 
ATOM   999  N N   . ALA A 1 109 ? 10.830  4.940   1.544   1.00 17.90  ? 1087 ALA A N   1 
ATOM   1000 C CA  . ALA A 1 109 ? 11.710  6.106   1.702   1.00 19.03  ? 1087 ALA A CA  1 
ATOM   1001 C C   . ALA A 1 109 ? 10.899  7.350   2.131   1.00 19.01  ? 1087 ALA A C   1 
ATOM   1002 O O   . ALA A 1 109 ? 11.372  8.145   2.971   1.00 18.97  ? 1087 ALA A O   1 
ATOM   1003 C CB  . ALA A 1 109 ? 12.477  6.372   0.447   1.00 20.52  ? 1087 ALA A CB  1 
ATOM   1004 N N   . ILE A 1 110 ? 9.685   7.533   1.600   1.00 17.05  ? 1088 ILE A N   1 
ATOM   1005 C CA  . ILE A 1 110 ? 8.791   8.677   1.995   1.00 16.21  ? 1088 ILE A CA  1 
ATOM   1006 C C   . ILE A 1 110 ? 8.440   8.491   3.460   1.00 15.22  ? 1088 ILE A C   1 
ATOM   1007 O O   . ILE A 1 110 ? 8.534   9.472   4.239   1.00 17.80  ? 1088 ILE A O   1 
ATOM   1008 C CB  . ILE A 1 110 ? 7.531   8.744   1.112   1.00 16.82  ? 1088 ILE A CB  1 
ATOM   1009 C CG1 . ILE A 1 110 ? 7.857   9.173   -0.304  1.00 18.63  ? 1088 ILE A CG1 1 
ATOM   1010 C CG2 . ILE A 1 110 ? 6.452   9.663   1.721   1.00 17.57  ? 1088 ILE A CG2 1 
ATOM   1011 C CD1 . ILE A 1 110 ? 6.726   9.011   -1.298  1.00 18.94  ? 1088 ILE A CD1 1 
ATOM   1012 N N   . ILE A 1 111 ? 8.059   7.283   3.868   1.00 16.97  ? 1089 ILE A N   1 
ATOM   1013 C CA  . ILE A 1 111 ? 7.694   6.979   5.273   1.00 17.69  ? 1089 ILE A CA  1 
ATOM   1014 C C   . ILE A 1 111 ? 8.888   7.202   6.222   1.00 20.95  ? 1089 ILE A C   1 
ATOM   1015 O O   . ILE A 1 111 ? 8.727   7.774   7.310   1.00 19.76  ? 1089 ILE A O   1 
ATOM   1016 C CB  . ILE A 1 111 ? 6.990   5.604   5.340   1.00 19.38  ? 1089 ILE A CB  1 
ATOM   1017 C CG1 . ILE A 1 111 ? 5.574   5.757   4.724   1.00 21.96  ? 1089 ILE A CG1 1 
ATOM   1018 C CG2 . ILE A 1 111 ? 6.974   5.068   6.751   1.00 23.29  ? 1089 ILE A CG2 1 
ATOM   1019 C CD1 . ILE A 1 111 ? 4.933   4.439   4.422   1.00 28.22  ? 1089 ILE A CD1 1 
ATOM   1020 N N   . LYS A 1 112 ? 10.085  6.789   5.799   0.37 20.20  ? 1090 LYS A N   1 
ATOM   1021 C CA  . LYS A 1 112 ? 11.315  6.955   6.614   0.37 21.75  ? 1090 LYS A CA  1 
ATOM   1022 C C   . LYS A 1 112 ? 11.538  8.443   6.902   0.37 21.38  ? 1090 LYS A C   1 
ATOM   1023 O O   . LYS A 1 112 ? 11.873  8.784   8.059   0.37 22.78  ? 1090 LYS A O   1 
ATOM   1024 C CB  . LYS A 1 112 ? 12.545  6.369   5.911   0.37 23.04  ? 1090 LYS A CB  1 
ATOM   1025 C CG  . LYS A 1 112 ? 13.803  6.366   6.776   0.37 25.03  ? 1090 LYS A CG  1 
ATOM   1026 C CD  . LYS A 1 112 ? 13.570  5.796   8.163   0.37 26.42  ? 1090 LYS A CD  1 
ATOM   1027 C CE  . LYS A 1 112 ? 14.800  5.822   9.044   0.37 28.94  ? 1090 LYS A CE  1 
ATOM   1028 N NZ  . LYS A 1 112 ? 14.655  4.896   10.191  0.37 30.65  ? 1090 LYS A NZ  1 
ATOM   1029 N N   . GLU A 1 113 ? 11.357  9.289   5.888   1.00 19.70  ? 1091 GLU A N   1 
ATOM   1030 C CA  . GLU A 1 113 ? 11.633  10.745  5.981   1.00 22.81  ? 1091 GLU A CA  1 
ATOM   1031 C C   . GLU A 1 113 ? 10.481  11.480  6.690   1.00 23.74  ? 1091 GLU A C   1 
ATOM   1032 O O   . GLU A 1 113 ? 10.764  12.511  7.320   1.00 27.02  ? 1091 GLU A O   1 
ATOM   1033 C CB  . GLU A 1 113 ? 11.825  11.420  4.620   1.00 29.03  ? 1091 GLU A CB  1 
ATOM   1034 C CG  . GLU A 1 113 ? 13.126  11.192  3.899   1.00 43.04  ? 1091 GLU A CG  1 
ATOM   1035 C CD  . GLU A 1 113 ? 13.506  12.351  2.962   1.00 53.75  ? 1091 GLU A CD  1 
ATOM   1036 O OE1 . GLU A 1 113 ? 12.605  12.880  2.212   1.00 47.72  ? 1091 GLU A OE1 1 
ATOM   1037 O OE2 . GLU A 1 113 ? 14.695  12.754  2.987   1.00 54.76  ? 1091 GLU A OE2 1 
ATOM   1038 N N   . GLU A 1 114 ? 9.225   11.041  6.581   1.00 17.54  ? 1092 GLU A N   1 
ATOM   1039 C CA  . GLU A 1 114 ? 8.068   11.930  6.905   1.00 18.93  ? 1092 GLU A CA  1 
ATOM   1040 C C   . GLU A 1 114 ? 7.189   11.363  8.039   1.00 17.84  ? 1092 GLU A C   1 
ATOM   1041 O O   . GLU A 1 114 ? 6.351   12.152  8.537   1.00 21.70  ? 1092 GLU A O   1 
ATOM   1042 C CB  . GLU A 1 114 ? 7.181   12.189  5.679   1.00 18.27  ? 1092 GLU A CB  1 
ATOM   1043 C CG  . GLU A 1 114 ? 7.954   12.868  4.516   1.00 18.61  ? 1092 GLU A CG  1 
ATOM   1044 C CD  . GLU A 1 114 ? 7.180   13.106  3.232   1.00 19.19  ? 1092 GLU A CD  1 
ATOM   1045 O OE1 . GLU A 1 114 ? 5.945   13.322  3.285   1.00 19.93  ? 1092 GLU A OE1 1 
ATOM   1046 O OE2 . GLU A 1 114 ? 7.833   13.188  2.149   1.00 20.14  ? 1092 GLU A OE2 1 
ATOM   1047 N N   . LEU A 1 115 ? 7.282   10.091  8.405   1.00 18.16  ? 1093 LEU A N   1 
ATOM   1048 C CA  . LEU A 1 115 ? 6.512   9.520   9.540   1.00 17.34  ? 1093 LEU A CA  1 
ATOM   1049 C C   . LEU A 1 115 ? 7.303   9.726   10.849  1.00 20.17  ? 1093 LEU A C   1 
ATOM   1050 O O   . LEU A 1 115 ? 8.425   9.235   10.992  1.00 21.16  ? 1093 LEU A O   1 
ATOM   1051 C CB  . LEU A 1 115 ? 6.283   8.011   9.295   1.00 18.98  ? 1093 LEU A CB  1 
ATOM   1052 C CG  . LEU A 1 115 ? 5.682   7.198   10.468  1.00 23.35  ? 1093 LEU A CG  1 
ATOM   1053 C CD1 . LEU A 1 115 ? 4.282   7.691   10.782  1.00 20.42  ? 1093 LEU A CD1 1 
ATOM   1054 C CD2 . LEU A 1 115 ? 5.689   5.688   10.203  1.00 24.77  ? 1093 LEU A CD2 1 
ATOM   1055 N N   . ASP A 1 116 ? 6.691   10.286  11.886  1.00 20.02  ? 1094 ASP A N   1 
ATOM   1056 C CA  . ASP A 1 116 ? 7.302   10.312  13.235  1.00 21.22  ? 1094 ASP A CA  1 
ATOM   1057 C C   . ASP A 1 116 ? 7.146   8.933   13.866  1.00 20.16  ? 1094 ASP A C   1 
ATOM   1058 O O   . ASP A 1 116 ? 6.026   8.437   13.951  1.00 19.45  ? 1094 ASP A O   1 
ATOM   1059 C CB  . ASP A 1 116 ? 6.634   11.411  14.040  1.00 22.79  ? 1094 ASP A CB  1 
ATOM   1060 C CG  . ASP A 1 116 ? 7.382   11.713  15.337  1.00 27.66  ? 1094 ASP A CG  1 
ATOM   1061 O OD1 . ASP A 1 116 ? 7.635   10.789  16.090  1.00 28.42  ? 1094 ASP A OD1 1 
ATOM   1062 O OD2 . ASP A 1 116 ? 7.650   12.897  15.583  1.00 25.34  ? 1094 ASP A OD2 1 
ATOM   1063 N N   A GLU A 1 117 ? 8.250   8.335   14.324  0.10 21.47  ? 1095 GLU A N   1 
ATOM   1064 N N   B GLU A 1 117 ? 8.258   8.350   14.330  0.17 20.35  ? 1095 GLU A N   1 
ATOM   1065 N N   C GLU A 1 117 ? 8.250   8.335   14.324  0.10 21.47  ? 1095 GLU A N   1 
ATOM   1066 C CA  A GLU A 1 117 ? 8.247   6.980   14.942  0.10 23.27  ? 1095 GLU A CA  1 
ATOM   1067 C CA  B GLU A 1 117 ? 8.294   6.997   14.953  0.17 21.74  ? 1095 GLU A CA  1 
ATOM   1068 C CA  C GLU A 1 117 ? 8.247   6.980   14.942  0.10 23.27  ? 1095 GLU A CA  1 
ATOM   1069 C C   A GLU A 1 117 ? 7.324   6.973   16.166  0.10 21.43  ? 1095 GLU A C   1 
ATOM   1070 C C   B GLU A 1 117 ? 7.361   6.971   16.174  0.17 20.41  ? 1095 GLU A C   1 
ATOM   1071 C C   C GLU A 1 117 ? 7.324   6.973   16.166  0.10 21.43  ? 1095 GLU A C   1 
ATOM   1072 O O   A GLU A 1 117 ? 6.726   5.913   16.431  0.10 20.90  ? 1095 GLU A O   1 
ATOM   1073 O O   B GLU A 1 117 ? 6.787   5.903   16.437  0.17 19.79  ? 1095 GLU A O   1 
ATOM   1074 O O   C GLU A 1 117 ? 6.726   5.913   16.431  0.10 20.90  ? 1095 GLU A O   1 
ATOM   1075 C CB  A GLU A 1 117 ? 9.653   6.532   15.346  0.10 26.42  ? 1095 GLU A CB  1 
ATOM   1076 C CB  B GLU A 1 117 ? 9.727   6.572   15.306  0.17 23.77  ? 1095 GLU A CB  1 
ATOM   1077 C CB  C GLU A 1 117 ? 9.653   6.532   15.346  0.10 26.42  ? 1095 GLU A CB  1 
ATOM   1078 C CG  A GLU A 1 117 ? 10.548  6.182   14.173  0.10 29.83  ? 1095 GLU A CG  1 
ATOM   1079 C CG  B GLU A 1 117 ? 10.397  7.432   16.368  0.17 25.52  ? 1095 GLU A CG  1 
ATOM   1080 C CG  C GLU A 1 117 ? 10.548  6.182   14.173  0.10 29.83  ? 1095 GLU A CG  1 
ATOM   1081 C CD  A GLU A 1 117 ? 11.943  5.737   14.577  0.10 33.10  ? 1095 GLU A CD  1 
ATOM   1082 C CD  B GLU A 1 117 ? 11.848  7.087   16.693  0.17 29.51  ? 1095 GLU A CD  1 
ATOM   1083 C CD  C GLU A 1 117 ? 11.943  5.737   14.577  0.10 33.10  ? 1095 GLU A CD  1 
ATOM   1084 O OE1 A GLU A 1 117 ? 12.100  5.218   15.709  0.10 34.95  ? 1095 GLU A OE1 1 
ATOM   1085 O OE1 B GLU A 1 117 ? 12.549  6.548   15.818  0.17 30.48  ? 1095 GLU A OE1 1 
ATOM   1086 O OE1 C GLU A 1 117 ? 12.100  5.218   15.709  0.10 34.95  ? 1095 GLU A OE1 1 
ATOM   1087 O OE2 A GLU A 1 117 ? 12.873  5.913   13.765  0.10 37.69  ? 1095 GLU A OE2 1 
ATOM   1088 O OE2 B GLU A 1 117 ? 12.279  7.371   17.823  0.17 32.79  ? 1095 GLU A OE2 1 
ATOM   1089 O OE2 C GLU A 1 117 ? 12.873  5.913   13.765  0.10 37.69  ? 1095 GLU A OE2 1 
ATOM   1090 N N   . ASP A 1 118 ? 7.214   8.096   16.888  1.00 20.28  ? 1096 ASP A N   1 
ATOM   1091 C CA  . ASP A 1 118 ? 6.344   8.135   18.108  1.00 20.04  ? 1096 ASP A CA  1 
ATOM   1092 C C   . ASP A 1 118 ? 4.861   8.152   17.692  1.00 18.75  ? 1096 ASP A C   1 
ATOM   1093 O O   . ASP A 1 118 ? 3.988   7.708   18.474  1.00 18.25  ? 1096 ASP A O   1 
ATOM   1094 C CB  . ASP A 1 118 ? 6.710   9.289   19.039  1.00 20.89  ? 1096 ASP A CB  1 
ATOM   1095 C CG  . ASP A 1 118 ? 8.044   9.033   19.780  1.00 24.52  ? 1096 ASP A CG  1 
ATOM   1096 O OD1 . ASP A 1 118 ? 8.499   7.901   19.856  1.00 25.22  ? 1096 ASP A OD1 1 
ATOM   1097 O OD2 . ASP A 1 118 ? 8.595   9.988   20.185  1.00 32.62  ? 1096 ASP A OD2 1 
ATOM   1098 N N   . PHE A 1 119 ? 4.524   8.669   16.517  1.00 16.91  ? 1097 PHE A N   1 
ATOM   1099 C CA  . PHE A 1 119 ? 3.125   8.651   15.994  1.00 17.19  ? 1097 PHE A CA  1 
ATOM   1100 C C   . PHE A 1 119 ? 2.767   7.195   15.653  1.00 17.19  ? 1097 PHE A C   1 
ATOM   1101 O O   . PHE A 1 119 ? 1.679   6.726   16.047  1.00 18.11  ? 1097 PHE A O   1 
ATOM   1102 C CB  . PHE A 1 119 ? 2.976   9.605   14.795  1.00 18.90  ? 1097 PHE A CB  1 
ATOM   1103 C CG  . PHE A 1 119 ? 1.580   9.628   14.219  1.00 17.89  ? 1097 PHE A CG  1 
ATOM   1104 C CD1 . PHE A 1 119 ? 0.591   10.448  14.739  1.00 18.97  ? 1097 PHE A CD1 1 
ATOM   1105 C CD2 . PHE A 1 119 ? 1.225   8.745   13.208  1.00 17.93  ? 1097 PHE A CD2 1 
ATOM   1106 C CE1 . PHE A 1 119 ? -0.704  10.410  14.244  1.00 19.36  ? 1097 PHE A CE1 1 
ATOM   1107 C CE2 . PHE A 1 119 ? -0.078  8.696   12.721  1.00 17.91  ? 1097 PHE A CE2 1 
ATOM   1108 C CZ  . PHE A 1 119 ? -1.037  9.525   13.263  1.00 17.89  ? 1097 PHE A CZ  1 
ATOM   1109 N N   . GLU A 1 120 ? 3.656   6.495   14.960  1.00 17.10  ? 1098 GLU A N   1 
ATOM   1110 C CA  . GLU A 1 120 ? 3.416   5.073   14.630  1.00 18.51  ? 1098 GLU A CA  1 
ATOM   1111 C C   . GLU A 1 120 ? 3.290   4.240   15.932  1.00 19.62  ? 1098 GLU A C   1 
ATOM   1112 O O   . GLU A 1 120 ? 2.381   3.395   16.008  1.00 19.61  ? 1098 GLU A O   1 
ATOM   1113 C CB  . GLU A 1 120 ? 4.553   4.518   13.768  1.00 19.61  ? 1098 GLU A CB  1 
ATOM   1114 C CG  . GLU A 1 120 ? 4.400   3.044   13.452  1.00 20.31  ? 1098 GLU A CG  1 
ATOM   1115 C CD  . GLU A 1 120 ? 3.220   2.529   12.584  1.00 24.43  ? 1098 GLU A CD  1 
ATOM   1116 O OE1 . GLU A 1 120 ? 2.307   3.350   12.242  1.00 25.61  ? 1098 GLU A OE1 1 
ATOM   1117 O OE2 . GLU A 1 120 ? 3.143   1.244   12.298  1.00 26.40  ? 1098 GLU A OE2 1 
ATOM   1118 N N   . GLN A 1 121 ? 4.119   4.502   16.947  1.00 18.87  ? 1099 GLN A N   1 
ATOM   1119 C CA  . GLN A 1 121 ? 4.057   3.706   18.223  1.00 19.17  ? 1099 GLN A CA  1 
ATOM   1120 C C   . GLN A 1 121 ? 2.719   3.977   18.919  1.00 18.74  ? 1099 GLN A C   1 
ATOM   1121 O O   . GLN A 1 121 ? 2.115   3.024   19.440  1.00 20.18  ? 1099 GLN A O   1 
ATOM   1122 C CB  . GLN A 1 121 ? 5.263   4.029   19.091  1.00 20.44  ? 1099 GLN A CB  1 
ATOM   1123 C CG  . GLN A 1 121 ? 5.307   3.184   20.363  1.00 22.27  ? 1099 GLN A CG  1 
ATOM   1124 C CD  . GLN A 1 121 ? 5.542   1.735   20.039  1.00 27.55  ? 1099 GLN A CD  1 
ATOM   1125 O OE1 . GLN A 1 121 ? 6.211   1.437   19.046  1.00 31.25  ? 1099 GLN A OE1 1 
ATOM   1126 N NE2 . GLN A 1 121 ? 4.959   0.842   20.832  1.00 28.00  ? 1099 GLN A NE2 1 
ATOM   1127 N N   . LEU A 1 122 ? 2.208   5.220   18.893  1.00 18.19  ? 1100 LEU A N   1 
ATOM   1128 C CA  . LEU A 1 122 ? 0.897   5.541   19.484  1.00 18.95  ? 1100 LEU A CA  1 
ATOM   1129 C C   . LEU A 1 122 ? -0.201  4.734   18.762  1.00 21.82  ? 1100 LEU A C   1 
ATOM   1130 O O   . LEU A 1 122 ? -1.080  4.135   19.424  1.00 19.95  ? 1100 LEU A O   1 
ATOM   1131 C CB  . LEU A 1 122 ? 0.636   7.058   19.448  1.00 17.93  ? 1100 LEU A CB  1 
ATOM   1132 C CG  . LEU A 1 122 ? -0.752  7.476   19.888  1.00 18.85  ? 1100 LEU A CG  1 
ATOM   1133 C CD1 . LEU A 1 122 ? -1.056  7.066   21.355  1.00 20.97  ? 1100 LEU A CD1 1 
ATOM   1134 C CD2 . LEU A 1 122 ? -0.938  8.981   19.745  1.00 19.74  ? 1100 LEU A CD2 1 
ATOM   1135 N N   . CYS A 1 123 ? -0.195  4.709   17.402  1.00 18.71  ? 1101 CYS A N   1 
ATOM   1136 C CA  . CYS A 1 123 ? -1.236  3.943   16.651  1.00 19.59  ? 1101 CYS A CA  1 
ATOM   1137 C C   . CYS A 1 123 ? -1.193  2.457   17.101  1.00 20.09  ? 1101 CYS A C   1 
ATOM   1138 O O   . CYS A 1 123 ? -2.260  1.895   17.323  1.00 20.77  ? 1101 CYS A O   1 
ATOM   1139 C CB  . CYS A 1 123 ? -0.998  4.092   15.141  1.00 18.56  ? 1101 CYS A CB  1 
ATOM   1140 S SG  . CYS A 1 123 ? -1.352  5.737   14.481  1.00 19.56  ? 1101 CYS A SG  1 
ATOM   1141 N N   . GLU A 1 124 ? -0.007  1.863   17.242  1.00 18.80  ? 1102 GLU A N   1 
ATOM   1142 C CA  . GLU A 1 124 ? 0.214   0.432   17.578  1.00 22.41  ? 1102 GLU A CA  1 
ATOM   1143 C C   . GLU A 1 124 ? -0.374  0.206   18.977  1.00 25.41  ? 1102 GLU A C   1 
ATOM   1144 O O   . GLU A 1 124 ? -1.083  -0.822  19.206  1.00 25.76  ? 1102 GLU A O   1 
ATOM   1145 C CB  . GLU A 1 124 ? 1.692   0.032   17.417  1.00 25.33  ? 1102 GLU A CB  1 
ATOM   1146 C CG  . GLU A 1 124 ? 2.139   -0.115  15.945  1.00 37.22  ? 1102 GLU A CG  1 
ATOM   1147 C CD  . GLU A 1 124 ? 3.572   -0.570  15.590  1.00 53.58  ? 1102 GLU A CD  1 
ATOM   1148 O OE1 . GLU A 1 124 ? 4.161   -1.187  16.503  1.00 53.70  ? 1102 GLU A OE1 1 
ATOM   1149 O OE2 . GLU A 1 124 ? 4.141   -0.310  14.370  1.00 39.95  ? 1102 GLU A OE2 1 
ATOM   1150 N N   . GLU A 1 125 ? -0.171  1.151   19.907  1.00 23.57  ? 1103 GLU A N   1 
ATOM   1151 C CA  . GLU A 1 125 ? -0.615  0.961   21.318  1.00 22.83  ? 1103 GLU A CA  1 
ATOM   1152 C C   . GLU A 1 125 ? -2.134  1.103   21.415  1.00 27.25  ? 1103 GLU A C   1 
ATOM   1153 O O   . GLU A 1 125 ? -2.723  0.284   22.139  1.00 32.03  ? 1103 GLU A O   1 
ATOM   1154 C CB  . GLU A 1 125 ? 0.202   1.798   22.322  1.00 20.21  ? 1103 GLU A CB  1 
ATOM   1155 C CG  . GLU A 1 125 ? 1.630   1.353   22.425  1.00 20.57  ? 1103 GLU A CG  1 
ATOM   1156 C CD  . GLU A 1 125 ? 2.608   2.007   23.409  1.00 19.96  ? 1103 GLU A CD  1 
ATOM   1157 O OE1 . GLU A 1 125 ? 2.150   2.913   24.140  1.00 22.78  ? 1103 GLU A OE1 1 
ATOM   1158 O OE2 . GLU A 1 125 ? 3.849   1.688   23.323  1.00 23.46  ? 1103 GLU A OE2 1 
ATOM   1159 N N   . ILE A 1 126 ? -2.785  2.006   20.688  1.00 22.18  ? 1104 ILE A N   1 
ATOM   1160 C CA  . ILE A 1 126 ? -4.263  2.107   20.634  1.00 23.72  ? 1104 ILE A CA  1 
ATOM   1161 C C   . ILE A 1 126 ? -4.783  0.770   20.036  1.00 31.60  ? 1104 ILE A C   1 
ATOM   1162 O O   . ILE A 1 126 ? -5.647  0.160   20.660  1.00 32.36  ? 1104 ILE A O   1 
ATOM   1163 C CB  . ILE A 1 126 ? -4.758  3.310   19.821  1.00 25.07  ? 1104 ILE A CB  1 
ATOM   1164 C CG1 . ILE A 1 126 ? -4.216  4.652   20.319  1.00 22.88  ? 1104 ILE A CG1 1 
ATOM   1165 C CG2 . ILE A 1 126 ? -6.284  3.304   19.765  1.00 25.46  ? 1104 ILE A CG2 1 
ATOM   1166 C CD1 . ILE A 1 126 ? -4.444  5.821   19.396  1.00 23.71  ? 1104 ILE A CD1 1 
ATOM   1167 N N   . GLN A 1 127 ? -4.270  0.333   18.864  1.00 32.22  ? 1105 GLN A N   1 
ATOM   1168 C CA  . GLN A 1 127 ? -4.721  -0.922  18.145  1.00 35.87  ? 1105 GLN A CA  1 
ATOM   1169 C C   . GLN A 1 127 ? -4.682  -2.121  19.133  1.00 38.58  ? 1105 GLN A C   1 
ATOM   1170 O O   . GLN A 1 127 ? -5.706  -2.852  19.277  1.00 36.89  ? 1105 GLN A O   1 
ATOM   1171 C CB  . GLN A 1 127 ? -3.874  -1.185  16.884  1.00 34.66  ? 1105 GLN A CB  1 
ATOM   1172 C CG  . GLN A 1 127 ? -4.212  -2.482  16.122  1.00 40.21  ? 1105 GLN A CG  1 
ATOM   1173 C CD  . GLN A 1 127 ? -3.244  -2.746  14.984  1.00 44.89  ? 1105 GLN A CD  1 
ATOM   1174 O OE1 . GLN A 1 127 ? -2.037  -2.837  15.187  1.00 48.18  ? 1105 GLN A OE1 1 
ATOM   1175 N NE2 . GLN A 1 127 ? -3.743  -2.897  13.759  1.00 47.34  ? 1105 GLN A NE2 1 
ATOM   1176 N N   A GLU A 1 128 ? -3.533  -2.326  19.784  0.15 38.45  ? 1106 GLU A N   1 
ATOM   1177 N N   B GLU A 1 128 ? -3.547  -2.296  19.822  0.20 36.87  ? 1106 GLU A N   1 
ATOM   1178 N N   C GLU A 1 128 ? -3.533  -2.326  19.784  0.15 38.45  ? 1106 GLU A N   1 
ATOM   1179 C CA  A GLU A 1 128 ? -3.304  -3.417  20.773  0.15 40.69  ? 1106 GLU A CA  1 
ATOM   1180 C CA  B GLU A 1 128 ? -3.286  -3.414  20.771  0.20 38.54  ? 1106 GLU A CA  1 
ATOM   1181 C CA  C GLU A 1 128 ? -3.304  -3.417  20.773  0.15 40.69  ? 1106 GLU A CA  1 
ATOM   1182 C C   A GLU A 1 128 ? -4.373  -3.356  21.873  0.15 43.29  ? 1106 GLU A C   1 
ATOM   1183 C C   B GLU A 1 128 ? -4.237  -3.342  21.976  0.20 42.89  ? 1106 GLU A C   1 
ATOM   1184 C C   C GLU A 1 128 ? -4.373  -3.356  21.873  0.15 43.29  ? 1106 GLU A C   1 
ATOM   1185 O O   A GLU A 1 128 ? -4.878  -4.430  22.272  0.15 43.22  ? 1106 GLU A O   1 
ATOM   1186 O O   B GLU A 1 128 ? -4.456  -4.403  22.607  0.20 43.71  ? 1106 GLU A O   1 
ATOM   1187 O O   C GLU A 1 128 ? -4.878  -4.430  22.272  0.15 43.22  ? 1106 GLU A O   1 
ATOM   1188 C CB  A GLU A 1 128 ? -1.886  -3.320  21.338  0.15 42.18  ? 1106 GLU A CB  1 
ATOM   1189 C CB  B GLU A 1 128 ? -1.833  -3.399  21.251  0.20 38.50  ? 1106 GLU A CB  1 
ATOM   1190 C CB  C GLU A 1 128 ? -1.886  -3.320  21.338  0.15 42.18  ? 1106 GLU A CB  1 
ATOM   1191 C CG  A GLU A 1 128 ? -0.901  -4.231  20.627  0.15 44.24  ? 1106 GLU A CG  1 
ATOM   1192 C CG  B GLU A 1 128 ? -1.547  -4.450  22.313  0.20 39.76  ? 1106 GLU A CG  1 
ATOM   1193 C CG  C GLU A 1 128 ? -0.901  -4.231  20.627  0.15 44.24  ? 1106 GLU A CG  1 
ATOM   1194 C CD  A GLU A 1 128 ? 0.467   -3.628  20.369  0.15 47.15  ? 1106 GLU A CD  1 
ATOM   1195 C CD  B GLU A 1 128 ? -1.818  -5.876  21.867  0.20 40.32  ? 1106 GLU A CD  1 
ATOM   1196 C CD  C GLU A 1 128 ? 0.467   -3.628  20.369  0.15 47.15  ? 1106 GLU A CD  1 
ATOM   1197 O OE1 A GLU A 1 128 ? 0.929   -2.809  21.199  0.15 46.00  ? 1106 GLU A OE1 1 
ATOM   1198 O OE1 B GLU A 1 128 ? -2.210  -6.703  22.718  0.20 40.91  ? 1106 GLU A OE1 1 
ATOM   1199 O OE1 C GLU A 1 128 ? 0.929   -2.809  21.199  0.15 46.00  ? 1106 GLU A OE1 1 
ATOM   1200 O OE2 A GLU A 1 128 ? 1.066   -3.970  19.328  0.15 48.52  ? 1106 GLU A OE2 1 
ATOM   1201 O OE2 B GLU A 1 128 ? -1.637  -6.157  20.671  0.20 40.49  ? 1106 GLU A OE2 1 
ATOM   1202 O OE2 C GLU A 1 128 ? 1.066   -3.970  19.328  0.15 48.52  ? 1106 GLU A OE2 1 
ATOM   1203 N N   . SER A 1 129 ? -4.741  -2.150  22.316  1.00 43.05  ? 1107 SER A N   1 
ATOM   1204 C CA  . SER A 1 129 ? -5.706  -1.964  23.438  1.00 46.55  ? 1107 SER A CA  1 
ATOM   1205 C C   . SER A 1 129 ? -7.141  -2.345  23.046  1.00 52.54  ? 1107 SER A C   1 
ATOM   1206 O O   . SER A 1 129 ? -7.984  -2.361  23.965  1.00 50.24  ? 1107 SER A O   1 
ATOM   1207 C CB  . SER A 1 129 ? -5.698  -0.563  23.941  1.00 41.19  ? 1107 SER A CB  1 
ATOM   1208 O OG  . SER A 1 129 ? -6.524  0.228   23.085  1.00 40.75  ? 1107 SER A OG  1 
ATOM   1209 N N   . ARG A 1 130 ? -7.450  -2.552  21.761  1.00 50.42  ? 1108 ARG A N   1 
ATOM   1210 C CA  . ARG A 1 130 ? -8.847  -2.785  21.314  1.00 59.18  ? 1108 ARG A CA  1 
ATOM   1211 C C   . ARG A 1 130 ? -9.112  -4.294  21.233  1.00 65.89  ? 1108 ARG A C   1 
ATOM   1212 O O   . ARG A 1 130 ? -8.197  -5.141  21.288  1.00 72.19  ? 1108 ARG A O   1 
ATOM   1213 C CB  . ARG A 1 130 ? -9.114  -2.072  19.988  1.00 55.20  ? 1108 ARG A CB  1 
ATOM   1214 C CG  . ARG A 1 130 ? -8.771  -0.594  20.082  1.00 61.95  ? 1108 ARG A CG  1 
ATOM   1215 C CD  . ARG A 1 130 ? -9.620  0.303   19.218  1.00 57.41  ? 1108 ARG A CD  1 
ATOM   1216 N NE  . ARG A 1 130 ? -9.680  1.648   19.792  1.00 52.40  ? 1108 ARG A NE  1 
ATOM   1217 C CZ  . ARG A 1 130 ? -10.060 2.733   19.120  1.00 48.47  ? 1108 ARG A CZ  1 
ATOM   1218 N NH1 . ARG A 1 130 ? -10.465 2.611   17.863  1.00 56.14  ? 1108 ARG A NH1 1 
ATOM   1219 N NH2 . ARG A 1 130 ? -10.076 3.919   19.714  1.00 41.09  ? 1108 ARG A NH2 1 
ATOM   1220 O OXT . ARG A 1 130 ? -10.297 -4.634  21.118  1.00 75.50  ? 1108 ARG A OXT 1 
HETATM 1221 C C10 . RJ4 B 2 .   ? 10.377  14.866  12.916  0.37 32.07  ? 1201 RJ4 A C10 1 
HETATM 1222 N N12 . RJ4 B 2 .   ? 8.957   16.909  11.966  0.37 32.20  ? 1201 RJ4 A N12 1 
HETATM 1223 C C13 . RJ4 B 2 .   ? 7.972   17.005  10.997  0.37 32.47  ? 1201 RJ4 A C13 1 
HETATM 1224 C C15 . RJ4 B 2 .   ? 8.516   14.866  11.043  0.37 32.25  ? 1201 RJ4 A C15 1 
HETATM 1225 C C02 . RJ4 B 2 .   ? 11.220  9.748   12.970  0.37 31.27  ? 1201 RJ4 A C02 1 
HETATM 1226 C C04 . RJ4 B 2 .   ? 11.767  11.703  11.256  0.37 32.15  ? 1201 RJ4 A C04 1 
HETATM 1227 C C05 . RJ4 B 2 .   ? 10.906  13.111  11.202  0.37 31.73  ? 1201 RJ4 A C05 1 
HETATM 1228 C C06 . RJ4 B 2 .   ? 9.898   13.035  10.331  0.37 31.26  ? 1201 RJ4 A C06 1 
HETATM 1229 C C07 . RJ4 B 2 .   ? 8.689   13.435  10.906  0.37 31.31  ? 1201 RJ4 A C07 1 
HETATM 1230 C C09 . RJ4 B 2 .   ? 10.423  13.361  12.534  0.37 31.70  ? 1201 RJ4 A C09 1 
HETATM 1231 C C11 . RJ4 B 2 .   ? 9.317   15.615  12.029  0.37 32.51  ? 1201 RJ4 A C11 1 
HETATM 1232 C C16 . RJ4 B 2 .   ? 11.270  12.359  13.510  0.37 31.48  ? 1201 RJ4 A C16 1 
HETATM 1233 N N03 . RJ4 B 2 .   ? 11.414  11.148  12.617  0.37 31.56  ? 1201 RJ4 A N03 1 
HETATM 1234 N N14 . RJ4 B 2 .   ? 7.719   15.759  10.448  0.37 33.07  ? 1201 RJ4 A N14 1 
HETATM 1235 O O01 . RJ4 B 2 .   ? 10.927  9.447   14.076  0.37 29.83  ? 1201 RJ4 A O01 1 
HETATM 1236 O O08 . RJ4 B 2 .   ? 8.917   12.911  12.442  0.37 30.39  ? 1201 RJ4 A O08 1 
HETATM 1237 C C10 . RJ4 C 2 .   ? -0.819  -6.044  -16.004 0.33 42.85  ? 1202 RJ4 A C10 1 
HETATM 1238 N N12 . RJ4 C 2 .   ? 0.249   -6.806  -13.692 0.33 40.84  ? 1202 RJ4 A N12 1 
HETATM 1239 C C13 . RJ4 C 2 .   ? 1.312   -7.619  -13.369 0.33 42.39  ? 1202 RJ4 A C13 1 
HETATM 1240 C C15 . RJ4 C 2 .   ? 1.248   -7.613  -15.559 0.33 43.10  ? 1202 RJ4 A C15 1 
HETATM 1241 C C02 . RJ4 C 2 .   ? -0.919  -6.977  -21.158 0.33 47.78  ? 1202 RJ4 A C02 1 
HETATM 1242 C C04 . RJ4 C 2 .   ? -1.472  -8.261  -18.969 0.33 44.92  ? 1202 RJ4 A C04 1 
HETATM 1243 C C05 . RJ4 C 2 .   ? -0.688  -7.982  -17.555 0.33 44.42  ? 1202 RJ4 A C05 1 
HETATM 1244 C C06 . RJ4 C 2 .   ? 0.485   -8.602  -17.565 0.33 44.31  ? 1202 RJ4 A C06 1 
HETATM 1245 C C07 . RJ4 C 2 .   ? 1.437   -7.773  -16.979 0.33 43.24  ? 1202 RJ4 A C07 1 
HETATM 1246 C C09 . RJ4 C 2 .   ? -0.538  -6.557  -17.441 0.33 43.36  ? 1202 RJ4 A C09 1 
HETATM 1247 C C11 . RJ4 C 2 .   ? 0.168   -6.773  -15.022 0.33 42.30  ? 1202 RJ4 A C11 1 
HETATM 1248 C C16 . RJ4 C 2 .   ? -1.385  -5.927  -18.699 0.33 44.29  ? 1202 RJ4 A C16 1 
HETATM 1249 N N03 . RJ4 C 2 .   ? -1.230  -7.015  -19.746 0.33 45.28  ? 1202 RJ4 A N03 1 
HETATM 1250 N N14 . RJ4 C 2 .   ? 1.902   -8.100  -14.505 0.33 46.31  ? 1202 RJ4 A N14 1 
HETATM 1251 O O01 . RJ4 C 2 .   ? -0.858  -8.000  -21.762 0.33 49.47  ? 1202 RJ4 A O01 1 
HETATM 1252 O O08 . RJ4 C 2 .   ? 1.022   -6.325  -17.628 0.33 43.72  ? 1202 RJ4 A O08 1 
HETATM 1253 S S   . SO4 D 3 .   ? 20.390  -13.705 -19.339 1.00 33.03  ? 1203 SO4 A S   1 
HETATM 1254 O O1  . SO4 D 3 .   ? 20.813  -14.198 -20.620 1.00 33.63  ? 1203 SO4 A O1  1 
HETATM 1255 O O2  . SO4 D 3 .   ? 18.963  -13.983 -19.254 1.00 33.65  ? 1203 SO4 A O2  1 
HETATM 1256 O O3  . SO4 D 3 .   ? 21.172  -14.188 -18.289 1.00 30.38  ? 1203 SO4 A O3  1 
HETATM 1257 O O4  . SO4 D 3 .   ? 20.517  -12.249 -19.337 1.00 41.93  ? 1203 SO4 A O4  1 
HETATM 1258 S S   . SO4 E 3 .   ? -9.821  -7.264  4.661   0.30 291.50 ? 1204 SO4 A S   1 
HETATM 1259 O O1  . SO4 E 3 .   ? -10.153 -8.372  5.516   0.30 290.96 ? 1204 SO4 A O1  1 
HETATM 1260 O O2  . SO4 E 3 .   ? -8.919  -7.708  3.632   0.30 287.73 ? 1204 SO4 A O2  1 
HETATM 1261 O O3  . SO4 E 3 .   ? -9.190  -6.231  5.438   0.30 287.94 ? 1204 SO4 A O3  1 
HETATM 1262 O O4  . SO4 E 3 .   ? -11.019 -6.747  4.059   0.30 288.04 ? 1204 SO4 A O4  1 
HETATM 1263 C C1  . EDO F 4 .   ? 2.937   11.147  10.509  1.00 28.30  ? 1205 EDO A C1  1 
HETATM 1264 O O1  . EDO F 4 .   ? 3.880   11.569  11.502  1.00 24.51  ? 1205 EDO A O1  1 
HETATM 1265 C C2  . EDO F 4 .   ? 1.518   11.534  10.791  1.00 21.73  ? 1205 EDO A C2  1 
HETATM 1266 O O2  . EDO F 4 .   ? 1.295   12.917  10.617  1.00 23.54  ? 1205 EDO A O2  1 
HETATM 1267 C C1  . EDO G 4 .   ? -11.391 -2.159  -1.593  1.00 35.03  ? 1206 EDO A C1  1 
HETATM 1268 O O1  . EDO G 4 .   ? -10.743 -3.400  -1.435  1.00 33.67  ? 1206 EDO A O1  1 
HETATM 1269 C C2  . EDO G 4 .   ? -12.885 -2.119  -1.254  1.00 33.62  ? 1206 EDO A C2  1 
HETATM 1270 O O2  . EDO G 4 .   ? -13.605 -2.873  -2.197  1.00 37.68  ? 1206 EDO A O2  1 
HETATM 1271 O O   . HOH H 5 .   ? 0.141   -17.492 -16.041 1.00 50.45  ? 1301 HOH A O   1 
HETATM 1272 O O   . HOH H 5 .   ? 22.131  -12.649 -21.684 1.00 37.87  ? 1302 HOH A O   1 
HETATM 1273 O O   . HOH H 5 .   ? 11.001  -17.579 -15.886 1.00 48.61  ? 1303 HOH A O   1 
HETATM 1274 O O   . HOH H 5 .   ? -11.204 17.567  6.716   1.00 28.37  ? 1304 HOH A O   1 
HETATM 1275 O O   . HOH H 5 .   ? -7.362  8.886   24.810  1.00 50.19  ? 1305 HOH A O   1 
HETATM 1276 O O   . HOH H 5 .   ? 10.835  -14.437 -21.682 1.00 49.46  ? 1306 HOH A O   1 
HETATM 1277 O O   . HOH H 5 .   ? -6.159  2.851   24.132  1.00 37.02  ? 1307 HOH A O   1 
HETATM 1278 O O   . HOH H 5 .   ? 0.009   13.980  -2.099  1.00 43.23  ? 1308 HOH A O   1 
HETATM 1279 O O   . HOH H 5 .   ? -10.809 9.378   -0.770  1.00 44.59  ? 1309 HOH A O   1 
HETATM 1280 O O   . HOH H 5 .   ? -13.158 10.349  12.224  1.00 62.19  ? 1310 HOH A O   1 
HETATM 1281 O O   . HOH H 5 .   ? -0.905  -3.020  17.425  1.00 57.36  ? 1311 HOH A O   1 
HETATM 1282 O O   . HOH H 5 .   ? 10.240  12.648  1.334   1.00 38.02  ? 1312 HOH A O   1 
HETATM 1283 O O   . HOH H 5 .   ? -11.375 5.860   13.360  1.00 47.11  ? 1313 HOH A O   1 
HETATM 1284 O O   . HOH H 5 .   ? -2.126  -12.530 0.744   1.00 34.22  ? 1314 HOH A O   1 
HETATM 1285 O O   . HOH H 5 .   ? 6.735   -16.891 -10.452 1.00 41.69  ? 1315 HOH A O   1 
HETATM 1286 O O   . HOH H 5 .   ? 5.049   -5.729  4.865   1.00 30.75  ? 1316 HOH A O   1 
HETATM 1287 O O   . HOH H 5 .   ? 6.092   -14.093 -17.743 1.00 37.54  ? 1317 HOH A O   1 
HETATM 1288 O O   . HOH H 5 .   ? 0.913   -8.016  -10.565 1.00 26.37  ? 1318 HOH A O   1 
HETATM 1289 O O   . HOH H 5 .   ? -9.851  -10.060 -7.847  1.00 52.93  ? 1319 HOH A O   1 
HETATM 1290 O O   . HOH H 5 .   ? -1.920  -0.710  24.391  1.00 36.49  ? 1320 HOH A O   1 
HETATM 1291 O O   . HOH H 5 .   ? -9.426  2.212   22.319  1.00 49.85  ? 1321 HOH A O   1 
HETATM 1292 O O   . HOH H 5 .   ? 14.177  0.886   -6.305  1.00 41.42  ? 1322 HOH A O   1 
HETATM 1293 O O   . HOH H 5 .   ? 7.347   -12.374 -4.866  1.00 45.76  ? 1323 HOH A O   1 
HETATM 1294 O O   . HOH H 5 .   ? -7.903  -8.419  -0.288  1.00 25.39  ? 1324 HOH A O   1 
HETATM 1295 O O   . HOH H 5 .   ? -8.617  -6.344  1.434   1.00 23.26  ? 1325 HOH A O   1 
HETATM 1296 O O   . HOH H 5 .   ? 4.238   -11.461 -17.806 1.00 49.01  ? 1326 HOH A O   1 
HETATM 1297 O O   . HOH H 5 .   ? -9.170  15.432  12.902  0.50 34.65  ? 1327 HOH A O   1 
HETATM 1298 O O   . HOH H 5 .   ? -6.687  16.010  18.226  1.00 44.68  ? 1328 HOH A O   1 
HETATM 1299 O O   . HOH H 5 .   ? -14.609 -3.628  6.327   1.00 47.57  ? 1329 HOH A O   1 
HETATM 1300 O O   . HOH H 5 .   ? 6.800   -9.865  -21.065 0.51 40.15  ? 1330 HOH A O   1 
HETATM 1301 O O   . HOH H 5 .   ? -1.943  -7.444  -7.902  1.00 20.94  ? 1331 HOH A O   1 
HETATM 1302 O O   . HOH H 5 .   ? -6.176  -3.587  12.950  1.00 68.47  ? 1332 HOH A O   1 
HETATM 1303 O O   . HOH H 5 .   ? -12.319 -9.688  6.318   1.00 32.02  ? 1333 HOH A O   1 
HETATM 1304 O O   . HOH H 5 .   ? 8.441   5.246   20.059  1.00 36.03  ? 1334 HOH A O   1 
HETATM 1305 O O   . HOH H 5 .   ? 1.636   14.485  14.324  1.00 23.61  ? 1335 HOH A O   1 
HETATM 1306 O O   . HOH H 5 .   ? 13.545  2.609   0.453   1.00 25.13  ? 1336 HOH A O   1 
HETATM 1307 O O   . HOH H 5 .   ? 11.321  7.355   -6.476  1.00 30.11  ? 1337 HOH A O   1 
HETATM 1308 O O   . HOH H 5 .   ? 10.463  -12.966 -9.796  1.00 34.86  ? 1338 HOH A O   1 
HETATM 1309 O O   . HOH H 5 .   ? 10.588  7.832   10.259  0.37 19.38  ? 1339 HOH A O   1 
HETATM 1310 O O   . HOH H 5 .   ? 5.108   -0.381  24.468  1.00 34.08  ? 1340 HOH A O   1 
HETATM 1311 O O   . HOH H 5 .   ? 15.302  -2.199  -5.499  1.00 62.78  ? 1341 HOH A O   1 
HETATM 1312 O O   . HOH H 5 .   ? -2.928  -4.816  5.705   1.00 35.87  ? 1342 HOH A O   1 
HETATM 1313 O O   . HOH H 5 .   ? -4.842  4.990   -13.842 1.00 47.23  ? 1343 HOH A O   1 
HETATM 1314 O O   . HOH H 5 .   ? 13.382  -4.234  -19.816 1.00 25.01  ? 1344 HOH A O   1 
HETATM 1315 O O   . HOH H 5 .   ? 0.568   -2.090  23.772  1.00 37.87  ? 1345 HOH A O   1 
HETATM 1316 O O   . HOH H 5 .   ? -13.155 5.742   -1.163  1.00 29.40  ? 1346 HOH A O   1 
HETATM 1317 O O   . HOH H 5 .   ? -6.250  -5.358  -7.466  1.00 26.88  ? 1347 HOH A O   1 
HETATM 1318 O O   . HOH H 5 .   ? -2.942  8.215   -11.398 1.00 34.81  ? 1348 HOH A O   1 
HETATM 1319 O O   . HOH H 5 .   ? -11.844 0.212   -5.020  1.00 34.73  ? 1349 HOH A O   1 
HETATM 1320 O O   . HOH H 5 .   ? -14.497 -5.352  -1.555  1.00 28.89  ? 1350 HOH A O   1 
HETATM 1321 O O   . HOH H 5 .   ? -10.888 -4.605  0.991   1.00 28.74  ? 1351 HOH A O   1 
HETATM 1322 O O   . HOH H 5 .   ? 4.865   11.811  -7.516  1.00 31.66  ? 1352 HOH A O   1 
HETATM 1323 O O   . HOH H 5 .   ? -7.543  -14.127 -7.333  1.00 40.91  ? 1353 HOH A O   1 
HETATM 1324 O O   . HOH H 5 .   ? 8.299   9.308   -12.929 1.00 46.04  ? 1354 HOH A O   1 
HETATM 1325 O O   . HOH H 5 .   ? 0.429   -3.070  13.087  1.00 37.93  ? 1355 HOH A O   1 
HETATM 1326 O O   . HOH H 5 .   ? -9.227  -2.519  -14.241 1.00 50.56  ? 1356 HOH A O   1 
HETATM 1327 O O   . HOH H 5 .   ? -14.677 -1.243  7.251   1.00 50.66  ? 1357 HOH A O   1 
HETATM 1328 O O   . HOH H 5 .   ? -4.952  -7.107  2.059   1.00 25.22  ? 1358 HOH A O   1 
HETATM 1329 O O   . HOH H 5 .   ? 14.637  -12.352 -23.900 1.00 28.87  ? 1359 HOH A O   1 
HETATM 1330 O O   . HOH H 5 .   ? -11.663 0.047   11.579  1.00 54.20  ? 1360 HOH A O   1 
HETATM 1331 O O   . HOH H 5 .   ? 0.764   6.683   -12.614 1.00 22.71  ? 1361 HOH A O   1 
HETATM 1332 O O   . HOH H 5 .   ? 2.426   -12.116 -3.678  1.00 24.98  ? 1362 HOH A O   1 
HETATM 1333 O O   . HOH H 5 .   ? 2.559   -8.327  2.092   1.00 23.07  ? 1363 HOH A O   1 
HETATM 1334 O O   . HOH H 5 .   ? -1.070  -3.919  -8.965  1.00 22.55  ? 1364 HOH A O   1 
HETATM 1335 O O   . HOH H 5 .   ? -2.395  11.984  17.930  1.00 29.14  ? 1365 HOH A O   1 
HETATM 1336 O O   . HOH H 5 .   ? -4.937  -2.345  -14.626 1.00 42.96  ? 1366 HOH A O   1 
HETATM 1337 O O   . HOH H 5 .   ? 3.685   5.045   -17.846 1.00 42.03  ? 1367 HOH A O   1 
HETATM 1338 O O   . HOH H 5 .   ? -4.816  9.660   -2.487  1.00 42.48  ? 1368 HOH A O   1 
HETATM 1339 O O   . HOH H 5 .   ? 4.493   14.064  7.779   1.00 23.58  ? 1369 HOH A O   1 
HETATM 1340 O O   . HOH H 5 .   ? -0.143  3.660   25.510  1.00 23.58  ? 1370 HOH A O   1 
HETATM 1341 O O   . HOH H 5 .   ? 12.424  -13.758 -11.447 1.00 38.13  ? 1371 HOH A O   1 
HETATM 1342 O O   . HOH H 5 .   ? 21.600  -13.219 -15.717 1.00 51.99  ? 1372 HOH A O   1 
HETATM 1343 O O   . HOH H 5 .   ? -7.805  -17.825 -7.363  1.00 56.68  ? 1373 HOH A O   1 
HETATM 1344 O O   . HOH H 5 .   ? 0.752   -6.006  -8.592  1.00 22.50  ? 1374 HOH A O   1 
HETATM 1345 O O   . HOH H 5 .   ? 6.432   -4.192  -18.876 1.00 38.77  ? 1375 HOH A O   1 
HETATM 1346 O O   . HOH H 5 .   ? -4.422  13.516  2.481   1.00 16.29  ? 1376 HOH A O   1 
HETATM 1347 O O   . HOH H 5 .   ? 3.896   -9.553  0.095   1.00 25.38  ? 1377 HOH A O   1 
HETATM 1348 O O   . HOH H 5 .   ? -0.352  1.080   -17.849 1.00 51.38  ? 1378 HOH A O   1 
HETATM 1349 O O   . HOH H 5 .   ? -11.101 8.187   13.323  1.00 29.19  ? 1379 HOH A O   1 
HETATM 1350 O O   . HOH H 5 .   ? -7.887  -12.574 -14.044 1.00 44.40  ? 1380 HOH A O   1 
HETATM 1351 O O   . HOH H 5 .   ? 4.365   -4.188  7.019   1.00 27.18  ? 1381 HOH A O   1 
HETATM 1352 O O   . HOH H 5 .   ? -8.204  -16.027 -4.752  1.00 30.24  ? 1382 HOH A O   1 
HETATM 1353 O O   . HOH H 5 .   ? 1.795   14.160  8.129   1.00 18.64  ? 1383 HOH A O   1 
HETATM 1354 O O   . HOH H 5 .   ? 7.278   -6.899  -1.376  1.00 32.92  ? 1384 HOH A O   1 
HETATM 1355 O O   . HOH H 5 .   ? 5.646   -13.518 -1.277  1.00 55.47  ? 1385 HOH A O   1 
HETATM 1356 O O   . HOH H 5 .   ? -2.768  -4.037  -10.912 1.00 32.82  ? 1386 HOH A O   1 
HETATM 1357 O O   . HOH H 5 .   ? 3.676   1.670   -15.306 1.00 24.29  ? 1387 HOH A O   1 
HETATM 1358 O O   . HOH H 5 .   ? 1.842   12.365  3.880   1.00 32.50  ? 1388 HOH A O   1 
HETATM 1359 O O   . HOH H 5 .   ? -10.305 -0.659  -6.862  1.00 44.47  ? 1389 HOH A O   1 
HETATM 1360 O O   . HOH H 5 .   ? 14.286  -14.508 -14.990 1.00 38.10  ? 1390 HOH A O   1 
HETATM 1361 O O   . HOH H 5 .   ? -8.881  -3.804  9.468   1.00 42.20  ? 1391 HOH A O   1 
HETATM 1362 O O   . HOH H 5 .   ? 8.134   12.577  -2.702  1.00 42.18  ? 1392 HOH A O   1 
HETATM 1363 O O   . HOH H 5 .   ? -1.527  -7.443  3.017   1.00 35.07  ? 1393 HOH A O   1 
HETATM 1364 O O   . HOH H 5 .   ? 6.600   14.973  13.928  1.00 32.77  ? 1394 HOH A O   1 
HETATM 1365 O O   . HOH H 5 .   ? 13.955  -0.444  -8.965  1.00 26.80  ? 1395 HOH A O   1 
HETATM 1366 O O   . HOH H 5 .   ? 7.513   3.275   15.559  1.00 37.69  ? 1396 HOH A O   1 
HETATM 1367 O O   . HOH H 5 .   ? -1.395  -12.880 -3.940  1.00 20.75  ? 1397 HOH A O   1 
HETATM 1368 O O   . HOH H 5 .   ? 15.630  -12.150 -15.264 1.00 30.35  ? 1398 HOH A O   1 
HETATM 1369 O O   . HOH H 5 .   ? -0.482  -19.659 -7.784  1.00 51.60  ? 1399 HOH A O   1 
HETATM 1370 O O   . HOH H 5 .   ? 10.530  3.046   6.122   1.00 30.37  ? 1400 HOH A O   1 
HETATM 1371 O O   . HOH H 5 .   ? -2.342  -21.133 -8.998  1.00 39.47  ? 1401 HOH A O   1 
HETATM 1372 O O   . HOH H 5 .   ? 15.785  -8.415  -20.934 1.00 24.38  ? 1402 HOH A O   1 
HETATM 1373 O O   . HOH H 5 .   ? -9.963  -5.829  8.194   1.00 39.22  ? 1403 HOH A O   1 
HETATM 1374 O O   . HOH H 5 .   ? -12.725 -5.198  7.788   1.00 52.11  ? 1404 HOH A O   1 
HETATM 1375 O O   . HOH H 5 .   ? 18.727  -16.866 -19.463 1.00 38.02  ? 1405 HOH A O   1 
HETATM 1376 O O   . HOH H 5 .   ? 14.487  -5.736  -13.224 1.00 36.56  ? 1406 HOH A O   1 
HETATM 1377 O O   . HOH H 5 .   ? 6.042   1.406   16.137  1.00 40.23  ? 1407 HOH A O   1 
HETATM 1378 O O   . HOH H 5 .   ? -5.400  -4.076  7.360   1.00 31.00  ? 1408 HOH A O   1 
HETATM 1379 O O   . HOH H 5 .   ? -10.349 4.390   -5.151  1.00 29.27  ? 1409 HOH A O   1 
HETATM 1380 O O   . HOH H 5 .   ? 9.692   -8.340  -23.798 1.00 43.17  ? 1410 HOH A O   1 
HETATM 1381 O O   . HOH H 5 .   ? 0.619   16.933  11.679  1.00 17.23  ? 1411 HOH A O   1 
HETATM 1382 O O   . HOH H 5 .   ? -4.728  4.801   -8.403  1.00 31.95  ? 1412 HOH A O   1 
HETATM 1383 O O   . HOH H 5 .   ? -7.580  3.209   7.119   1.00 18.43  ? 1413 HOH A O   1 
HETATM 1384 O O   . HOH H 5 .   ? 4.114   14.170  12.894  1.00 35.66  ? 1414 HOH A O   1 
HETATM 1385 O O   . HOH H 5 .   ? -14.178 -1.134  -4.526  1.00 40.19  ? 1415 HOH A O   1 
HETATM 1386 O O   . HOH H 5 .   ? -8.597  5.276   25.848  1.00 44.39  ? 1416 HOH A O   1 
HETATM 1387 O O   . HOH H 5 .   ? -14.863 7.409   4.424   1.00 36.39  ? 1417 HOH A O   1 
HETATM 1388 O O   . HOH H 5 .   ? -10.779 -0.067  16.588  1.00 57.02  ? 1418 HOH A O   1 
HETATM 1389 O O   . HOH H 5 .   ? 5.267   -2.109  -16.568 1.00 36.71  ? 1419 HOH A O   1 
HETATM 1390 O O   . HOH H 5 .   ? -13.254 11.143  24.642  1.00 55.47  ? 1420 HOH A O   1 
HETATM 1391 O O   . HOH H 5 .   ? 9.790   -4.799  1.946   1.00 36.96  ? 1421 HOH A O   1 
HETATM 1392 O O   . HOH H 5 .   ? 5.912   11.136  -13.176 1.00 35.50  ? 1422 HOH A O   1 
HETATM 1393 O O   . HOH H 5 .   ? 13.810  5.134   -7.886  1.00 44.30  ? 1423 HOH A O   1 
HETATM 1394 O O   . HOH H 5 .   ? -13.012 5.834   20.346  1.00 51.50  ? 1424 HOH A O   1 
HETATM 1395 O O   . HOH H 5 .   ? 13.026  3.797   -11.518 1.00 23.86  ? 1425 HOH A O   1 
HETATM 1396 O O   . HOH H 5 .   ? -15.728 4.106   6.727   1.00 41.89  ? 1426 HOH A O   1 
HETATM 1397 O O   . HOH H 5 .   ? -13.977 3.395   0.220   1.00 27.49  ? 1427 HOH A O   1 
HETATM 1398 O O   . HOH H 5 .   ? -8.569  4.207   10.259  1.00 22.91  ? 1428 HOH A O   1 
HETATM 1399 O O   . HOH H 5 .   ? -3.415  -0.146  -13.707 1.00 37.82  ? 1429 HOH A O   1 
HETATM 1400 O O   . HOH H 5 .   ? 6.732   -3.013  7.030   1.00 32.22  ? 1430 HOH A O   1 
HETATM 1401 O O   . HOH H 5 .   ? 0.128   10.804  -13.890 1.00 54.47  ? 1431 HOH A O   1 
HETATM 1402 O O   . HOH H 5 .   ? 15.060  -5.577  -4.828  1.00 48.50  ? 1432 HOH A O   1 
HETATM 1403 O O   . HOH H 5 .   ? -4.869  -5.471  -17.137 1.00 47.25  ? 1433 HOH A O   1 
HETATM 1404 O O   . HOH H 5 .   ? 8.959   12.419  18.406  1.00 46.78  ? 1434 HOH A O   1 
HETATM 1405 O O   . HOH H 5 .   ? 6.355   13.125  -4.025  1.00 36.01  ? 1435 HOH A O   1 
HETATM 1406 O O   . HOH H 5 .   ? 3.373   -13.686 -17.335 1.00 50.93  ? 1436 HOH A O   1 
HETATM 1407 O O   . HOH H 5 .   ? -4.534  9.400   21.188  1.00 35.27  ? 1437 HOH A O   1 
HETATM 1408 O O   . HOH H 5 .   ? 20.430  -16.341 -16.223 1.00 48.00  ? 1438 HOH A O   1 
HETATM 1409 O O   . HOH H 5 .   ? 8.371   -0.757  19.048  1.00 67.46  ? 1439 HOH A O   1 
HETATM 1410 O O   . HOH H 5 .   ? -7.266  -21.246 -5.151  1.00 36.09  ? 1440 HOH A O   1 
HETATM 1411 O O   . HOH H 5 .   ? -4.899  5.698   -5.877  1.00 33.74  ? 1441 HOH A O   1 
HETATM 1412 O O   . HOH H 5 .   ? -2.579  -9.627  3.097   1.00 58.37  ? 1442 HOH A O   1 
HETATM 1413 O O   . HOH H 5 .   ? -0.566  -15.380 -5.040  1.00 27.74  ? 1443 HOH A O   1 
HETATM 1414 O O   . HOH H 5 .   ? 6.431   8.860   -6.398  1.00 30.12  ? 1444 HOH A O   1 
HETATM 1415 O O   . HOH H 5 .   ? 6.053   1.752   -20.712 1.00 44.74  ? 1445 HOH A O   1 
HETATM 1416 O O   . HOH H 5 .   ? -13.718 2.868   12.753  1.00 57.96  ? 1446 HOH A O   1 
HETATM 1417 O O   . HOH H 5 .   ? 13.158  -16.753 -18.653 1.00 26.76  ? 1447 HOH A O   1 
HETATM 1418 O O   . HOH H 5 .   ? -4.424  12.818  19.859  1.00 40.98  ? 1448 HOH A O   1 
HETATM 1419 O O   . HOH H 5 .   ? 9.281   -7.665  -2.411  1.00 45.51  ? 1449 HOH A O   1 
HETATM 1420 O O   . HOH H 5 .   ? 8.813   -6.431  4.036   1.00 57.17  ? 1450 HOH A O   1 
HETATM 1421 O O   . HOH H 5 .   ? 13.009  3.784   -5.796  1.00 40.27  ? 1451 HOH A O   1 
HETATM 1422 O O   . HOH H 5 .   ? 12.885  -0.718  0.964   1.00 51.55  ? 1452 HOH A O   1 
HETATM 1423 O O   . HOH H 5 .   ? -13.797 -7.349  6.513   1.00 39.06  ? 1453 HOH A O   1 
HETATM 1424 O O   . HOH H 5 .   ? -12.568 16.342  17.457  1.00 69.69  ? 1454 HOH A O   1 
HETATM 1425 O O   . HOH H 5 .   ? 11.397  15.437  0.447   1.00 46.52  ? 1455 HOH A O   1 
HETATM 1426 O O   . HOH H 5 .   ? 14.348  9.971   1.075   1.00 52.29  ? 1456 HOH A O   1 
HETATM 1427 O O   . HOH H 5 .   ? 13.409  -8.501  -9.409  1.00 47.11  ? 1457 HOH A O   1 
HETATM 1428 O O   . HOH H 5 .   ? 4.641   16.759  9.270   1.00 30.03  ? 1458 HOH A O   1 
HETATM 1429 O O   . HOH H 5 .   ? -4.440  -6.229  -9.395  1.00 28.36  ? 1459 HOH A O   1 
HETATM 1430 O O   . HOH H 5 .   ? 15.468  -10.006 -10.858 1.00 73.77  ? 1460 HOH A O   1 
HETATM 1431 O O   . HOH H 5 .   ? -4.268  1.365   -15.853 1.00 62.33  ? 1461 HOH A O   1 
HETATM 1432 O O   . HOH H 5 .   ? 11.688  10.137  0.055   1.00 44.08  ? 1462 HOH A O   1 
HETATM 1433 O O   . HOH H 5 .   ? -10.250 3.761   12.488  1.00 31.98  ? 1463 HOH A O   1 
HETATM 1434 O O   . HOH H 5 .   ? 14.279  -5.449  -10.578 1.00 48.79  ? 1464 HOH A O   1 
HETATM 1435 O O   . HOH H 5 .   ? -12.231 5.636   -3.742  1.00 38.59  ? 1465 HOH A O   1 
HETATM 1436 O O   . HOH H 5 .   ? -3.524  -2.621  25.721  1.00 49.41  ? 1466 HOH A O   1 
HETATM 1437 O O   . HOH H 5 .   ? -15.652 4.613   2.158   1.00 25.78  ? 1467 HOH A O   1 
HETATM 1438 O O   . HOH H 5 .   ? 3.144   2.425   -18.044 1.00 41.23  ? 1468 HOH A O   1 
HETATM 1439 O O   . HOH H 5 .   ? 9.401   -15.374 -8.651  1.00 53.20  ? 1469 HOH A O   1 
HETATM 1440 O O   . HOH H 5 .   ? 14.005  3.626   2.973   1.00 30.43  ? 1470 HOH A O   1 
HETATM 1441 O O   . HOH H 5 .   ? 13.729  5.055   -3.444  1.00 38.03  ? 1471 HOH A O   1 
HETATM 1442 O O   . HOH H 5 .   ? 10.299  4.231   8.669   1.00 47.12  ? 1472 HOH A O   1 
HETATM 1443 O O   . HOH H 5 .   ? 15.830  -1.913  -8.424  1.00 57.51  ? 1473 HOH A O   1 
HETATM 1444 O O   . HOH H 5 .   ? 14.673  7.156   -8.126  1.00 65.99  ? 1474 HOH A O   1 
HETATM 1445 O O   . HOH H 5 .   ? 5.260   12.664  -10.231 1.00 51.96  ? 1475 HOH A O   1 
HETATM 1446 O O   . HOH H 5 .   ? -8.325  6.352   -6.378  1.00 53.64  ? 1476 HOH A O   1 
HETATM 1447 O O   . HOH H 5 .   ? 14.660  2.799   -9.650  1.00 28.47  ? 1477 HOH A O   1 
HETATM 1448 O O   . HOH H 5 .   ? 15.413  3.590   -1.091  1.00 36.20  ? 1478 HOH A O   1 
HETATM 1449 O O   . HOH H 5 .   ? 9.860   -19.314 -14.197 1.00 51.50  ? 1479 HOH A O   1 
HETATM 1450 O O   . HOH H 5 .   ? 6.335   6.025   -18.833 1.00 46.31  ? 1480 HOH A O   1 
HETATM 1451 O O   . HOH H 5 .   ? 4.451   -8.146  4.142   1.00 31.48  ? 1481 HOH A O   1 
HETATM 1452 O O   . HOH H 5 .   ? 0.304   -9.634  2.740   1.00 41.82  ? 1482 HOH A O   1 
HETATM 1453 O O   . HOH H 5 .   ? 0.418   14.046  5.625   1.00 18.74  ? 1483 HOH A O   1 
HETATM 1454 O O   . HOH H 5 .   ? 6.400   17.275  15.093  1.00 47.09  ? 1484 HOH A O   1 
HETATM 1455 O O   . HOH H 5 .   ? 2.626   -12.099 0.462   1.00 44.04  ? 1485 HOH A O   1 
HETATM 1456 O O   . HOH H 5 .   ? -14.997 8.771   11.574  1.00 51.80  ? 1486 HOH A O   1 
HETATM 1457 O O   . HOH H 5 .   ? 6.792   -9.162  0.598   1.00 45.92  ? 1487 HOH A O   1 
HETATM 1458 O O   . HOH H 5 .   ? 11.737  -2.649  1.707   1.00 58.73  ? 1488 HOH A O   1 
HETATM 1459 O O   . HOH H 5 .   ? 13.267  2.157   5.348   1.00 39.09  ? 1489 HOH A O   1 
HETATM 1460 O O   . HOH H 5 .   ? 11.441  9.205   -2.068  1.00 56.42  ? 1490 HOH A O   1 
HETATM 1461 O O   . HOH H 5 .   ? 12.239  -11.322 -8.207  1.00 45.56  ? 1491 HOH A O   1 
HETATM 1462 O O   . HOH H 5 .   ? -1.169  -13.734 -1.372  1.00 30.58  ? 1492 HOH A O   1 
HETATM 1463 O O   . HOH H 5 .   ? 2.752   -1.724  -18.308 0.51 31.26  ? 1493 HOH A O   1 
HETATM 1464 O O   . HOH H 5 .   ? 13.243  7.265   -3.048  1.00 46.64  ? 1494 HOH A O   1 
HETATM 1465 O O   . HOH H 5 .   ? 1.753   -13.327 -1.313  1.00 33.80  ? 1495 HOH A O   1 
HETATM 1466 O O   . HOH H 5 .   ? 8.963   8.311   -15.669 1.00 48.76  ? 1496 HOH A O   1 
HETATM 1467 O O   . HOH H 5 .   ? -11.445 8.853   -3.637  1.00 58.45  ? 1497 HOH A O   1 
HETATM 1468 O O   . HOH H 5 .   ? -17.446 3.929   3.816   1.00 34.46  ? 1498 HOH A O   1 
HETATM 1469 O O   . HOH H 5 .   ? 10.169  9.955   -5.593  1.00 56.37  ? 1499 HOH A O   1 
HETATM 1470 O O   . HOH H 5 .   ? -0.279  -17.315 -3.590  1.00 59.16  ? 1500 HOH A O   1 
HETATM 1471 O O   . HOH H 5 .   ? -5.086  6.655   -10.329 1.00 42.80  ? 1501 HOH A O   1 
HETATM 1472 O O   . HOH H 5 .   ? 0.264   8.027   -14.820 1.00 40.03  ? 1502 HOH A O   1 
HETATM 1473 O O   . HOH H 5 .   ? 8.376   4.225   12.571  1.00 42.32  ? 1503 HOH A O   1 
HETATM 1474 O O   . HOH H 5 .   ? 8.692   -10.950 -3.361  1.00 52.07  ? 1504 HOH A O   1 
HETATM 1475 O O   . HOH H 5 .   ? -1.946  -14.535 2.785   1.00 49.82  ? 1505 HOH A O   1 
HETATM 1476 O O   . HOH H 5 .   ? 15.716  -5.961  -19.783 1.00 25.68  ? 1506 HOH A O   1 
HETATM 1477 O O   . HOH H 5 .   ? 0.233   -11.970 1.654   1.00 47.75  ? 1507 HOH A O   1 
HETATM 1478 O O   . HOH H 5 .   ? 9.054   21.256  13.638  1.00 53.05  ? 1508 HOH A O   1 
HETATM 1479 O O   . HOH H 5 .   ? 15.478  5.871   2.858   1.00 32.90  ? 1509 HOH A O   1 
HETATM 1480 O O   . HOH H 5 .   ? 7.931   -11.655 -0.776  1.00 57.43  ? 1510 HOH A O   1 
HETATM 1481 O O   . HOH H 5 .   ? 7.820   10.454  -4.812  1.00 42.27  ? 1511 HOH A O   1 
HETATM 1482 O O   . HOH H 5 .   ? -1.843  -2.030  -17.829 1.00 58.18  ? 1512 HOH A O   1 
HETATM 1483 O O   . HOH H 5 .   ? -9.823  -2.355  16.294  1.00 52.54  ? 1513 HOH A O   1 
HETATM 1484 O O   . HOH H 5 .   ? -5.470  13.909  29.555  1.00 58.32  ? 1514 HOH A O   1 
HETATM 1485 O O   . HOH H 5 .   ? -1.538  -16.564 -1.269  1.00 44.67  ? 1515 HOH A O   1 
HETATM 1486 O O   . HOH H 5 .   ? 16.402  5.791   0.158   1.00 42.71  ? 1516 HOH A O   1 
HETATM 1487 O O   . HOH H 5 .   ? 15.465  8.090   -1.084  1.00 47.11  ? 1517 HOH A O   1 
# 
